data_8EZ6
# 
_entry.id   8EZ6 
# 
_audit_conform.dict_name       mmcif_pdbx.dic 
_audit_conform.dict_version    5.390 
_audit_conform.dict_location   http://mmcif.pdb.org/dictionaries/ascii/mmcif_pdbx.dic 
# 
loop_
_database_2.database_id 
_database_2.database_code 
_database_2.pdbx_database_accession 
_database_2.pdbx_DOI 
PDB   8EZ6         pdb_00008ez6 10.2210/pdb8ez6/pdb 
WWPDB D_1000269512 ?            ?                   
# 
loop_
_pdbx_audit_revision_history.ordinal 
_pdbx_audit_revision_history.data_content_type 
_pdbx_audit_revision_history.major_revision 
_pdbx_audit_revision_history.minor_revision 
_pdbx_audit_revision_history.revision_date 
1 'Structure model' 1 0 2024-03-27 
2 'Structure model' 1 1 2024-04-03 
3 'Structure model' 1 2 2024-04-17 
# 
_pdbx_audit_revision_details.ordinal             1 
_pdbx_audit_revision_details.revision_ordinal    1 
_pdbx_audit_revision_details.data_content_type   'Structure model' 
_pdbx_audit_revision_details.provider            repository 
_pdbx_audit_revision_details.type                'Initial release' 
_pdbx_audit_revision_details.description         ? 
_pdbx_audit_revision_details.details             ? 
# 
loop_
_pdbx_audit_revision_group.ordinal 
_pdbx_audit_revision_group.revision_ordinal 
_pdbx_audit_revision_group.data_content_type 
_pdbx_audit_revision_group.group 
1 2 'Structure model' 'Database references' 
2 2 'Structure model' 'Structure summary'   
3 3 'Structure model' 'Database references' 
# 
loop_
_pdbx_audit_revision_category.ordinal 
_pdbx_audit_revision_category.revision_ordinal 
_pdbx_audit_revision_category.data_content_type 
_pdbx_audit_revision_category.category 
1 2 'Structure model' audit_author    
2 2 'Structure model' citation        
3 2 'Structure model' citation_author 
4 3 'Structure model' citation        
5 3 'Structure model' citation_author 
# 
loop_
_pdbx_audit_revision_item.ordinal 
_pdbx_audit_revision_item.revision_ordinal 
_pdbx_audit_revision_item.data_content_type 
_pdbx_audit_revision_item.item 
1  2 'Structure model' '_citation.country'                 
2  2 'Structure model' '_citation.journal_abbrev'          
3  2 'Structure model' '_citation.journal_id_ASTM'         
4  2 'Structure model' '_citation.journal_id_CSD'          
5  2 'Structure model' '_citation.journal_id_ISSN'         
6  2 'Structure model' '_citation.title'                   
7  2 'Structure model' '_citation.year'                    
8  3 'Structure model' '_citation.journal_volume'          
9  3 'Structure model' '_citation.page_first'              
10 3 'Structure model' '_citation.page_last'               
11 3 'Structure model' '_citation.pdbx_database_id_DOI'    
12 3 'Structure model' '_citation.pdbx_database_id_PubMed' 
13 3 'Structure model' '_citation.title'                   
14 3 'Structure model' '_citation_author.identifier_ORCID' 
# 
_pdbx_database_status.status_code                     REL 
_pdbx_database_status.status_code_sf                  REL 
_pdbx_database_status.status_code_mr                  ? 
_pdbx_database_status.entry_id                        8EZ6 
_pdbx_database_status.recvd_initial_deposition_date   2022-10-31 
_pdbx_database_status.SG_entry                        N 
_pdbx_database_status.deposit_site                    RCSB 
_pdbx_database_status.process_site                    RCSB 
_pdbx_database_status.status_code_cs                  ? 
_pdbx_database_status.status_code_nmr_data            ? 
_pdbx_database_status.methods_development_category    ? 
_pdbx_database_status.pdb_format_compatible           Y 
# 
_pdbx_contact_author.id                 2 
_pdbx_contact_author.email              amg100@pitt.edu 
_pdbx_contact_author.name_first         Angela 
_pdbx_contact_author.name_last          Gronenborn 
_pdbx_contact_author.name_mi            ? 
_pdbx_contact_author.role               'principal investigator/group leader' 
_pdbx_contact_author.identifier_ORCID   0000-0001-9072-3525 
# 
loop_
_audit_author.name 
_audit_author.pdbx_ordinal 
_audit_author.identifier_ORCID 
'Krzysiak, T.C.'   1 ? 
'Gronenborn, A.M.' 2 ? 
# 
_citation.abstract                  ? 
_citation.abstract_id_CAS           ? 
_citation.book_id_ISBN              ? 
_citation.book_publisher            ? 
_citation.book_publisher_city       ? 
_citation.book_title                ? 
_citation.coordinate_linkage        ? 
_citation.country                   US 
_citation.database_id_Medline       ? 
_citation.details                   ? 
_citation.id                        primary 
_citation.journal_abbrev            'Protein Sci.' 
_citation.journal_id_ASTM           PRCIEI 
_citation.journal_id_CSD            0795 
_citation.journal_id_ISSN           1469-896X 
_citation.journal_full              ? 
_citation.journal_issue             ? 
_citation.journal_volume            33 
_citation.language                  ? 
_citation.page_first                e4938 
_citation.page_last                 e4938 
_citation.title                     
'Inhibitory protein-protein interactions of the SIRT1 deacetylase are choreographed by post-translational modification.' 
_citation.year                      2024 
_citation.database_id_CSD           ? 
_citation.pdbx_database_id_DOI      10.1002/pro.4938 
_citation.pdbx_database_id_PubMed   38533551 
_citation.pdbx_database_id_patent   ? 
_citation.unpublished_flag          ? 
# 
loop_
_citation_author.citation_id 
_citation_author.name 
_citation_author.ordinal 
_citation_author.identifier_ORCID 
primary 'Krzysiak, T.C.'   1  ?                   
primary 'Choi, Y.J.'       2  0009-0008-5544-8116 
primary 'Kim, Y.J.'        3  ?                   
primary 'Yang, Y.'         4  ?                   
primary 'DeHaven, C.'      5  ?                   
primary 'Thompson, L.'     6  ?                   
primary 'Ponticelli, R.'   7  ?                   
primary 'Mermigos, M.M.'   8  ?                   
primary 'Thomas, L.'       9  ?                   
primary 'Marquez, A.'      10 ?                   
primary 'Sipula, I.'       11 ?                   
primary 'Kemper, J.K.'     12 ?                   
primary 'Jurczak, M.'      13 ?                   
primary 'Thomas, G.'       14 ?                   
primary 'Gronenborn, A.M.' 15 0000-0001-9072-3525 
# 
loop_
_entity.id 
_entity.type 
_entity.src_method 
_entity.pdbx_description 
_entity.formula_weight 
_entity.pdbx_number_of_molecules 
_entity.pdbx_ec 
_entity.pdbx_mutation 
_entity.pdbx_fragment 
_entity.details 
1 polymer man 'Cell cycle and apoptosis regulator protein 2' 8000.075 2  ? ? ? ? 
2 water   nat water                                          18.015   46 ? ? ? ? 
# 
_entity_name_com.entity_id   1 
_entity_name_com.name        
;Cell division cycle and apoptosis regulator protein 2,DBIRD complex subunit KIAA1967,Deleted in breast cancer gene 1 protein,DBC-1,DBC.1,NET35,p30 DBC
;
# 
_entity_poly.entity_id                      1 
_entity_poly.type                           'polypeptide(L)' 
_entity_poly.nstd_linkage                   no 
_entity_poly.nstd_monomer                   no 
_entity_poly.pdbx_seq_one_letter_code       SEFGEKQRVFTGIVTSLHDYFGVVDEEVFFQLSVVKGRLPQLGEKVLVKAAYNPGQAVPWNAVKVQTLSNQP 
_entity_poly.pdbx_seq_one_letter_code_can   SEFGEKQRVFTGIVTSLHDYFGVVDEEVFFQLSVVKGRLPQLGEKVLVKAAYNPGQAVPWNAVKVQTLSNQP 
_entity_poly.pdbx_strand_id                 A,B 
_entity_poly.pdbx_target_identifier         ? 
# 
_pdbx_entity_nonpoly.entity_id   2 
_pdbx_entity_nonpoly.name        water 
_pdbx_entity_nonpoly.comp_id     HOH 
# 
loop_
_entity_poly_seq.entity_id 
_entity_poly_seq.num 
_entity_poly_seq.mon_id 
_entity_poly_seq.hetero 
1 1  SER n 
1 2  GLU n 
1 3  PHE n 
1 4  GLY n 
1 5  GLU n 
1 6  LYS n 
1 7  GLN n 
1 8  ARG n 
1 9  VAL n 
1 10 PHE n 
1 11 THR n 
1 12 GLY n 
1 13 ILE n 
1 14 VAL n 
1 15 THR n 
1 16 SER n 
1 17 LEU n 
1 18 HIS n 
1 19 ASP n 
1 20 TYR n 
1 21 PHE n 
1 22 GLY n 
1 23 VAL n 
1 24 VAL n 
1 25 ASP n 
1 26 GLU n 
1 27 GLU n 
1 28 VAL n 
1 29 PHE n 
1 30 PHE n 
1 31 GLN n 
1 32 LEU n 
1 33 SER n 
1 34 VAL n 
1 35 VAL n 
1 36 LYS n 
1 37 GLY n 
1 38 ARG n 
1 39 LEU n 
1 40 PRO n 
1 41 GLN n 
1 42 LEU n 
1 43 GLY n 
1 44 GLU n 
1 45 LYS n 
1 46 VAL n 
1 47 LEU n 
1 48 VAL n 
1 49 LYS n 
1 50 ALA n 
1 51 ALA n 
1 52 TYR n 
1 53 ASN n 
1 54 PRO n 
1 55 GLY n 
1 56 GLN n 
1 57 ALA n 
1 58 VAL n 
1 59 PRO n 
1 60 TRP n 
1 61 ASN n 
1 62 ALA n 
1 63 VAL n 
1 64 LYS n 
1 65 VAL n 
1 66 GLN n 
1 67 THR n 
1 68 LEU n 
1 69 SER n 
1 70 ASN n 
1 71 GLN n 
1 72 PRO n 
# 
_entity_src_gen.entity_id                          1 
_entity_src_gen.pdbx_src_id                        1 
_entity_src_gen.pdbx_alt_source_flag               sample 
_entity_src_gen.pdbx_seq_type                      'Biological sequence' 
_entity_src_gen.pdbx_beg_seq_num                   1 
_entity_src_gen.pdbx_end_seq_num                   72 
_entity_src_gen.gene_src_common_name               human 
_entity_src_gen.gene_src_genus                     ? 
_entity_src_gen.pdbx_gene_src_gene                 'CCAR2, DBC1, KIAA1967' 
_entity_src_gen.gene_src_species                   ? 
_entity_src_gen.gene_src_strain                    ? 
_entity_src_gen.gene_src_tissue                    ? 
_entity_src_gen.gene_src_tissue_fraction           ? 
_entity_src_gen.gene_src_details                   ? 
_entity_src_gen.pdbx_gene_src_fragment             ? 
_entity_src_gen.pdbx_gene_src_scientific_name      'Homo sapiens' 
_entity_src_gen.pdbx_gene_src_ncbi_taxonomy_id     9606 
_entity_src_gen.pdbx_gene_src_variant              ? 
_entity_src_gen.pdbx_gene_src_cell_line            ? 
_entity_src_gen.pdbx_gene_src_atcc                 ? 
_entity_src_gen.pdbx_gene_src_organ                ? 
_entity_src_gen.pdbx_gene_src_organelle            ? 
_entity_src_gen.pdbx_gene_src_cell                 ? 
_entity_src_gen.pdbx_gene_src_cellular_location    ? 
_entity_src_gen.host_org_common_name               ? 
_entity_src_gen.pdbx_host_org_scientific_name      'Escherichia coli' 
_entity_src_gen.pdbx_host_org_ncbi_taxonomy_id     562 
_entity_src_gen.host_org_genus                     ? 
_entity_src_gen.pdbx_host_org_gene                 ? 
_entity_src_gen.pdbx_host_org_organ                ? 
_entity_src_gen.host_org_species                   ? 
_entity_src_gen.pdbx_host_org_tissue               ? 
_entity_src_gen.pdbx_host_org_tissue_fraction      ? 
_entity_src_gen.pdbx_host_org_strain               ? 
_entity_src_gen.pdbx_host_org_variant              ? 
_entity_src_gen.pdbx_host_org_cell_line            ? 
_entity_src_gen.pdbx_host_org_atcc                 ? 
_entity_src_gen.pdbx_host_org_culture_collection   ? 
_entity_src_gen.pdbx_host_org_cell                 ? 
_entity_src_gen.pdbx_host_org_organelle            ? 
_entity_src_gen.pdbx_host_org_cellular_location    ? 
_entity_src_gen.pdbx_host_org_vector_type          ? 
_entity_src_gen.pdbx_host_org_vector               ? 
_entity_src_gen.host_org_details                   ? 
_entity_src_gen.expression_system_id               ? 
_entity_src_gen.plasmid_name                       ? 
_entity_src_gen.plasmid_details                    ? 
_entity_src_gen.pdbx_description                   ? 
# 
loop_
_chem_comp.id 
_chem_comp.type 
_chem_comp.mon_nstd_flag 
_chem_comp.name 
_chem_comp.pdbx_synonyms 
_chem_comp.formula 
_chem_comp.formula_weight 
ALA 'L-peptide linking' y ALANINE         ? 'C3 H7 N O2'     89.093  
ARG 'L-peptide linking' y ARGININE        ? 'C6 H15 N4 O2 1' 175.209 
ASN 'L-peptide linking' y ASPARAGINE      ? 'C4 H8 N2 O3'    132.118 
ASP 'L-peptide linking' y 'ASPARTIC ACID' ? 'C4 H7 N O4'     133.103 
GLN 'L-peptide linking' y GLUTAMINE       ? 'C5 H10 N2 O3'   146.144 
GLU 'L-peptide linking' y 'GLUTAMIC ACID' ? 'C5 H9 N O4'     147.129 
GLY 'peptide linking'   y GLYCINE         ? 'C2 H5 N O2'     75.067  
HIS 'L-peptide linking' y HISTIDINE       ? 'C6 H10 N3 O2 1' 156.162 
HOH non-polymer         . WATER           ? 'H2 O'           18.015  
ILE 'L-peptide linking' y ISOLEUCINE      ? 'C6 H13 N O2'    131.173 
LEU 'L-peptide linking' y LEUCINE         ? 'C6 H13 N O2'    131.173 
LYS 'L-peptide linking' y LYSINE          ? 'C6 H15 N2 O2 1' 147.195 
PHE 'L-peptide linking' y PHENYLALANINE   ? 'C9 H11 N O2'    165.189 
PRO 'L-peptide linking' y PROLINE         ? 'C5 H9 N O2'     115.130 
SER 'L-peptide linking' y SERINE          ? 'C3 H7 N O3'     105.093 
THR 'L-peptide linking' y THREONINE       ? 'C4 H9 N O3'     119.119 
TRP 'L-peptide linking' y TRYPTOPHAN      ? 'C11 H12 N2 O2'  204.225 
TYR 'L-peptide linking' y TYROSINE        ? 'C9 H11 N O3'    181.189 
VAL 'L-peptide linking' y VALINE          ? 'C5 H11 N O2'    117.146 
# 
loop_
_pdbx_poly_seq_scheme.asym_id 
_pdbx_poly_seq_scheme.entity_id 
_pdbx_poly_seq_scheme.seq_id 
_pdbx_poly_seq_scheme.mon_id 
_pdbx_poly_seq_scheme.ndb_seq_num 
_pdbx_poly_seq_scheme.pdb_seq_num 
_pdbx_poly_seq_scheme.auth_seq_num 
_pdbx_poly_seq_scheme.pdb_mon_id 
_pdbx_poly_seq_scheme.auth_mon_id 
_pdbx_poly_seq_scheme.pdb_strand_id 
_pdbx_poly_seq_scheme.pdb_ins_code 
_pdbx_poly_seq_scheme.hetero 
A 1 1  SER 1  49  ?   ?   ?   A . n 
A 1 2  GLU 2  50  ?   ?   ?   A . n 
A 1 3  PHE 3  51  ?   ?   ?   A . n 
A 1 4  GLY 4  52  ?   ?   ?   A . n 
A 1 5  GLU 5  53  53  GLU GLU A . n 
A 1 6  LYS 6  54  54  LYS LYS A . n 
A 1 7  GLN 7  55  55  GLN GLN A . n 
A 1 8  ARG 8  56  56  ARG ARG A . n 
A 1 9  VAL 9  57  57  VAL VAL A . n 
A 1 10 PHE 10 58  58  PHE PHE A . n 
A 1 11 THR 11 59  59  THR THR A . n 
A 1 12 GLY 12 60  60  GLY GLY A . n 
A 1 13 ILE 13 61  61  ILE ILE A . n 
A 1 14 VAL 14 62  62  VAL VAL A . n 
A 1 15 THR 15 63  63  THR THR A . n 
A 1 16 SER 16 64  64  SER SER A . n 
A 1 17 LEU 17 65  65  LEU LEU A . n 
A 1 18 HIS 18 66  66  HIS HIS A . n 
A 1 19 ASP 19 67  67  ASP ASP A . n 
A 1 20 TYR 20 68  68  TYR TYR A . n 
A 1 21 PHE 21 69  69  PHE PHE A . n 
A 1 22 GLY 22 70  70  GLY GLY A . n 
A 1 23 VAL 23 71  71  VAL VAL A . n 
A 1 24 VAL 24 72  72  VAL VAL A . n 
A 1 25 ASP 25 73  73  ASP ASP A . n 
A 1 26 GLU 26 74  74  GLU GLU A . n 
A 1 27 GLU 27 75  75  GLU GLU A . n 
A 1 28 VAL 28 76  76  VAL VAL A . n 
A 1 29 PHE 29 77  77  PHE PHE A . n 
A 1 30 PHE 30 78  78  PHE PHE A . n 
A 1 31 GLN 31 79  79  GLN GLN A . n 
A 1 32 LEU 32 80  80  LEU LEU A . n 
A 1 33 SER 33 81  81  SER SER A . n 
A 1 34 VAL 34 82  82  VAL VAL A . n 
A 1 35 VAL 35 83  83  VAL VAL A . n 
A 1 36 LYS 36 84  84  LYS LYS A . n 
A 1 37 GLY 37 85  85  GLY GLY A . n 
A 1 38 ARG 38 86  86  ARG ARG A . n 
A 1 39 LEU 39 87  87  LEU LEU A . n 
A 1 40 PRO 40 88  88  PRO PRO A . n 
A 1 41 GLN 41 89  89  GLN GLN A . n 
A 1 42 LEU 42 90  90  LEU LEU A . n 
A 1 43 GLY 43 91  91  GLY GLY A . n 
A 1 44 GLU 44 92  92  GLU GLU A . n 
A 1 45 LYS 45 93  93  LYS LYS A . n 
A 1 46 VAL 46 94  94  VAL VAL A . n 
A 1 47 LEU 47 95  95  LEU LEU A . n 
A 1 48 VAL 48 96  96  VAL VAL A . n 
A 1 49 LYS 49 97  97  LYS LYS A . n 
A 1 50 ALA 50 98  98  ALA ALA A . n 
A 1 51 ALA 51 99  99  ALA ALA A . n 
A 1 52 TYR 52 100 100 TYR TYR A . n 
A 1 53 ASN 53 101 101 ASN ASN A . n 
A 1 54 PRO 54 102 102 PRO PRO A . n 
A 1 55 GLY 55 103 103 GLY GLY A . n 
A 1 56 GLN 56 104 104 GLN GLN A . n 
A 1 57 ALA 57 105 105 ALA ALA A . n 
A 1 58 VAL 58 106 106 VAL VAL A . n 
A 1 59 PRO 59 107 107 PRO PRO A . n 
A 1 60 TRP 60 108 108 TRP TRP A . n 
A 1 61 ASN 61 109 109 ASN ASN A . n 
A 1 62 ALA 62 110 110 ALA ALA A . n 
A 1 63 VAL 63 111 111 VAL VAL A . n 
A 1 64 LYS 64 112 112 LYS LYS A . n 
A 1 65 VAL 65 113 113 VAL VAL A . n 
A 1 66 GLN 66 114 114 GLN GLN A . n 
A 1 67 THR 67 115 115 THR THR A . n 
A 1 68 LEU 68 116 116 LEU LEU A . n 
A 1 69 SER 69 117 117 SER SER A . n 
A 1 70 ASN 70 118 ?   ?   ?   A . n 
A 1 71 GLN 71 119 ?   ?   ?   A . n 
A 1 72 PRO 72 120 ?   ?   ?   A . n 
B 1 1  SER 1  49  ?   ?   ?   B . n 
B 1 2  GLU 2  50  ?   ?   ?   B . n 
B 1 3  PHE 3  51  ?   ?   ?   B . n 
B 1 4  GLY 4  52  ?   ?   ?   B . n 
B 1 5  GLU 5  53  ?   ?   ?   B . n 
B 1 6  LYS 6  54  54  LYS LYS B . n 
B 1 7  GLN 7  55  55  GLN GLN B . n 
B 1 8  ARG 8  56  56  ARG ARG B . n 
B 1 9  VAL 9  57  57  VAL VAL B . n 
B 1 10 PHE 10 58  58  PHE PHE B . n 
B 1 11 THR 11 59  59  THR THR B . n 
B 1 12 GLY 12 60  60  GLY GLY B . n 
B 1 13 ILE 13 61  61  ILE ILE B . n 
B 1 14 VAL 14 62  62  VAL VAL B . n 
B 1 15 THR 15 63  63  THR THR B . n 
B 1 16 SER 16 64  64  SER SER B . n 
B 1 17 LEU 17 65  65  LEU LEU B . n 
B 1 18 HIS 18 66  66  HIS HIS B . n 
B 1 19 ASP 19 67  67  ASP ASP B . n 
B 1 20 TYR 20 68  68  TYR TYR B . n 
B 1 21 PHE 21 69  69  PHE PHE B . n 
B 1 22 GLY 22 70  70  GLY GLY B . n 
B 1 23 VAL 23 71  71  VAL VAL B . n 
B 1 24 VAL 24 72  72  VAL VAL B . n 
B 1 25 ASP 25 73  73  ASP ASP B . n 
B 1 26 GLU 26 74  74  GLU GLU B . n 
B 1 27 GLU 27 75  75  GLU GLU B . n 
B 1 28 VAL 28 76  76  VAL VAL B . n 
B 1 29 PHE 29 77  77  PHE PHE B . n 
B 1 30 PHE 30 78  78  PHE PHE B . n 
B 1 31 GLN 31 79  79  GLN GLN B . n 
B 1 32 LEU 32 80  80  LEU LEU B . n 
B 1 33 SER 33 81  81  SER SER B . n 
B 1 34 VAL 34 82  82  VAL VAL B . n 
B 1 35 VAL 35 83  83  VAL VAL B . n 
B 1 36 LYS 36 84  84  LYS LYS B . n 
B 1 37 GLY 37 85  85  GLY GLY B . n 
B 1 38 ARG 38 86  86  ARG ARG B . n 
B 1 39 LEU 39 87  87  LEU LEU B . n 
B 1 40 PRO 40 88  88  PRO PRO B . n 
B 1 41 GLN 41 89  89  GLN GLN B . n 
B 1 42 LEU 42 90  90  LEU LEU B . n 
B 1 43 GLY 43 91  91  GLY GLY B . n 
B 1 44 GLU 44 92  92  GLU GLU B . n 
B 1 45 LYS 45 93  93  LYS LYS B . n 
B 1 46 VAL 46 94  94  VAL VAL B . n 
B 1 47 LEU 47 95  95  LEU LEU B . n 
B 1 48 VAL 48 96  96  VAL VAL B . n 
B 1 49 LYS 49 97  97  LYS LYS B . n 
B 1 50 ALA 50 98  98  ALA ALA B . n 
B 1 51 ALA 51 99  99  ALA ALA B . n 
B 1 52 TYR 52 100 100 TYR TYR B . n 
B 1 53 ASN 53 101 101 ASN ASN B . n 
B 1 54 PRO 54 102 102 PRO PRO B . n 
B 1 55 GLY 55 103 103 GLY GLY B . n 
B 1 56 GLN 56 104 104 GLN GLN B . n 
B 1 57 ALA 57 105 105 ALA ALA B . n 
B 1 58 VAL 58 106 106 VAL VAL B . n 
B 1 59 PRO 59 107 107 PRO PRO B . n 
B 1 60 TRP 60 108 108 TRP TRP B . n 
B 1 61 ASN 61 109 109 ASN ASN B . n 
B 1 62 ALA 62 110 110 ALA ALA B . n 
B 1 63 VAL 63 111 111 VAL VAL B . n 
B 1 64 LYS 64 112 112 LYS LYS B . n 
B 1 65 VAL 65 113 113 VAL VAL B . n 
B 1 66 GLN 66 114 114 GLN GLN B . n 
B 1 67 THR 67 115 115 THR THR B . n 
B 1 68 LEU 68 116 116 LEU LEU B . n 
B 1 69 SER 69 117 117 SER SER B . n 
B 1 70 ASN 70 118 118 ASN ASN B . n 
B 1 71 GLN 71 119 ?   ?   ?   B . n 
B 1 72 PRO 72 120 ?   ?   ?   B . n 
# 
loop_
_pdbx_nonpoly_scheme.asym_id 
_pdbx_nonpoly_scheme.entity_id 
_pdbx_nonpoly_scheme.mon_id 
_pdbx_nonpoly_scheme.ndb_seq_num 
_pdbx_nonpoly_scheme.pdb_seq_num 
_pdbx_nonpoly_scheme.auth_seq_num 
_pdbx_nonpoly_scheme.pdb_mon_id 
_pdbx_nonpoly_scheme.auth_mon_id 
_pdbx_nonpoly_scheme.pdb_strand_id 
_pdbx_nonpoly_scheme.pdb_ins_code 
C 2 HOH 1  201 41 HOH HOH A . 
C 2 HOH 2  202 38 HOH HOH A . 
C 2 HOH 3  203 59 HOH HOH A . 
C 2 HOH 4  204 11 HOH HOH A . 
C 2 HOH 5  205 5  HOH HOH A . 
C 2 HOH 6  206 30 HOH HOH A . 
C 2 HOH 7  207 4  HOH HOH A . 
C 2 HOH 8  208 40 HOH HOH A . 
C 2 HOH 9  209 57 HOH HOH A . 
C 2 HOH 10 210 9  HOH HOH A . 
C 2 HOH 11 211 45 HOH HOH A . 
C 2 HOH 12 212 43 HOH HOH A . 
C 2 HOH 13 213 7  HOH HOH A . 
C 2 HOH 14 214 10 HOH HOH A . 
C 2 HOH 15 215 8  HOH HOH A . 
C 2 HOH 16 216 1  HOH HOH A . 
C 2 HOH 17 217 6  HOH HOH A . 
C 2 HOH 18 218 12 HOH HOH A . 
C 2 HOH 19 219 31 HOH HOH A . 
C 2 HOH 20 220 51 HOH HOH A . 
C 2 HOH 21 221 49 HOH HOH A . 
C 2 HOH 22 222 15 HOH HOH A . 
C 2 HOH 23 223 53 HOH HOH A . 
C 2 HOH 24 224 42 HOH HOH A . 
C 2 HOH 25 225 52 HOH HOH A . 
C 2 HOH 26 226 44 HOH HOH A . 
D 2 HOH 1  201 18 HOH HOH B . 
D 2 HOH 2  202 28 HOH HOH B . 
D 2 HOH 3  203 17 HOH HOH B . 
D 2 HOH 4  204 27 HOH HOH B . 
D 2 HOH 5  205 13 HOH HOH B . 
D 2 HOH 6  206 58 HOH HOH B . 
D 2 HOH 7  207 24 HOH HOH B . 
D 2 HOH 8  208 22 HOH HOH B . 
D 2 HOH 9  209 16 HOH HOH B . 
D 2 HOH 10 210 20 HOH HOH B . 
D 2 HOH 11 211 56 HOH HOH B . 
D 2 HOH 12 212 33 HOH HOH B . 
D 2 HOH 13 213 26 HOH HOH B . 
D 2 HOH 14 214 34 HOH HOH B . 
D 2 HOH 15 215 2  HOH HOH B . 
D 2 HOH 16 216 14 HOH HOH B . 
D 2 HOH 17 217 29 HOH HOH B . 
D 2 HOH 18 218 25 HOH HOH B . 
D 2 HOH 19 219 35 HOH HOH B . 
D 2 HOH 20 220 36 HOH HOH B . 
# 
loop_
_software.citation_id 
_software.classification 
_software.compiler_name 
_software.compiler_version 
_software.contact_author 
_software.contact_author_email 
_software.date 
_software.description 
_software.dependencies 
_software.hardware 
_software.language 
_software.location 
_software.mods 
_software.name 
_software.os 
_software.os_version 
_software.type 
_software.version 
_software.pdbx_ordinal 
? refinement       ? ? ? ? ? ? ? ? ? ? ? PHENIX ? ? ? 1.19.2-4158_4158 1 
? 'data reduction' ? ? ? ? ? ? ? ? ? ? ? d*TREK ? ? ? .                2 
? 'data scaling'   ? ? ? ? ? ? ? ? ? ? ? d*TREK ? ? ? .                3 
? phasing          ? ? ? ? ? ? ? ? ? ? ? PHASER ? ? ? .                4 
# 
_cell.angle_alpha                  90.000 
_cell.angle_alpha_esd              ? 
_cell.angle_beta                   90.000 
_cell.angle_beta_esd               ? 
_cell.angle_gamma                  90.000 
_cell.angle_gamma_esd              ? 
_cell.entry_id                     8EZ6 
_cell.details                      ? 
_cell.formula_units_Z              ? 
_cell.length_a                     37.388 
_cell.length_a_esd                 ? 
_cell.length_b                     50.822 
_cell.length_b_esd                 ? 
_cell.length_c                     62.066 
_cell.length_c_esd                 ? 
_cell.volume                       117933.501 
_cell.volume_esd                   ? 
_cell.Z_PDB                        8 
_cell.reciprocal_angle_alpha       ? 
_cell.reciprocal_angle_beta        ? 
_cell.reciprocal_angle_gamma       ? 
_cell.reciprocal_angle_alpha_esd   ? 
_cell.reciprocal_angle_beta_esd    ? 
_cell.reciprocal_angle_gamma_esd   ? 
_cell.reciprocal_length_a          ? 
_cell.reciprocal_length_b          ? 
_cell.reciprocal_length_c          ? 
_cell.reciprocal_length_a_esd      ? 
_cell.reciprocal_length_b_esd      ? 
_cell.reciprocal_length_c_esd      ? 
_cell.pdbx_unique_axis             ? 
_cell.pdbx_esd_method              ? 
# 
_symmetry.entry_id                         8EZ6 
_symmetry.cell_setting                     ? 
_symmetry.Int_Tables_number                19 
_symmetry.space_group_name_Hall            'P 2ac 2ab' 
_symmetry.space_group_name_H-M             'P 21 21 21' 
_symmetry.pdbx_full_space_group_name_H-M   ? 
# 
_exptl.absorpt_coefficient_mu     ? 
_exptl.absorpt_correction_T_max   ? 
_exptl.absorpt_correction_T_min   ? 
_exptl.absorpt_correction_type    ? 
_exptl.absorpt_process_details    ? 
_exptl.entry_id                   8EZ6 
_exptl.crystals_number            1 
_exptl.details                    ? 
_exptl.method                     'X-RAY DIFFRACTION' 
_exptl.method_details             ? 
# 
_exptl_crystal.colour                       ? 
_exptl_crystal.density_diffrn               ? 
_exptl_crystal.density_Matthews             1.84 
_exptl_crystal.density_method               ? 
_exptl_crystal.density_percent_sol          33.25 
_exptl_crystal.description                  ? 
_exptl_crystal.F_000                        ? 
_exptl_crystal.id                           1 
_exptl_crystal.preparation                  ? 
_exptl_crystal.size_max                     ? 
_exptl_crystal.size_mid                     ? 
_exptl_crystal.size_min                     ? 
_exptl_crystal.size_rad                     ? 
_exptl_crystal.colour_lustre                ? 
_exptl_crystal.colour_modifier              ? 
_exptl_crystal.colour_primary               ? 
_exptl_crystal.density_meas                 ? 
_exptl_crystal.density_meas_esd             ? 
_exptl_crystal.density_meas_gt              ? 
_exptl_crystal.density_meas_lt              ? 
_exptl_crystal.density_meas_temp            ? 
_exptl_crystal.density_meas_temp_esd        ? 
_exptl_crystal.density_meas_temp_gt         ? 
_exptl_crystal.density_meas_temp_lt         ? 
_exptl_crystal.pdbx_crystal_image_url       ? 
_exptl_crystal.pdbx_crystal_image_format    ? 
_exptl_crystal.pdbx_mosaicity               ? 
_exptl_crystal.pdbx_mosaicity_esd           ? 
_exptl_crystal.pdbx_mosaic_method           ? 
_exptl_crystal.pdbx_mosaic_block_size       ? 
_exptl_crystal.pdbx_mosaic_block_size_esd   ? 
# 
_exptl_crystal_grow.apparatus       ? 
_exptl_crystal_grow.atmosphere      ? 
_exptl_crystal_grow.crystal_id      1 
_exptl_crystal_grow.details         ? 
_exptl_crystal_grow.method          MICROBATCH 
_exptl_crystal_grow.method_ref      ? 
_exptl_crystal_grow.pH              ? 
_exptl_crystal_grow.pressure        ? 
_exptl_crystal_grow.pressure_esd    ? 
_exptl_crystal_grow.seeding         ? 
_exptl_crystal_grow.seeding_ref     ? 
_exptl_crystal_grow.temp            298 
_exptl_crystal_grow.temp_details    ? 
_exptl_crystal_grow.temp_esd        ? 
_exptl_crystal_grow.time            ? 
_exptl_crystal_grow.pdbx_details    '0.1M sodium acetate pH 4.6, 2M ammonium sulfate' 
_exptl_crystal_grow.pdbx_pH_range   ? 
# 
_diffrn.ambient_environment              ? 
_diffrn.ambient_temp                     100 
_diffrn.ambient_temp_details             ? 
_diffrn.ambient_temp_esd                 ? 
_diffrn.crystal_id                       1 
_diffrn.crystal_support                  ? 
_diffrn.crystal_treatment                ? 
_diffrn.details                          ? 
_diffrn.id                               1 
_diffrn.ambient_pressure                 ? 
_diffrn.ambient_pressure_esd             ? 
_diffrn.ambient_pressure_gt              ? 
_diffrn.ambient_pressure_lt              ? 
_diffrn.ambient_temp_gt                  ? 
_diffrn.ambient_temp_lt                  ? 
_diffrn.pdbx_serial_crystal_experiment   N 
# 
_diffrn_detector.details                      ? 
_diffrn_detector.detector                     'IMAGE PLATE' 
_diffrn_detector.diffrn_id                    1 
_diffrn_detector.type                         'RIGAKU RAXIS HTC' 
_diffrn_detector.area_resol_mean              ? 
_diffrn_detector.dtime                        ? 
_diffrn_detector.pdbx_frames_total            ? 
_diffrn_detector.pdbx_collection_time_total   ? 
_diffrn_detector.pdbx_collection_date         2017-12-04 
_diffrn_detector.pdbx_frequency               ? 
# 
_diffrn_radiation.collimation                      ? 
_diffrn_radiation.diffrn_id                        1 
_diffrn_radiation.filter_edge                      ? 
_diffrn_radiation.inhomogeneity                    ? 
_diffrn_radiation.monochromator                    ? 
_diffrn_radiation.polarisn_norm                    ? 
_diffrn_radiation.polarisn_ratio                   ? 
_diffrn_radiation.probe                            ? 
_diffrn_radiation.type                             ? 
_diffrn_radiation.xray_symbol                      ? 
_diffrn_radiation.wavelength_id                    1 
_diffrn_radiation.pdbx_monochromatic_or_laue_m_l   M 
_diffrn_radiation.pdbx_wavelength_list             ? 
_diffrn_radiation.pdbx_wavelength                  ? 
_diffrn_radiation.pdbx_diffrn_protocol             'SINGLE WAVELENGTH' 
_diffrn_radiation.pdbx_analyzer                    ? 
_diffrn_radiation.pdbx_scattering_type             x-ray 
# 
_diffrn_radiation_wavelength.id           1 
_diffrn_radiation_wavelength.wavelength   1.5418 
_diffrn_radiation_wavelength.wt           1.0 
# 
_diffrn_source.current                     ? 
_diffrn_source.details                     ? 
_diffrn_source.diffrn_id                   1 
_diffrn_source.power                       ? 
_diffrn_source.size                        ? 
_diffrn_source.source                      'ROTATING ANODE' 
_diffrn_source.target                      ? 
_diffrn_source.type                        'RIGAKU FR-E SUPERBRIGHT' 
_diffrn_source.voltage                     ? 
_diffrn_source.take-off_angle              ? 
_diffrn_source.pdbx_wavelength_list        1.5418 
_diffrn_source.pdbx_wavelength             ? 
_diffrn_source.pdbx_synchrotron_beamline   ? 
_diffrn_source.pdbx_synchrotron_site       ? 
# 
_reflns.B_iso_Wilson_estimate                          20.73 
_reflns.entry_id                                       8EZ6 
_reflns.data_reduction_details                         ? 
_reflns.data_reduction_method                          ? 
_reflns.d_resolution_high                              2 
_reflns.d_resolution_low                               39.32 
_reflns.details                                        ? 
_reflns.limit_h_max                                    ? 
_reflns.limit_h_min                                    ? 
_reflns.limit_k_max                                    ? 
_reflns.limit_k_min                                    ? 
_reflns.limit_l_max                                    ? 
_reflns.limit_l_min                                    ? 
_reflns.number_all                                     ? 
_reflns.number_obs                                     8285 
_reflns.observed_criterion                             ? 
_reflns.observed_criterion_F_max                       ? 
_reflns.observed_criterion_F_min                       ? 
_reflns.observed_criterion_I_max                       ? 
_reflns.observed_criterion_I_min                       ? 
_reflns.observed_criterion_sigma_F                     ? 
_reflns.observed_criterion_sigma_I                     ? 
_reflns.percent_possible_obs                           97.9 
_reflns.R_free_details                                 ? 
_reflns.Rmerge_F_all                                   ? 
_reflns.Rmerge_F_obs                                   ? 
_reflns.Friedel_coverage                               ? 
_reflns.number_gt                                      ? 
_reflns.threshold_expression                           ? 
_reflns.pdbx_redundancy                                13.59 
_reflns.pdbx_Rmerge_I_obs                              0.049 
_reflns.pdbx_Rmerge_I_all                              ? 
_reflns.pdbx_Rsym_value                                ? 
_reflns.pdbx_netI_over_av_sigmaI                       ? 
_reflns.pdbx_netI_over_sigmaI                          37.5 
_reflns.pdbx_res_netI_over_av_sigmaI_2                 ? 
_reflns.pdbx_res_netI_over_sigmaI_2                    ? 
_reflns.pdbx_chi_squared                               ? 
_reflns.pdbx_scaling_rejects                           ? 
_reflns.pdbx_d_res_high_opt                            ? 
_reflns.pdbx_d_res_low_opt                             ? 
_reflns.pdbx_d_res_opt_method                          ? 
_reflns.phase_calculation_details                      ? 
_reflns.pdbx_Rrim_I_all                                ? 
_reflns.pdbx_Rpim_I_all                                ? 
_reflns.pdbx_d_opt                                     ? 
_reflns.pdbx_number_measured_all                       ? 
_reflns.pdbx_diffrn_id                                 1 
_reflns.pdbx_ordinal                                   1 
_reflns.pdbx_CC_half                                   ? 
_reflns.pdbx_CC_star                                   ? 
_reflns.pdbx_R_split                                   ? 
_reflns.pdbx_aniso_diffraction_limit_axis_1_ortho[1]   ? 
_reflns.pdbx_aniso_diffraction_limit_axis_1_ortho[2]   ? 
_reflns.pdbx_aniso_diffraction_limit_axis_1_ortho[3]   ? 
_reflns.pdbx_aniso_diffraction_limit_axis_2_ortho[1]   ? 
_reflns.pdbx_aniso_diffraction_limit_axis_2_ortho[2]   ? 
_reflns.pdbx_aniso_diffraction_limit_axis_2_ortho[3]   ? 
_reflns.pdbx_aniso_diffraction_limit_axis_3_ortho[1]   ? 
_reflns.pdbx_aniso_diffraction_limit_axis_3_ortho[2]   ? 
_reflns.pdbx_aniso_diffraction_limit_axis_3_ortho[3]   ? 
_reflns.pdbx_aniso_diffraction_limit_1                 ? 
_reflns.pdbx_aniso_diffraction_limit_2                 ? 
_reflns.pdbx_aniso_diffraction_limit_3                 ? 
_reflns.pdbx_aniso_B_tensor_eigenvector_1_ortho[1]     ? 
_reflns.pdbx_aniso_B_tensor_eigenvector_1_ortho[2]     ? 
_reflns.pdbx_aniso_B_tensor_eigenvector_1_ortho[3]     ? 
_reflns.pdbx_aniso_B_tensor_eigenvector_2_ortho[1]     ? 
_reflns.pdbx_aniso_B_tensor_eigenvector_2_ortho[2]     ? 
_reflns.pdbx_aniso_B_tensor_eigenvector_2_ortho[3]     ? 
_reflns.pdbx_aniso_B_tensor_eigenvector_3_ortho[1]     ? 
_reflns.pdbx_aniso_B_tensor_eigenvector_3_ortho[2]     ? 
_reflns.pdbx_aniso_B_tensor_eigenvector_3_ortho[3]     ? 
_reflns.pdbx_aniso_B_tensor_eigenvalue_1               ? 
_reflns.pdbx_aniso_B_tensor_eigenvalue_2               ? 
_reflns.pdbx_aniso_B_tensor_eigenvalue_3               ? 
_reflns.pdbx_orthogonalization_convention              ? 
_reflns.pdbx_percent_possible_ellipsoidal              ? 
_reflns.pdbx_percent_possible_spherical                ? 
_reflns.pdbx_percent_possible_ellipsoidal_anomalous    ? 
_reflns.pdbx_percent_possible_spherical_anomalous      ? 
_reflns.pdbx_redundancy_anomalous                      ? 
_reflns.pdbx_CC_half_anomalous                         ? 
_reflns.pdbx_absDiff_over_sigma_anomalous              ? 
_reflns.pdbx_percent_possible_anomalous                ? 
_reflns.pdbx_observed_signal_threshold                 ? 
_reflns.pdbx_signal_type                               ? 
_reflns.pdbx_signal_details                            ? 
_reflns.pdbx_signal_software_id                        ? 
_reflns.pdbx_CC_split_method                           ? 
# 
_reflns_shell.d_res_high                                    2.0 
_reflns_shell.d_res_low                                     2.07 
_reflns_shell.meanI_over_sigI_all                           ? 
_reflns_shell.meanI_over_sigI_obs                           ? 
_reflns_shell.number_measured_all                           ? 
_reflns_shell.number_measured_obs                           ? 
_reflns_shell.number_possible                               ? 
_reflns_shell.number_unique_all                             ? 
_reflns_shell.number_unique_obs                             602 
_reflns_shell.percent_possible_all                          96.3 
_reflns_shell.percent_possible_obs                          ? 
_reflns_shell.Rmerge_F_all                                  ? 
_reflns_shell.Rmerge_F_obs                                  ? 
_reflns_shell.Rmerge_I_all                                  ? 
_reflns_shell.Rmerge_I_obs                                  0.127 
_reflns_shell.meanI_over_sigI_gt                            ? 
_reflns_shell.meanI_over_uI_all                             ? 
_reflns_shell.meanI_over_uI_gt                              ? 
_reflns_shell.number_measured_gt                            ? 
_reflns_shell.number_unique_gt                              ? 
_reflns_shell.percent_possible_gt                           ? 
_reflns_shell.Rmerge_F_gt                                   ? 
_reflns_shell.Rmerge_I_gt                                   ? 
_reflns_shell.pdbx_redundancy                               13.69 
_reflns_shell.pdbx_Rsym_value                               ? 
_reflns_shell.pdbx_chi_squared                              ? 
_reflns_shell.pdbx_netI_over_sigmaI_all                     ? 
_reflns_shell.pdbx_netI_over_sigmaI_obs                     ? 
_reflns_shell.pdbx_Rrim_I_all                               ? 
_reflns_shell.pdbx_Rpim_I_all                               ? 
_reflns_shell.pdbx_rejects                                  ? 
_reflns_shell.pdbx_ordinal                                  1 
_reflns_shell.pdbx_diffrn_id                                1 
_reflns_shell.pdbx_CC_half                                  ? 
_reflns_shell.pdbx_CC_star                                  ? 
_reflns_shell.pdbx_R_split                                  ? 
_reflns_shell.pdbx_percent_possible_ellipsoidal             ? 
_reflns_shell.pdbx_percent_possible_spherical               ? 
_reflns_shell.pdbx_percent_possible_ellipsoidal_anomalous   ? 
_reflns_shell.pdbx_percent_possible_spherical_anomalous     ? 
_reflns_shell.pdbx_redundancy_anomalous                     ? 
_reflns_shell.pdbx_CC_half_anomalous                        ? 
_reflns_shell.pdbx_absDiff_over_sigma_anomalous             ? 
_reflns_shell.pdbx_percent_possible_anomalous               ? 
# 
_refine.aniso_B[1][1]                            ? 
_refine.aniso_B[1][2]                            ? 
_refine.aniso_B[1][3]                            ? 
_refine.aniso_B[2][2]                            ? 
_refine.aniso_B[2][3]                            ? 
_refine.aniso_B[3][3]                            ? 
_refine.B_iso_max                                ? 
_refine.B_iso_mean                               24.22 
_refine.B_iso_min                                ? 
_refine.correlation_coeff_Fo_to_Fc               ? 
_refine.correlation_coeff_Fo_to_Fc_free          ? 
_refine.details                                  ? 
_refine.diff_density_max                         ? 
_refine.diff_density_max_esd                     ? 
_refine.diff_density_min                         ? 
_refine.diff_density_min_esd                     ? 
_refine.diff_density_rms                         ? 
_refine.diff_density_rms_esd                     ? 
_refine.entry_id                                 8EZ6 
_refine.pdbx_refine_id                           'X-RAY DIFFRACTION' 
_refine.ls_abs_structure_details                 ? 
_refine.ls_abs_structure_Flack                   ? 
_refine.ls_abs_structure_Flack_esd               ? 
_refine.ls_abs_structure_Rogers                  ? 
_refine.ls_abs_structure_Rogers_esd              ? 
_refine.ls_d_res_high                            2.00 
_refine.ls_d_res_low                             39.32 
_refine.ls_extinction_coef                       ? 
_refine.ls_extinction_coef_esd                   ? 
_refine.ls_extinction_expression                 ? 
_refine.ls_extinction_method                     ? 
_refine.ls_goodness_of_fit_all                   ? 
_refine.ls_goodness_of_fit_all_esd               ? 
_refine.ls_goodness_of_fit_obs                   ? 
_refine.ls_goodness_of_fit_obs_esd               ? 
_refine.ls_hydrogen_treatment                    ? 
_refine.ls_matrix_type                           ? 
_refine.ls_number_constraints                    ? 
_refine.ls_number_parameters                     ? 
_refine.ls_number_reflns_all                     ? 
_refine.ls_number_reflns_obs                     8257 
_refine.ls_number_reflns_R_free                  826 
_refine.ls_number_reflns_R_work                  7431 
_refine.ls_number_restraints                     ? 
_refine.ls_percent_reflns_obs                    97.94 
_refine.ls_percent_reflns_R_free                 10.00 
_refine.ls_R_factor_all                          ? 
_refine.ls_R_factor_obs                          0.2053 
_refine.ls_R_factor_R_free                       0.2382 
_refine.ls_R_factor_R_free_error                 ? 
_refine.ls_R_factor_R_free_error_details         ? 
_refine.ls_R_factor_R_work                       0.2018 
_refine.ls_R_Fsqd_factor_obs                     ? 
_refine.ls_R_I_factor_obs                        ? 
_refine.ls_redundancy_reflns_all                 ? 
_refine.ls_redundancy_reflns_obs                 ? 
_refine.ls_restrained_S_all                      ? 
_refine.ls_restrained_S_obs                      ? 
_refine.ls_shift_over_esd_max                    ? 
_refine.ls_shift_over_esd_mean                   ? 
_refine.ls_structure_factor_coef                 ? 
_refine.ls_weighting_details                     ? 
_refine.ls_weighting_scheme                      ? 
_refine.ls_wR_factor_all                         ? 
_refine.ls_wR_factor_obs                         ? 
_refine.ls_wR_factor_R_free                      ? 
_refine.ls_wR_factor_R_work                      ? 
_refine.occupancy_max                            ? 
_refine.occupancy_min                            ? 
_refine.solvent_model_details                    'FLAT BULK SOLVENT MODEL' 
_refine.solvent_model_param_bsol                 ? 
_refine.solvent_model_param_ksol                 ? 
_refine.pdbx_R_complete                          ? 
_refine.ls_R_factor_gt                           ? 
_refine.ls_goodness_of_fit_gt                    ? 
_refine.ls_goodness_of_fit_ref                   ? 
_refine.ls_shift_over_su_max                     ? 
_refine.ls_shift_over_su_max_lt                  ? 
_refine.ls_shift_over_su_mean                    ? 
_refine.ls_shift_over_su_mean_lt                 ? 
_refine.pdbx_ls_sigma_I                          ? 
_refine.pdbx_ls_sigma_F                          1.48 
_refine.pdbx_ls_sigma_Fsqd                       ? 
_refine.pdbx_data_cutoff_high_absF               ? 
_refine.pdbx_data_cutoff_high_rms_absF           ? 
_refine.pdbx_data_cutoff_low_absF                ? 
_refine.pdbx_isotropic_thermal_model             ? 
_refine.pdbx_ls_cross_valid_method               'FREE R-VALUE' 
_refine.pdbx_method_to_determine_struct          'MOLECULAR REPLACEMENT' 
_refine.pdbx_starting_model                      1WFQ 
_refine.pdbx_stereochemistry_target_values       'GeoStd + Monomer Library + CDL v1.2' 
_refine.pdbx_R_Free_selection_details            ? 
_refine.pdbx_stereochem_target_val_spec_case     ? 
_refine.pdbx_overall_ESU_R                       ? 
_refine.pdbx_overall_ESU_R_Free                  ? 
_refine.pdbx_solvent_vdw_probe_radii             1.1100 
_refine.pdbx_solvent_ion_probe_radii             ? 
_refine.pdbx_solvent_shrinkage_radii             0.9000 
_refine.pdbx_real_space_R                        ? 
_refine.pdbx_density_correlation                 ? 
_refine.pdbx_pd_number_of_powder_patterns        ? 
_refine.pdbx_pd_number_of_points                 ? 
_refine.pdbx_pd_meas_number_of_points            ? 
_refine.pdbx_pd_proc_ls_prof_R_factor            ? 
_refine.pdbx_pd_proc_ls_prof_wR_factor           ? 
_refine.pdbx_pd_Marquardt_correlation_coeff      ? 
_refine.pdbx_pd_Fsqrd_R_factor                   ? 
_refine.pdbx_pd_ls_matrix_band_width             ? 
_refine.pdbx_overall_phase_error                 22.3753 
_refine.pdbx_overall_SU_R_free_Cruickshank_DPI   ? 
_refine.pdbx_overall_SU_R_free_Blow_DPI          ? 
_refine.pdbx_overall_SU_R_Blow_DPI               ? 
_refine.pdbx_TLS_residual_ADP_flag               ? 
_refine.pdbx_diffrn_id                           1 
_refine.overall_SU_B                             ? 
_refine.overall_SU_ML                            0.2205 
_refine.overall_SU_R_Cruickshank_DPI             ? 
_refine.overall_SU_R_free                        ? 
_refine.overall_FOM_free_R_set                   ? 
_refine.overall_FOM_work_R_set                   ? 
_refine.pdbx_average_fsc_overall                 ? 
_refine.pdbx_average_fsc_work                    ? 
_refine.pdbx_average_fsc_free                    ? 
# 
_refine_hist.pdbx_refine_id                   'X-RAY DIFFRACTION' 
_refine_hist.cycle_id                         LAST 
_refine_hist.details                          ? 
_refine_hist.d_res_high                       2.00 
_refine_hist.d_res_low                        39.32 
_refine_hist.number_atoms_solvent             46 
_refine_hist.number_atoms_total               1069 
_refine_hist.number_reflns_all                ? 
_refine_hist.number_reflns_obs                ? 
_refine_hist.number_reflns_R_free             ? 
_refine_hist.number_reflns_R_work             ? 
_refine_hist.R_factor_all                     ? 
_refine_hist.R_factor_obs                     ? 
_refine_hist.R_factor_R_free                  ? 
_refine_hist.R_factor_R_work                  ? 
_refine_hist.pdbx_number_residues_total       ? 
_refine_hist.pdbx_B_iso_mean_ligand           ? 
_refine_hist.pdbx_B_iso_mean_solvent          ? 
_refine_hist.pdbx_number_atoms_protein        1023 
_refine_hist.pdbx_number_atoms_nucleic_acid   0 
_refine_hist.pdbx_number_atoms_ligand         0 
_refine_hist.pdbx_number_atoms_lipid          ? 
_refine_hist.pdbx_number_atoms_carb           ? 
_refine_hist.pdbx_pseudo_atom_details         ? 
# 
loop_
_refine_ls_restr.pdbx_refine_id 
_refine_ls_restr.criterion 
_refine_ls_restr.dev_ideal 
_refine_ls_restr.dev_ideal_target 
_refine_ls_restr.number 
_refine_ls_restr.rejects 
_refine_ls_restr.type 
_refine_ls_restr.weight 
_refine_ls_restr.pdbx_restraint_function 
'X-RAY DIFFRACTION' ? 0.0104  ? 1045 ? f_bond_d           ? ? 
'X-RAY DIFFRACTION' ? 1.2772  ? 1419 ? f_angle_d          ? ? 
'X-RAY DIFFRACTION' ? 0.0824  ? 164  ? f_chiral_restr     ? ? 
'X-RAY DIFFRACTION' ? 0.0066  ? 180  ? f_plane_restr      ? ? 
'X-RAY DIFFRACTION' ? 13.0664 ? 375  ? f_dihedral_angle_d ? ? 
# 
loop_
_refine_ls_shell.pdbx_refine_id 
_refine_ls_shell.d_res_high 
_refine_ls_shell.d_res_low 
_refine_ls_shell.number_reflns_all 
_refine_ls_shell.number_reflns_obs 
_refine_ls_shell.number_reflns_R_free 
_refine_ls_shell.number_reflns_R_work 
_refine_ls_shell.percent_reflns_obs 
_refine_ls_shell.percent_reflns_R_free 
_refine_ls_shell.R_factor_all 
_refine_ls_shell.R_factor_obs 
_refine_ls_shell.R_factor_R_free 
_refine_ls_shell.R_factor_R_free_error 
_refine_ls_shell.R_factor_R_work 
_refine_ls_shell.redundancy_reflns_all 
_refine_ls_shell.redundancy_reflns_obs 
_refine_ls_shell.wR_factor_all 
_refine_ls_shell.wR_factor_obs 
_refine_ls_shell.wR_factor_R_free 
_refine_ls_shell.wR_factor_R_work 
_refine_ls_shell.pdbx_R_complete 
_refine_ls_shell.pdbx_total_number_of_bins_used 
_refine_ls_shell.pdbx_phase_error 
_refine_ls_shell.pdbx_fsc_work 
_refine_ls_shell.pdbx_fsc_free 
'X-RAY DIFFRACTION' 2.00 2.13  . . 133 1195 96.51 . . . 0.2600 . 0.2179 . . . . . . . . . . . 
'X-RAY DIFFRACTION' 2.13 2.29  . . 132 1193 96.79 . . . 0.2664 . 0.1977 . . . . . . . . . . . 
'X-RAY DIFFRACTION' 2.29 2.52  . . 136 1228 97.92 . . . 0.2299 . 0.2139 . . . . . . . . . . . 
'X-RAY DIFFRACTION' 2.52 2.88  . . 137 1225 98.13 . . . 0.2723 . 0.2221 . . . . . . . . . . . 
'X-RAY DIFFRACTION' 2.88 3.63  . . 140 1261 99.01 . . . 0.2160 . 0.1934 . . . . . . . . . . . 
'X-RAY DIFFRACTION' 3.63 39.32 . . 148 1329 99.13 . . . 0.2296 . 0.1921 . . . . . . . . . . . 
# 
_struct.entry_id                     8EZ6 
_struct.title                        'The DBC1/SIRT1 Interaction is Choreographed by Post-translational Modification' 
_struct.pdbx_model_details           ? 
_struct.pdbx_formula_weight          ? 
_struct.pdbx_formula_weight_method   ? 
_struct.pdbx_model_type_details      ? 
_struct.pdbx_CASP_flag               N 
# 
_struct_keywords.entry_id        8EZ6 
_struct_keywords.text            'DBC1, S1-like, insulin signaling, liver metabolism, chaperone, GENE REGULATION' 
_struct_keywords.pdbx_keywords   'GENE REGULATION' 
# 
loop_
_struct_asym.id 
_struct_asym.pdbx_blank_PDB_chainid_flag 
_struct_asym.pdbx_modified 
_struct_asym.entity_id 
_struct_asym.details 
A N N 1 ? 
B N N 1 ? 
C N N 2 ? 
D N N 2 ? 
# 
_struct_ref.id                         1 
_struct_ref.db_name                    UNP 
_struct_ref.db_code                    CCAR2_HUMAN 
_struct_ref.pdbx_db_accession          Q8N163 
_struct_ref.pdbx_db_isoform            ? 
_struct_ref.entity_id                  1 
_struct_ref.pdbx_seq_one_letter_code   GEKQRVFTGIVTSLHDYFGVVDEEVFFQLSVVKGRLPQLGEKVLVKAAYNPGQAVPWNAVKVQTLSNQP 
_struct_ref.pdbx_align_begin           52 
# 
loop_
_struct_ref_seq.align_id 
_struct_ref_seq.ref_id 
_struct_ref_seq.pdbx_PDB_id_code 
_struct_ref_seq.pdbx_strand_id 
_struct_ref_seq.seq_align_beg 
_struct_ref_seq.pdbx_seq_align_beg_ins_code 
_struct_ref_seq.seq_align_end 
_struct_ref_seq.pdbx_seq_align_end_ins_code 
_struct_ref_seq.pdbx_db_accession 
_struct_ref_seq.db_align_beg 
_struct_ref_seq.pdbx_db_align_beg_ins_code 
_struct_ref_seq.db_align_end 
_struct_ref_seq.pdbx_db_align_end_ins_code 
_struct_ref_seq.pdbx_auth_seq_align_beg 
_struct_ref_seq.pdbx_auth_seq_align_end 
1 1 8EZ6 A 4 ? 72 ? Q8N163 52 ? 120 ? 52 120 
2 1 8EZ6 B 4 ? 72 ? Q8N163 52 ? 120 ? 52 120 
# 
loop_
_struct_ref_seq_dif.align_id 
_struct_ref_seq_dif.pdbx_pdb_id_code 
_struct_ref_seq_dif.mon_id 
_struct_ref_seq_dif.pdbx_pdb_strand_id 
_struct_ref_seq_dif.seq_num 
_struct_ref_seq_dif.pdbx_pdb_ins_code 
_struct_ref_seq_dif.pdbx_seq_db_name 
_struct_ref_seq_dif.pdbx_seq_db_accession_code 
_struct_ref_seq_dif.db_mon_id 
_struct_ref_seq_dif.pdbx_seq_db_seq_num 
_struct_ref_seq_dif.details 
_struct_ref_seq_dif.pdbx_auth_seq_num 
_struct_ref_seq_dif.pdbx_ordinal 
1 8EZ6 SER A 1 ? UNP Q8N163 ? ? 'expression tag' 49 1 
1 8EZ6 GLU A 2 ? UNP Q8N163 ? ? 'expression tag' 50 2 
1 8EZ6 PHE A 3 ? UNP Q8N163 ? ? 'expression tag' 51 3 
2 8EZ6 SER B 1 ? UNP Q8N163 ? ? 'expression tag' 49 4 
2 8EZ6 GLU B 2 ? UNP Q8N163 ? ? 'expression tag' 50 5 
2 8EZ6 PHE B 3 ? UNP Q8N163 ? ? 'expression tag' 51 6 
# 
loop_
_pdbx_struct_assembly.id 
_pdbx_struct_assembly.details 
_pdbx_struct_assembly.method_details 
_pdbx_struct_assembly.oligomeric_details 
_pdbx_struct_assembly.oligomeric_count 
1 author_defined_assembly ? monomeric 1 
2 author_defined_assembly ? monomeric 1 
# 
loop_
_pdbx_struct_assembly_gen.assembly_id 
_pdbx_struct_assembly_gen.oper_expression 
_pdbx_struct_assembly_gen.asym_id_list 
1 1 A,C 
2 1 B,D 
# 
_pdbx_struct_assembly_auth_evidence.id                     1 
_pdbx_struct_assembly_auth_evidence.assembly_id            1 
_pdbx_struct_assembly_auth_evidence.experimental_support   'gel filtration' 
_pdbx_struct_assembly_auth_evidence.details                ? 
# 
_pdbx_struct_oper_list.id                   1 
_pdbx_struct_oper_list.type                 'identity operation' 
_pdbx_struct_oper_list.name                 1_555 
_pdbx_struct_oper_list.symmetry_operation   x,y,z 
_pdbx_struct_oper_list.matrix[1][1]         1.0000000000 
_pdbx_struct_oper_list.matrix[1][2]         0.0000000000 
_pdbx_struct_oper_list.matrix[1][3]         0.0000000000 
_pdbx_struct_oper_list.vector[1]            0.0000000000 
_pdbx_struct_oper_list.matrix[2][1]         0.0000000000 
_pdbx_struct_oper_list.matrix[2][2]         1.0000000000 
_pdbx_struct_oper_list.matrix[2][3]         0.0000000000 
_pdbx_struct_oper_list.vector[2]            0.0000000000 
_pdbx_struct_oper_list.matrix[3][1]         0.0000000000 
_pdbx_struct_oper_list.matrix[3][2]         0.0000000000 
_pdbx_struct_oper_list.matrix[3][3]         1.0000000000 
_pdbx_struct_oper_list.vector[3]            0.0000000000 
# 
loop_
_struct_conf.conf_type_id 
_struct_conf.id 
_struct_conf.pdbx_PDB_helix_id 
_struct_conf.beg_label_comp_id 
_struct_conf.beg_label_asym_id 
_struct_conf.beg_label_seq_id 
_struct_conf.pdbx_beg_PDB_ins_code 
_struct_conf.end_label_comp_id 
_struct_conf.end_label_asym_id 
_struct_conf.end_label_seq_id 
_struct_conf.pdbx_end_PDB_ins_code 
_struct_conf.beg_auth_comp_id 
_struct_conf.beg_auth_asym_id 
_struct_conf.beg_auth_seq_id 
_struct_conf.end_auth_comp_id 
_struct_conf.end_auth_asym_id 
_struct_conf.end_auth_seq_id 
_struct_conf.pdbx_PDB_helix_class 
_struct_conf.details 
_struct_conf.pdbx_PDB_helix_length 
HELX_P HELX_P1 AA1 SER A 33 ? VAL A 35 ? SER A 81 VAL A 83 5 ? 3 
HELX_P HELX_P2 AA2 SER B 33 ? VAL B 35 ? SER B 81 VAL B 83 5 ? 3 
# 
_struct_conf_type.id          HELX_P 
_struct_conf_type.criteria    ? 
_struct_conf_type.reference   ? 
# 
loop_
_struct_sheet.id 
_struct_sheet.type 
_struct_sheet.number_strands 
_struct_sheet.details 
AA1 ? 6 ? 
AA2 ? 6 ? 
# 
loop_
_struct_sheet_order.sheet_id 
_struct_sheet_order.range_id_1 
_struct_sheet_order.range_id_2 
_struct_sheet_order.offset 
_struct_sheet_order.sense 
AA1 1 2 ? anti-parallel 
AA1 2 3 ? anti-parallel 
AA1 3 4 ? parallel      
AA1 4 5 ? anti-parallel 
AA1 5 6 ? anti-parallel 
AA2 1 2 ? anti-parallel 
AA2 2 3 ? anti-parallel 
AA2 3 4 ? parallel      
AA2 4 5 ? anti-parallel 
AA2 5 6 ? anti-parallel 
# 
loop_
_struct_sheet_range.sheet_id 
_struct_sheet_range.id 
_struct_sheet_range.beg_label_comp_id 
_struct_sheet_range.beg_label_asym_id 
_struct_sheet_range.beg_label_seq_id 
_struct_sheet_range.pdbx_beg_PDB_ins_code 
_struct_sheet_range.end_label_comp_id 
_struct_sheet_range.end_label_asym_id 
_struct_sheet_range.end_label_seq_id 
_struct_sheet_range.pdbx_end_PDB_ins_code 
_struct_sheet_range.beg_auth_comp_id 
_struct_sheet_range.beg_auth_asym_id 
_struct_sheet_range.beg_auth_seq_id 
_struct_sheet_range.end_auth_comp_id 
_struct_sheet_range.end_auth_asym_id 
_struct_sheet_range.end_auth_seq_id 
AA1 1 GLN A 7  ? LEU A 17 ? GLN A 55  LEU A 65  
AA1 2 PHE A 21 ? VAL A 24 ? PHE A 69  VAL A 72  
AA1 3 VAL A 28 ? GLN A 31 ? VAL A 76  GLN A 79  
AA1 4 TRP A 60 ? THR A 67 ? TRP A 108 THR A 115 
AA1 5 LYS A 45 ? TYR A 52 ? LYS A 93  TYR A 100 
AA1 6 GLN A 7  ? LEU A 17 ? GLN A 55  LEU A 65  
AA2 1 ARG B 8  ? LEU B 17 ? ARG B 56  LEU B 65  
AA2 2 PHE B 21 ? VAL B 24 ? PHE B 69  VAL B 72  
AA2 3 VAL B 28 ? GLN B 31 ? VAL B 76  GLN B 79  
AA2 4 TRP B 60 ? THR B 67 ? TRP B 108 THR B 115 
AA2 5 LYS B 45 ? TYR B 52 ? LYS B 93  TYR B 100 
AA2 6 ARG B 8  ? LEU B 17 ? ARG B 56  LEU B 65  
# 
loop_
_pdbx_struct_sheet_hbond.sheet_id 
_pdbx_struct_sheet_hbond.range_id_1 
_pdbx_struct_sheet_hbond.range_id_2 
_pdbx_struct_sheet_hbond.range_1_label_atom_id 
_pdbx_struct_sheet_hbond.range_1_label_comp_id 
_pdbx_struct_sheet_hbond.range_1_label_asym_id 
_pdbx_struct_sheet_hbond.range_1_label_seq_id 
_pdbx_struct_sheet_hbond.range_1_PDB_ins_code 
_pdbx_struct_sheet_hbond.range_1_auth_atom_id 
_pdbx_struct_sheet_hbond.range_1_auth_comp_id 
_pdbx_struct_sheet_hbond.range_1_auth_asym_id 
_pdbx_struct_sheet_hbond.range_1_auth_seq_id 
_pdbx_struct_sheet_hbond.range_2_label_atom_id 
_pdbx_struct_sheet_hbond.range_2_label_comp_id 
_pdbx_struct_sheet_hbond.range_2_label_asym_id 
_pdbx_struct_sheet_hbond.range_2_label_seq_id 
_pdbx_struct_sheet_hbond.range_2_PDB_ins_code 
_pdbx_struct_sheet_hbond.range_2_auth_atom_id 
_pdbx_struct_sheet_hbond.range_2_auth_comp_id 
_pdbx_struct_sheet_hbond.range_2_auth_asym_id 
_pdbx_struct_sheet_hbond.range_2_auth_seq_id 
AA1 1 2 N SER A 16 ? N SER A 64  O VAL A 23 ? O VAL A 71  
AA1 2 3 N GLY A 22 ? N GLY A 70  O PHE A 30 ? O PHE A 78  
AA1 3 4 N PHE A 29 ? N PHE A 77  O ALA A 62 ? O ALA A 110 
AA1 4 5 O VAL A 63 ? O VAL A 111 N LYS A 49 ? N LYS A 97  
AA1 5 6 O VAL A 48 ? O VAL A 96  N PHE A 10 ? N PHE A 58  
AA2 1 2 N SER B 16 ? N SER B 64  O VAL B 23 ? O VAL B 71  
AA2 2 3 N GLY B 22 ? N GLY B 70  O PHE B 30 ? O PHE B 78  
AA2 3 4 N PHE B 29 ? N PHE B 77  O ALA B 62 ? O ALA B 110 
AA2 4 5 O GLN B 66 ? O GLN B 114 N LEU B 47 ? N LEU B 95  
AA2 5 6 O VAL B 48 ? O VAL B 96  N PHE B 10 ? N PHE B 58  
# 
loop_
_pdbx_validate_torsion.id 
_pdbx_validate_torsion.PDB_model_num 
_pdbx_validate_torsion.auth_comp_id 
_pdbx_validate_torsion.auth_asym_id 
_pdbx_validate_torsion.auth_seq_id 
_pdbx_validate_torsion.PDB_ins_code 
_pdbx_validate_torsion.label_alt_id 
_pdbx_validate_torsion.phi 
_pdbx_validate_torsion.psi 
1 1 GLU A 74 ? ? 59.51   13.91  
2 1 GLU A 75 ? ? -144.98 -14.80 
3 1 GLU B 74 ? ? 56.84   19.73  
# 
loop_
_space_group_symop.id 
_space_group_symop.operation_xyz 
1 x,y,z           
2 x+1/2,-y+1/2,-z 
3 -x,y+1/2,-z+1/2 
4 -x+1/2,-y,z+1/2 
# 
loop_
_pdbx_unobs_or_zero_occ_residues.id 
_pdbx_unobs_or_zero_occ_residues.PDB_model_num 
_pdbx_unobs_or_zero_occ_residues.polymer_flag 
_pdbx_unobs_or_zero_occ_residues.occupancy_flag 
_pdbx_unobs_or_zero_occ_residues.auth_asym_id 
_pdbx_unobs_or_zero_occ_residues.auth_comp_id 
_pdbx_unobs_or_zero_occ_residues.auth_seq_id 
_pdbx_unobs_or_zero_occ_residues.PDB_ins_code 
_pdbx_unobs_or_zero_occ_residues.label_asym_id 
_pdbx_unobs_or_zero_occ_residues.label_comp_id 
_pdbx_unobs_or_zero_occ_residues.label_seq_id 
1  1 Y 1 A SER 49  ? A SER 1  
2  1 Y 1 A GLU 50  ? A GLU 2  
3  1 Y 1 A PHE 51  ? A PHE 3  
4  1 Y 1 A GLY 52  ? A GLY 4  
5  1 Y 1 A ASN 118 ? A ASN 70 
6  1 Y 1 A GLN 119 ? A GLN 71 
7  1 Y 1 A PRO 120 ? A PRO 72 
8  1 Y 1 B SER 49  ? B SER 1  
9  1 Y 1 B GLU 50  ? B GLU 2  
10 1 Y 1 B PHE 51  ? B PHE 3  
11 1 Y 1 B GLY 52  ? B GLY 4  
12 1 Y 1 B GLU 53  ? B GLU 5  
13 1 Y 1 B GLN 119 ? B GLN 71 
14 1 Y 1 B PRO 120 ? B PRO 72 
# 
loop_
_chem_comp_atom.comp_id 
_chem_comp_atom.atom_id 
_chem_comp_atom.type_symbol 
_chem_comp_atom.pdbx_aromatic_flag 
_chem_comp_atom.pdbx_stereo_config 
_chem_comp_atom.pdbx_ordinal 
ALA N    N N N 1   
ALA CA   C N S 2   
ALA C    C N N 3   
ALA O    O N N 4   
ALA CB   C N N 5   
ALA OXT  O N N 6   
ALA H    H N N 7   
ALA H2   H N N 8   
ALA HA   H N N 9   
ALA HB1  H N N 10  
ALA HB2  H N N 11  
ALA HB3  H N N 12  
ALA HXT  H N N 13  
ARG N    N N N 14  
ARG CA   C N S 15  
ARG C    C N N 16  
ARG O    O N N 17  
ARG CB   C N N 18  
ARG CG   C N N 19  
ARG CD   C N N 20  
ARG NE   N N N 21  
ARG CZ   C N N 22  
ARG NH1  N N N 23  
ARG NH2  N N N 24  
ARG OXT  O N N 25  
ARG H    H N N 26  
ARG H2   H N N 27  
ARG HA   H N N 28  
ARG HB2  H N N 29  
ARG HB3  H N N 30  
ARG HG2  H N N 31  
ARG HG3  H N N 32  
ARG HD2  H N N 33  
ARG HD3  H N N 34  
ARG HE   H N N 35  
ARG HH11 H N N 36  
ARG HH12 H N N 37  
ARG HH21 H N N 38  
ARG HH22 H N N 39  
ARG HXT  H N N 40  
ASN N    N N N 41  
ASN CA   C N S 42  
ASN C    C N N 43  
ASN O    O N N 44  
ASN CB   C N N 45  
ASN CG   C N N 46  
ASN OD1  O N N 47  
ASN ND2  N N N 48  
ASN OXT  O N N 49  
ASN H    H N N 50  
ASN H2   H N N 51  
ASN HA   H N N 52  
ASN HB2  H N N 53  
ASN HB3  H N N 54  
ASN HD21 H N N 55  
ASN HD22 H N N 56  
ASN HXT  H N N 57  
ASP N    N N N 58  
ASP CA   C N S 59  
ASP C    C N N 60  
ASP O    O N N 61  
ASP CB   C N N 62  
ASP CG   C N N 63  
ASP OD1  O N N 64  
ASP OD2  O N N 65  
ASP OXT  O N N 66  
ASP H    H N N 67  
ASP H2   H N N 68  
ASP HA   H N N 69  
ASP HB2  H N N 70  
ASP HB3  H N N 71  
ASP HD2  H N N 72  
ASP HXT  H N N 73  
GLN N    N N N 74  
GLN CA   C N S 75  
GLN C    C N N 76  
GLN O    O N N 77  
GLN CB   C N N 78  
GLN CG   C N N 79  
GLN CD   C N N 80  
GLN OE1  O N N 81  
GLN NE2  N N N 82  
GLN OXT  O N N 83  
GLN H    H N N 84  
GLN H2   H N N 85  
GLN HA   H N N 86  
GLN HB2  H N N 87  
GLN HB3  H N N 88  
GLN HG2  H N N 89  
GLN HG3  H N N 90  
GLN HE21 H N N 91  
GLN HE22 H N N 92  
GLN HXT  H N N 93  
GLU N    N N N 94  
GLU CA   C N S 95  
GLU C    C N N 96  
GLU O    O N N 97  
GLU CB   C N N 98  
GLU CG   C N N 99  
GLU CD   C N N 100 
GLU OE1  O N N 101 
GLU OE2  O N N 102 
GLU OXT  O N N 103 
GLU H    H N N 104 
GLU H2   H N N 105 
GLU HA   H N N 106 
GLU HB2  H N N 107 
GLU HB3  H N N 108 
GLU HG2  H N N 109 
GLU HG3  H N N 110 
GLU HE2  H N N 111 
GLU HXT  H N N 112 
GLY N    N N N 113 
GLY CA   C N N 114 
GLY C    C N N 115 
GLY O    O N N 116 
GLY OXT  O N N 117 
GLY H    H N N 118 
GLY H2   H N N 119 
GLY HA2  H N N 120 
GLY HA3  H N N 121 
GLY HXT  H N N 122 
HIS N    N N N 123 
HIS CA   C N S 124 
HIS C    C N N 125 
HIS O    O N N 126 
HIS CB   C N N 127 
HIS CG   C Y N 128 
HIS ND1  N Y N 129 
HIS CD2  C Y N 130 
HIS CE1  C Y N 131 
HIS NE2  N Y N 132 
HIS OXT  O N N 133 
HIS H    H N N 134 
HIS H2   H N N 135 
HIS HA   H N N 136 
HIS HB2  H N N 137 
HIS HB3  H N N 138 
HIS HD1  H N N 139 
HIS HD2  H N N 140 
HIS HE1  H N N 141 
HIS HE2  H N N 142 
HIS HXT  H N N 143 
HOH O    O N N 144 
HOH H1   H N N 145 
HOH H2   H N N 146 
ILE N    N N N 147 
ILE CA   C N S 148 
ILE C    C N N 149 
ILE O    O N N 150 
ILE CB   C N S 151 
ILE CG1  C N N 152 
ILE CG2  C N N 153 
ILE CD1  C N N 154 
ILE OXT  O N N 155 
ILE H    H N N 156 
ILE H2   H N N 157 
ILE HA   H N N 158 
ILE HB   H N N 159 
ILE HG12 H N N 160 
ILE HG13 H N N 161 
ILE HG21 H N N 162 
ILE HG22 H N N 163 
ILE HG23 H N N 164 
ILE HD11 H N N 165 
ILE HD12 H N N 166 
ILE HD13 H N N 167 
ILE HXT  H N N 168 
LEU N    N N N 169 
LEU CA   C N S 170 
LEU C    C N N 171 
LEU O    O N N 172 
LEU CB   C N N 173 
LEU CG   C N N 174 
LEU CD1  C N N 175 
LEU CD2  C N N 176 
LEU OXT  O N N 177 
LEU H    H N N 178 
LEU H2   H N N 179 
LEU HA   H N N 180 
LEU HB2  H N N 181 
LEU HB3  H N N 182 
LEU HG   H N N 183 
LEU HD11 H N N 184 
LEU HD12 H N N 185 
LEU HD13 H N N 186 
LEU HD21 H N N 187 
LEU HD22 H N N 188 
LEU HD23 H N N 189 
LEU HXT  H N N 190 
LYS N    N N N 191 
LYS CA   C N S 192 
LYS C    C N N 193 
LYS O    O N N 194 
LYS CB   C N N 195 
LYS CG   C N N 196 
LYS CD   C N N 197 
LYS CE   C N N 198 
LYS NZ   N N N 199 
LYS OXT  O N N 200 
LYS H    H N N 201 
LYS H2   H N N 202 
LYS HA   H N N 203 
LYS HB2  H N N 204 
LYS HB3  H N N 205 
LYS HG2  H N N 206 
LYS HG3  H N N 207 
LYS HD2  H N N 208 
LYS HD3  H N N 209 
LYS HE2  H N N 210 
LYS HE3  H N N 211 
LYS HZ1  H N N 212 
LYS HZ2  H N N 213 
LYS HZ3  H N N 214 
LYS HXT  H N N 215 
PHE N    N N N 216 
PHE CA   C N S 217 
PHE C    C N N 218 
PHE O    O N N 219 
PHE CB   C N N 220 
PHE CG   C Y N 221 
PHE CD1  C Y N 222 
PHE CD2  C Y N 223 
PHE CE1  C Y N 224 
PHE CE2  C Y N 225 
PHE CZ   C Y N 226 
PHE OXT  O N N 227 
PHE H    H N N 228 
PHE H2   H N N 229 
PHE HA   H N N 230 
PHE HB2  H N N 231 
PHE HB3  H N N 232 
PHE HD1  H N N 233 
PHE HD2  H N N 234 
PHE HE1  H N N 235 
PHE HE2  H N N 236 
PHE HZ   H N N 237 
PHE HXT  H N N 238 
PRO N    N N N 239 
PRO CA   C N S 240 
PRO C    C N N 241 
PRO O    O N N 242 
PRO CB   C N N 243 
PRO CG   C N N 244 
PRO CD   C N N 245 
PRO OXT  O N N 246 
PRO H    H N N 247 
PRO HA   H N N 248 
PRO HB2  H N N 249 
PRO HB3  H N N 250 
PRO HG2  H N N 251 
PRO HG3  H N N 252 
PRO HD2  H N N 253 
PRO HD3  H N N 254 
PRO HXT  H N N 255 
SER N    N N N 256 
SER CA   C N S 257 
SER C    C N N 258 
SER O    O N N 259 
SER CB   C N N 260 
SER OG   O N N 261 
SER OXT  O N N 262 
SER H    H N N 263 
SER H2   H N N 264 
SER HA   H N N 265 
SER HB2  H N N 266 
SER HB3  H N N 267 
SER HG   H N N 268 
SER HXT  H N N 269 
THR N    N N N 270 
THR CA   C N S 271 
THR C    C N N 272 
THR O    O N N 273 
THR CB   C N R 274 
THR OG1  O N N 275 
THR CG2  C N N 276 
THR OXT  O N N 277 
THR H    H N N 278 
THR H2   H N N 279 
THR HA   H N N 280 
THR HB   H N N 281 
THR HG1  H N N 282 
THR HG21 H N N 283 
THR HG22 H N N 284 
THR HG23 H N N 285 
THR HXT  H N N 286 
TRP N    N N N 287 
TRP CA   C N S 288 
TRP C    C N N 289 
TRP O    O N N 290 
TRP CB   C N N 291 
TRP CG   C Y N 292 
TRP CD1  C Y N 293 
TRP CD2  C Y N 294 
TRP NE1  N Y N 295 
TRP CE2  C Y N 296 
TRP CE3  C Y N 297 
TRP CZ2  C Y N 298 
TRP CZ3  C Y N 299 
TRP CH2  C Y N 300 
TRP OXT  O N N 301 
TRP H    H N N 302 
TRP H2   H N N 303 
TRP HA   H N N 304 
TRP HB2  H N N 305 
TRP HB3  H N N 306 
TRP HD1  H N N 307 
TRP HE1  H N N 308 
TRP HE3  H N N 309 
TRP HZ2  H N N 310 
TRP HZ3  H N N 311 
TRP HH2  H N N 312 
TRP HXT  H N N 313 
TYR N    N N N 314 
TYR CA   C N S 315 
TYR C    C N N 316 
TYR O    O N N 317 
TYR CB   C N N 318 
TYR CG   C Y N 319 
TYR CD1  C Y N 320 
TYR CD2  C Y N 321 
TYR CE1  C Y N 322 
TYR CE2  C Y N 323 
TYR CZ   C Y N 324 
TYR OH   O N N 325 
TYR OXT  O N N 326 
TYR H    H N N 327 
TYR H2   H N N 328 
TYR HA   H N N 329 
TYR HB2  H N N 330 
TYR HB3  H N N 331 
TYR HD1  H N N 332 
TYR HD2  H N N 333 
TYR HE1  H N N 334 
TYR HE2  H N N 335 
TYR HH   H N N 336 
TYR HXT  H N N 337 
VAL N    N N N 338 
VAL CA   C N S 339 
VAL C    C N N 340 
VAL O    O N N 341 
VAL CB   C N N 342 
VAL CG1  C N N 343 
VAL CG2  C N N 344 
VAL OXT  O N N 345 
VAL H    H N N 346 
VAL H2   H N N 347 
VAL HA   H N N 348 
VAL HB   H N N 349 
VAL HG11 H N N 350 
VAL HG12 H N N 351 
VAL HG13 H N N 352 
VAL HG21 H N N 353 
VAL HG22 H N N 354 
VAL HG23 H N N 355 
VAL HXT  H N N 356 
# 
loop_
_chem_comp_bond.comp_id 
_chem_comp_bond.atom_id_1 
_chem_comp_bond.atom_id_2 
_chem_comp_bond.value_order 
_chem_comp_bond.pdbx_aromatic_flag 
_chem_comp_bond.pdbx_stereo_config 
_chem_comp_bond.pdbx_ordinal 
ALA N   CA   sing N N 1   
ALA N   H    sing N N 2   
ALA N   H2   sing N N 3   
ALA CA  C    sing N N 4   
ALA CA  CB   sing N N 5   
ALA CA  HA   sing N N 6   
ALA C   O    doub N N 7   
ALA C   OXT  sing N N 8   
ALA CB  HB1  sing N N 9   
ALA CB  HB2  sing N N 10  
ALA CB  HB3  sing N N 11  
ALA OXT HXT  sing N N 12  
ARG N   CA   sing N N 13  
ARG N   H    sing N N 14  
ARG N   H2   sing N N 15  
ARG CA  C    sing N N 16  
ARG CA  CB   sing N N 17  
ARG CA  HA   sing N N 18  
ARG C   O    doub N N 19  
ARG C   OXT  sing N N 20  
ARG CB  CG   sing N N 21  
ARG CB  HB2  sing N N 22  
ARG CB  HB3  sing N N 23  
ARG CG  CD   sing N N 24  
ARG CG  HG2  sing N N 25  
ARG CG  HG3  sing N N 26  
ARG CD  NE   sing N N 27  
ARG CD  HD2  sing N N 28  
ARG CD  HD3  sing N N 29  
ARG NE  CZ   sing N N 30  
ARG NE  HE   sing N N 31  
ARG CZ  NH1  sing N N 32  
ARG CZ  NH2  doub N N 33  
ARG NH1 HH11 sing N N 34  
ARG NH1 HH12 sing N N 35  
ARG NH2 HH21 sing N N 36  
ARG NH2 HH22 sing N N 37  
ARG OXT HXT  sing N N 38  
ASN N   CA   sing N N 39  
ASN N   H    sing N N 40  
ASN N   H2   sing N N 41  
ASN CA  C    sing N N 42  
ASN CA  CB   sing N N 43  
ASN CA  HA   sing N N 44  
ASN C   O    doub N N 45  
ASN C   OXT  sing N N 46  
ASN CB  CG   sing N N 47  
ASN CB  HB2  sing N N 48  
ASN CB  HB3  sing N N 49  
ASN CG  OD1  doub N N 50  
ASN CG  ND2  sing N N 51  
ASN ND2 HD21 sing N N 52  
ASN ND2 HD22 sing N N 53  
ASN OXT HXT  sing N N 54  
ASP N   CA   sing N N 55  
ASP N   H    sing N N 56  
ASP N   H2   sing N N 57  
ASP CA  C    sing N N 58  
ASP CA  CB   sing N N 59  
ASP CA  HA   sing N N 60  
ASP C   O    doub N N 61  
ASP C   OXT  sing N N 62  
ASP CB  CG   sing N N 63  
ASP CB  HB2  sing N N 64  
ASP CB  HB3  sing N N 65  
ASP CG  OD1  doub N N 66  
ASP CG  OD2  sing N N 67  
ASP OD2 HD2  sing N N 68  
ASP OXT HXT  sing N N 69  
GLN N   CA   sing N N 70  
GLN N   H    sing N N 71  
GLN N   H2   sing N N 72  
GLN CA  C    sing N N 73  
GLN CA  CB   sing N N 74  
GLN CA  HA   sing N N 75  
GLN C   O    doub N N 76  
GLN C   OXT  sing N N 77  
GLN CB  CG   sing N N 78  
GLN CB  HB2  sing N N 79  
GLN CB  HB3  sing N N 80  
GLN CG  CD   sing N N 81  
GLN CG  HG2  sing N N 82  
GLN CG  HG3  sing N N 83  
GLN CD  OE1  doub N N 84  
GLN CD  NE2  sing N N 85  
GLN NE2 HE21 sing N N 86  
GLN NE2 HE22 sing N N 87  
GLN OXT HXT  sing N N 88  
GLU N   CA   sing N N 89  
GLU N   H    sing N N 90  
GLU N   H2   sing N N 91  
GLU CA  C    sing N N 92  
GLU CA  CB   sing N N 93  
GLU CA  HA   sing N N 94  
GLU C   O    doub N N 95  
GLU C   OXT  sing N N 96  
GLU CB  CG   sing N N 97  
GLU CB  HB2  sing N N 98  
GLU CB  HB3  sing N N 99  
GLU CG  CD   sing N N 100 
GLU CG  HG2  sing N N 101 
GLU CG  HG3  sing N N 102 
GLU CD  OE1  doub N N 103 
GLU CD  OE2  sing N N 104 
GLU OE2 HE2  sing N N 105 
GLU OXT HXT  sing N N 106 
GLY N   CA   sing N N 107 
GLY N   H    sing N N 108 
GLY N   H2   sing N N 109 
GLY CA  C    sing N N 110 
GLY CA  HA2  sing N N 111 
GLY CA  HA3  sing N N 112 
GLY C   O    doub N N 113 
GLY C   OXT  sing N N 114 
GLY OXT HXT  sing N N 115 
HIS N   CA   sing N N 116 
HIS N   H    sing N N 117 
HIS N   H2   sing N N 118 
HIS CA  C    sing N N 119 
HIS CA  CB   sing N N 120 
HIS CA  HA   sing N N 121 
HIS C   O    doub N N 122 
HIS C   OXT  sing N N 123 
HIS CB  CG   sing N N 124 
HIS CB  HB2  sing N N 125 
HIS CB  HB3  sing N N 126 
HIS CG  ND1  sing Y N 127 
HIS CG  CD2  doub Y N 128 
HIS ND1 CE1  doub Y N 129 
HIS ND1 HD1  sing N N 130 
HIS CD2 NE2  sing Y N 131 
HIS CD2 HD2  sing N N 132 
HIS CE1 NE2  sing Y N 133 
HIS CE1 HE1  sing N N 134 
HIS NE2 HE2  sing N N 135 
HIS OXT HXT  sing N N 136 
HOH O   H1   sing N N 137 
HOH O   H2   sing N N 138 
ILE N   CA   sing N N 139 
ILE N   H    sing N N 140 
ILE N   H2   sing N N 141 
ILE CA  C    sing N N 142 
ILE CA  CB   sing N N 143 
ILE CA  HA   sing N N 144 
ILE C   O    doub N N 145 
ILE C   OXT  sing N N 146 
ILE CB  CG1  sing N N 147 
ILE CB  CG2  sing N N 148 
ILE CB  HB   sing N N 149 
ILE CG1 CD1  sing N N 150 
ILE CG1 HG12 sing N N 151 
ILE CG1 HG13 sing N N 152 
ILE CG2 HG21 sing N N 153 
ILE CG2 HG22 sing N N 154 
ILE CG2 HG23 sing N N 155 
ILE CD1 HD11 sing N N 156 
ILE CD1 HD12 sing N N 157 
ILE CD1 HD13 sing N N 158 
ILE OXT HXT  sing N N 159 
LEU N   CA   sing N N 160 
LEU N   H    sing N N 161 
LEU N   H2   sing N N 162 
LEU CA  C    sing N N 163 
LEU CA  CB   sing N N 164 
LEU CA  HA   sing N N 165 
LEU C   O    doub N N 166 
LEU C   OXT  sing N N 167 
LEU CB  CG   sing N N 168 
LEU CB  HB2  sing N N 169 
LEU CB  HB3  sing N N 170 
LEU CG  CD1  sing N N 171 
LEU CG  CD2  sing N N 172 
LEU CG  HG   sing N N 173 
LEU CD1 HD11 sing N N 174 
LEU CD1 HD12 sing N N 175 
LEU CD1 HD13 sing N N 176 
LEU CD2 HD21 sing N N 177 
LEU CD2 HD22 sing N N 178 
LEU CD2 HD23 sing N N 179 
LEU OXT HXT  sing N N 180 
LYS N   CA   sing N N 181 
LYS N   H    sing N N 182 
LYS N   H2   sing N N 183 
LYS CA  C    sing N N 184 
LYS CA  CB   sing N N 185 
LYS CA  HA   sing N N 186 
LYS C   O    doub N N 187 
LYS C   OXT  sing N N 188 
LYS CB  CG   sing N N 189 
LYS CB  HB2  sing N N 190 
LYS CB  HB3  sing N N 191 
LYS CG  CD   sing N N 192 
LYS CG  HG2  sing N N 193 
LYS CG  HG3  sing N N 194 
LYS CD  CE   sing N N 195 
LYS CD  HD2  sing N N 196 
LYS CD  HD3  sing N N 197 
LYS CE  NZ   sing N N 198 
LYS CE  HE2  sing N N 199 
LYS CE  HE3  sing N N 200 
LYS NZ  HZ1  sing N N 201 
LYS NZ  HZ2  sing N N 202 
LYS NZ  HZ3  sing N N 203 
LYS OXT HXT  sing N N 204 
PHE N   CA   sing N N 205 
PHE N   H    sing N N 206 
PHE N   H2   sing N N 207 
PHE CA  C    sing N N 208 
PHE CA  CB   sing N N 209 
PHE CA  HA   sing N N 210 
PHE C   O    doub N N 211 
PHE C   OXT  sing N N 212 
PHE CB  CG   sing N N 213 
PHE CB  HB2  sing N N 214 
PHE CB  HB3  sing N N 215 
PHE CG  CD1  doub Y N 216 
PHE CG  CD2  sing Y N 217 
PHE CD1 CE1  sing Y N 218 
PHE CD1 HD1  sing N N 219 
PHE CD2 CE2  doub Y N 220 
PHE CD2 HD2  sing N N 221 
PHE CE1 CZ   doub Y N 222 
PHE CE1 HE1  sing N N 223 
PHE CE2 CZ   sing Y N 224 
PHE CE2 HE2  sing N N 225 
PHE CZ  HZ   sing N N 226 
PHE OXT HXT  sing N N 227 
PRO N   CA   sing N N 228 
PRO N   CD   sing N N 229 
PRO N   H    sing N N 230 
PRO CA  C    sing N N 231 
PRO CA  CB   sing N N 232 
PRO CA  HA   sing N N 233 
PRO C   O    doub N N 234 
PRO C   OXT  sing N N 235 
PRO CB  CG   sing N N 236 
PRO CB  HB2  sing N N 237 
PRO CB  HB3  sing N N 238 
PRO CG  CD   sing N N 239 
PRO CG  HG2  sing N N 240 
PRO CG  HG3  sing N N 241 
PRO CD  HD2  sing N N 242 
PRO CD  HD3  sing N N 243 
PRO OXT HXT  sing N N 244 
SER N   CA   sing N N 245 
SER N   H    sing N N 246 
SER N   H2   sing N N 247 
SER CA  C    sing N N 248 
SER CA  CB   sing N N 249 
SER CA  HA   sing N N 250 
SER C   O    doub N N 251 
SER C   OXT  sing N N 252 
SER CB  OG   sing N N 253 
SER CB  HB2  sing N N 254 
SER CB  HB3  sing N N 255 
SER OG  HG   sing N N 256 
SER OXT HXT  sing N N 257 
THR N   CA   sing N N 258 
THR N   H    sing N N 259 
THR N   H2   sing N N 260 
THR CA  C    sing N N 261 
THR CA  CB   sing N N 262 
THR CA  HA   sing N N 263 
THR C   O    doub N N 264 
THR C   OXT  sing N N 265 
THR CB  OG1  sing N N 266 
THR CB  CG2  sing N N 267 
THR CB  HB   sing N N 268 
THR OG1 HG1  sing N N 269 
THR CG2 HG21 sing N N 270 
THR CG2 HG22 sing N N 271 
THR CG2 HG23 sing N N 272 
THR OXT HXT  sing N N 273 
TRP N   CA   sing N N 274 
TRP N   H    sing N N 275 
TRP N   H2   sing N N 276 
TRP CA  C    sing N N 277 
TRP CA  CB   sing N N 278 
TRP CA  HA   sing N N 279 
TRP C   O    doub N N 280 
TRP C   OXT  sing N N 281 
TRP CB  CG   sing N N 282 
TRP CB  HB2  sing N N 283 
TRP CB  HB3  sing N N 284 
TRP CG  CD1  doub Y N 285 
TRP CG  CD2  sing Y N 286 
TRP CD1 NE1  sing Y N 287 
TRP CD1 HD1  sing N N 288 
TRP CD2 CE2  doub Y N 289 
TRP CD2 CE3  sing Y N 290 
TRP NE1 CE2  sing Y N 291 
TRP NE1 HE1  sing N N 292 
TRP CE2 CZ2  sing Y N 293 
TRP CE3 CZ3  doub Y N 294 
TRP CE3 HE3  sing N N 295 
TRP CZ2 CH2  doub Y N 296 
TRP CZ2 HZ2  sing N N 297 
TRP CZ3 CH2  sing Y N 298 
TRP CZ3 HZ3  sing N N 299 
TRP CH2 HH2  sing N N 300 
TRP OXT HXT  sing N N 301 
TYR N   CA   sing N N 302 
TYR N   H    sing N N 303 
TYR N   H2   sing N N 304 
TYR CA  C    sing N N 305 
TYR CA  CB   sing N N 306 
TYR CA  HA   sing N N 307 
TYR C   O    doub N N 308 
TYR C   OXT  sing N N 309 
TYR CB  CG   sing N N 310 
TYR CB  HB2  sing N N 311 
TYR CB  HB3  sing N N 312 
TYR CG  CD1  doub Y N 313 
TYR CG  CD2  sing Y N 314 
TYR CD1 CE1  sing Y N 315 
TYR CD1 HD1  sing N N 316 
TYR CD2 CE2  doub Y N 317 
TYR CD2 HD2  sing N N 318 
TYR CE1 CZ   doub Y N 319 
TYR CE1 HE1  sing N N 320 
TYR CE2 CZ   sing Y N 321 
TYR CE2 HE2  sing N N 322 
TYR CZ  OH   sing N N 323 
TYR OH  HH   sing N N 324 
TYR OXT HXT  sing N N 325 
VAL N   CA   sing N N 326 
VAL N   H    sing N N 327 
VAL N   H2   sing N N 328 
VAL CA  C    sing N N 329 
VAL CA  CB   sing N N 330 
VAL CA  HA   sing N N 331 
VAL C   O    doub N N 332 
VAL C   OXT  sing N N 333 
VAL CB  CG1  sing N N 334 
VAL CB  CG2  sing N N 335 
VAL CB  HB   sing N N 336 
VAL CG1 HG11 sing N N 337 
VAL CG1 HG12 sing N N 338 
VAL CG1 HG13 sing N N 339 
VAL CG2 HG21 sing N N 340 
VAL CG2 HG22 sing N N 341 
VAL CG2 HG23 sing N N 342 
VAL OXT HXT  sing N N 343 
# 
_pdbx_audit_support.funding_organization   
'National Institutes of Health/National Institute of Diabetes and Digestive and Kidney Disease (NIH/NIDDK)' 
_pdbx_audit_support.country                'United States' 
_pdbx_audit_support.grant_number           DK114855 
_pdbx_audit_support.ordinal                1 
# 
_space_group.name_H-M_alt     'P 21 21 21' 
_space_group.name_Hall        'P 2ac 2ab' 
_space_group.IT_number        19 
_space_group.crystal_system   orthorhombic 
_space_group.id               1 
# 
_atom_sites.entry_id                    8EZ6 
_atom_sites.Cartn_transf_matrix[1][1]   ? 
_atom_sites.Cartn_transf_matrix[1][2]   ? 
_atom_sites.Cartn_transf_matrix[1][3]   ? 
_atom_sites.Cartn_transf_matrix[2][1]   ? 
_atom_sites.Cartn_transf_matrix[2][2]   ? 
_atom_sites.Cartn_transf_matrix[2][3]   ? 
_atom_sites.Cartn_transf_matrix[3][1]   ? 
_atom_sites.Cartn_transf_matrix[3][2]   ? 
_atom_sites.Cartn_transf_matrix[3][3]   ? 
_atom_sites.Cartn_transf_vector[1]      ? 
_atom_sites.Cartn_transf_vector[2]      ? 
_atom_sites.Cartn_transf_vector[3]      ? 
_atom_sites.fract_transf_matrix[1][1]   -0.00392063 
_atom_sites.fract_transf_matrix[1][2]   -0.01443296 
_atom_sites.fract_transf_matrix[1][3]   0.02217477 
_atom_sites.fract_transf_matrix[2][1]   0.01206246 
_atom_sites.fract_transf_matrix[2][2]   -0.01391798 
_atom_sites.fract_transf_matrix[2][3]   -0.00692613 
_atom_sites.fract_transf_matrix[3][1]   0.01250852 
_atom_sites.fract_transf_matrix[3][2]   0.00735730 
_atom_sites.fract_transf_matrix[3][3]   0.00700025 
_atom_sites.fract_transf_vector[1]      0.047754 
_atom_sites.fract_transf_vector[2]      -0.292951 
_atom_sites.fract_transf_vector[3]      -0.251705 
_atom_sites.solution_primary            ? 
_atom_sites.solution_secondary          ? 
_atom_sites.solution_hydrogens          ? 
_atom_sites.special_details             ? 
# 
loop_
_atom_type.symbol 
_atom_type.scat_dispersion_real 
_atom_type.scat_dispersion_imag 
_atom_type.scat_Cromer_Mann_a1 
_atom_type.scat_Cromer_Mann_a2 
_atom_type.scat_Cromer_Mann_a3 
_atom_type.scat_Cromer_Mann_a4 
_atom_type.scat_Cromer_Mann_b1 
_atom_type.scat_Cromer_Mann_b2 
_atom_type.scat_Cromer_Mann_b3 
_atom_type.scat_Cromer_Mann_b4 
_atom_type.scat_Cromer_Mann_c 
_atom_type.scat_source 
_atom_type.scat_dispersion_source 
C ? ? 3.54356 2.42580 ? ? 25.62398 1.50364 ? ? 0.0 
;2-Gaussian fit: Grosse-Kunstleve RW, Sauter NK, Adams PD: Newsletter of the IUCr Commission on Crystallographic Computing 2004, 3, 22-31.
;
? 
N ? ? 4.01032 2.96436 ? ? 19.97189 1.75589 ? ? 0.0 
;2-Gaussian fit: Grosse-Kunstleve RW, Sauter NK, Adams PD: Newsletter of the IUCr Commission on Crystallographic Computing 2004, 3, 22-31.
;
? 
O ? ? 4.49882 3.47563 ? ? 15.80542 1.70748 ? ? 0.0 
;2-Gaussian fit: Grosse-Kunstleve RW, Sauter NK, Adams PD: Newsletter of the IUCr Commission on Crystallographic Computing 2004, 3, 22-31.
;
? 
# 
loop_
_atom_site.group_PDB 
_atom_site.id 
_atom_site.type_symbol 
_atom_site.label_atom_id 
_atom_site.label_alt_id 
_atom_site.label_comp_id 
_atom_site.label_asym_id 
_atom_site.label_entity_id 
_atom_site.label_seq_id 
_atom_site.pdbx_PDB_ins_code 
_atom_site.Cartn_x 
_atom_site.Cartn_y 
_atom_site.Cartn_z 
_atom_site.occupancy 
_atom_site.B_iso_or_equiv 
_atom_site.pdbx_formal_charge 
_atom_site.auth_seq_id 
_atom_site.auth_comp_id 
_atom_site.auth_asym_id 
_atom_site.auth_atom_id 
_atom_site.pdbx_PDB_model_num 
ATOM   1    N N   . GLU A 1 5  ? -3.53955  4.17258   21.66481  1.000 38.52000 ? 53  GLU A N   1 
ATOM   2    C CA  . GLU A 1 5  ? -4.64867  3.90138   20.75544  1.000 40.50000 ? 53  GLU A CA  1 
ATOM   3    C C   . GLU A 1 5  ? -4.54532  4.69874   19.44964  1.000 29.74000 ? 53  GLU A C   1 
ATOM   4    O O   . GLU A 1 5  ? -4.65216  4.12302   18.37211  1.000 35.80000 ? 53  GLU A O   1 
ATOM   5    C CB  . GLU A 1 5  ? -6.00141  4.17502   21.43498  1.000 45.23000 ? 53  GLU A CB  1 
ATOM   6    C CG  . GLU A 1 5  ? -6.30296  3.23219   22.59417  1.000 59.71000 ? 53  GLU A CG  1 
ATOM   7    C CD  . GLU A 1 5  ? -7.65455  3.48512   23.25199  1.000 66.33000 ? 53  GLU A CD  1 
ATOM   8    O OE1 . GLU A 1 5  ? -8.31767  4.48955   22.91401  1.000 65.99000 ? 53  GLU A OE1 1 
ATOM   9    O OE2 . GLU A 1 5  ? -8.05006  2.67598   24.12093  1.000 67.96000 ? 53  GLU A OE2 1 
ATOM   10   N N   . LYS A 1 6  ? -4.33927  6.01359   19.53854  1.000 24.03000 ? 54  LYS A N   1 
ATOM   11   C CA  . LYS A 1 6  ? -4.29169  6.84115   18.33058  1.000 24.08000 ? 54  LYS A CA  1 
ATOM   12   C C   . LYS A 1 6  ? -2.92577  6.79989   17.65024  1.000 25.00000 ? 54  LYS A C   1 
ATOM   13   O O   . LYS A 1 6  ? -2.83486  6.93487   16.43218  1.000 20.91000 ? 54  LYS A O   1 
ATOM   14   C CB  . LYS A 1 6  ? -4.65309  8.29372   18.64884  1.000 29.99000 ? 54  LYS A CB  1 
ATOM   15   C CG  . LYS A 1 6  ? -6.15419  8.56597   18.78016  1.000 35.03000 ? 54  LYS A CG  1 
ATOM   16   C CD  . LYS A 1 6  ? -6.42329  10.07296  18.80035  1.000 33.18000 ? 54  LYS A CD  1 
ATOM   17   C CE  . LYS A 1 6  ? -7.91024  10.40325  18.79706  1.000 35.57000 ? 54  LYS A CE  1 
ATOM   18   N NZ  . LYS A 1 6  ? -8.49377  10.40392  20.16587  1.000 45.58000 ? 54  LYS A NZ  1 
ATOM   19   N N   . GLN A 1 7  ? -1.87296  6.61862   18.43608  1.000 18.12000 ? 55  GLN A N   1 
ATOM   20   C CA  . GLN A 1 7  ? -0.51973  6.51396   17.89798  1.000 18.68000 ? 55  GLN A CA  1 
ATOM   21   C C   . GLN A 1 7  ? 0.20952   5.36003   18.58336  1.000 21.91000 ? 55  GLN A C   1 
ATOM   22   O O   . GLN A 1 7  ? -0.07574  5.03981   19.73575  1.000 18.55000 ? 55  GLN A O   1 
ATOM   23   C CB  . GLN A 1 7  ? 0.26167   7.81591   18.08866  1.000 21.73000 ? 55  GLN A CB  1 
ATOM   24   C CG  . GLN A 1 7  ? -0.24406  9.01597   17.28225  1.000 20.38000 ? 55  GLN A CG  1 
ATOM   25   C CD  . GLN A 1 7  ? 0.55888   10.28434  17.57791  1.000 25.43000 ? 55  GLN A CD  1 
ATOM   26   O OE1 . GLN A 1 7  ? 0.89186   10.55999  18.72325  1.000 18.62000 ? 55  GLN A OE1 1 
ATOM   27   N NE2 . GLN A 1 7  ? 0.88258   11.04590  16.53744  1.000 26.69000 ? 55  GLN A NE2 1 
ATOM   28   N N   . ARG A 1 8  ? 1.06445   4.67516   17.83765  1.000 15.64000 ? 56  ARG A N   1 
ATOM   29   C CA  . ARG A 1 8  ? 1.87338   3.59459   18.39791  1.000 16.55000 ? 56  ARG A CA  1 
ATOM   30   C C   . ARG A 1 8  ? 3.33056   3.71116   17.90879  1.000 19.40000 ? 56  ARG A C   1 
ATOM   31   O O   . ARG A 1 8  ? 3.57200   4.09791   16.75095  1.000 14.12000 ? 56  ARG A O   1 
ATOM   32   C CB  . ARG A 1 8  ? 1.26231   2.24963   18.00791  1.000 20.15000 ? 56  ARG A CB  1 
ATOM   33   C CG  . ARG A 1 8  ? 1.74309   1.06767   18.81688  1.000 29.88000 ? 56  ARG A CG  1 
ATOM   34   C CD  . ARG A 1 8  ? 1.13459   -0.21696  18.27602  1.000 33.83000 ? 56  ARG A CD  1 
ATOM   35   N NE  . ARG A 1 8  ? 1.68690   -1.40245  18.92406  1.000 40.22000 ? 56  ARG A NE  1 
ATOM   36   C CZ  . ARG A 1 8  ? 1.41527   -2.64792  18.55028  1.000 47.13000 ? 56  ARG A CZ  1 
ATOM   37   N NH1 . ARG A 1 8  ? 0.59810   -2.87410  17.52763  1.000 53.63000 ? 56  ARG A NH1 1 
ATOM   38   N NH2 . ARG A 1 8  ? 1.95925   -3.66812  19.19828  1.000 42.23000 ? 56  ARG A NH2 1 
ATOM   39   N N   . VAL A 1 9  ? 4.28904   3.36284   18.76946  1.000 18.47000 ? 57  VAL A N   1 
ATOM   40   C CA  . VAL A 1 9  ? 5.69607   3.24940   18.36542  1.000 14.90000 ? 57  VAL A CA  1 
ATOM   41   C C   . VAL A 1 9  ? 6.12462   1.79314   18.52947  1.000 17.29000 ? 57  VAL A C   1 
ATOM   42   O O   . VAL A 1 9  ? 5.96167   1.20587   19.61048  1.000 15.36000 ? 57  VAL A O   1 
ATOM   43   C CB  . VAL A 1 9  ? 6.62857   4.16392   19.18584  1.000 14.37000 ? 57  VAL A CB  1 
ATOM   44   C CG1 . VAL A 1 9  ? 8.08589   3.94781   18.77453  1.000 15.94000 ? 57  VAL A CG1 1 
ATOM   45   C CG2 . VAL A 1 9  ? 6.22549   5.64168   19.03426  1.000 13.83000 ? 57  VAL A CG2 1 
ATOM   46   N N   . PHE A 1 10 ? 6.67809   1.20930   17.47053  1.000 10.96000 ? 58  PHE A N   1 
ATOM   47   C CA  . PHE A 1 10 ? 6.93695   -0.22301  17.49834  1.000 12.71000 ? 58  PHE A CA  1 
ATOM   48   C C   . PHE A 1 10 ? 8.00832   -0.62167  16.48626  1.000 14.13000 ? 58  PHE A C   1 
ATOM   49   O O   . PHE A 1 10 ? 8.33139   0.14832   15.56696  1.000 14.12000 ? 58  PHE A O   1 
ATOM   50   C CB  . PHE A 1 10 ? 5.63449   -0.98586  17.21180  1.000 13.16000 ? 58  PHE A CB  1 
ATOM   51   C CG  . PHE A 1 10 ? 5.04530   -0.69436  15.84993  1.000 17.05000 ? 58  PHE A CG  1 
ATOM   52   C CD1 . PHE A 1 10 ? 4.28883   0.44371   15.62344  1.000 17.46000 ? 58  PHE A CD1 1 
ATOM   53   C CD2 . PHE A 1 10 ? 5.24214   -1.57931  14.80334  1.000 14.28000 ? 58  PHE A CD2 1 
ATOM   54   C CE1 . PHE A 1 10 ? 3.76314   0.70314   14.37978  1.000 19.39000 ? 58  PHE A CE1 1 
ATOM   55   C CE2 . PHE A 1 10 ? 4.71799   -1.32720  13.56001  1.000 16.54000 ? 58  PHE A CE2 1 
ATOM   56   C CZ  . PHE A 1 10 ? 3.98078   -0.17825  13.34522  1.000 18.04000 ? 58  PHE A CZ  1 
ATOM   57   N N   . THR A 1 11 ? 8.56679   -1.81657  16.63833  1.000 13.99000 ? 59  THR A N   1 
ATOM   58   C CA  . THR A 1 11 ? 9.41684   -2.33481  15.57201  1.000 15.52000 ? 59  THR A CA  1 
ATOM   59   C C   . THR A 1 11 ? 8.59329   -3.32373  14.77550  1.000 18.03000 ? 59  THR A C   1 
ATOM   60   O O   . THR A 1 11 ? 7.72695   -4.00484  15.32006  1.000 13.52000 ? 59  THR A O   1 
ATOM   61   C CB  . THR A 1 11 ? 10.68462  -3.03332  16.08694  1.000 15.39000 ? 59  THR A CB  1 
ATOM   62   O OG1 . THR A 1 11 ? 10.32725  -4.26007  16.75354  1.000 16.59000 ? 59  THR A OG1 1 
ATOM   63   C CG2 . THR A 1 11 ? 11.45294  -2.11146  17.01579  1.000 14.33000 ? 59  THR A CG2 1 
ATOM   64   N N   . GLY A 1 12 ? 8.89023   -3.42513  13.49067  1.000 16.20000 ? 60  GLY A N   1 
ATOM   65   C CA  . GLY A 1 12 ? 8.17757   -4.32345  12.61714  1.000 15.99000 ? 60  GLY A CA  1 
ATOM   66   C C   . GLY A 1 12 ? 9.03325   -4.61413  11.39597  1.000 12.47000 ? 60  GLY A C   1 
ATOM   67   O O   . GLY A 1 12 ? 10.12722  -4.07471  11.25415  1.000 13.84000 ? 60  GLY A O   1 
ATOM   68   N N   . ILE A 1 13 ? 8.52911   -5.49183  10.54016  1.000 13.57000 ? 61  ILE A N   1 
ATOM   69   C CA  . ILE A 1 13 ? 9.23047   -5.93486  9.33365   1.000 14.72000 ? 61  ILE A CA  1 
ATOM   70   C C   . ILE A 1 13 ? 8.64091   -5.26254  8.08087   1.000 15.09000 ? 61  ILE A C   1 
ATOM   71   O O   . ILE A 1 13 ? 7.42418   -5.24190  7.89486   1.000 17.46000 ? 61  ILE A O   1 
ATOM   72   C CB  . ILE A 1 13 ? 9.13257   -7.46241  9.20141   1.000 11.47000 ? 61  ILE A CB  1 
ATOM   73   C CG1 . ILE A 1 13 ? 9.59817   -8.16098  10.49843  1.000 16.84000 ? 61  ILE A CG1 1 
ATOM   74   C CG2 . ILE A 1 13 ? 9.89873   -7.96953  7.96948   1.000 16.14000 ? 61  ILE A CG2 1 
ATOM   75   C CD1 . ILE A 1 13 ? 11.05376  -7.90105  10.87189  1.000 20.56000 ? 61  ILE A CD1 1 
ATOM   76   N N   . VAL A 1 14 ? 9.49509   -4.70669  7.22707   1.000 14.76000 ? 62  VAL A N   1 
ATOM   77   C CA  . VAL A 1 14 ? 9.04795   -4.22962  5.91581   1.000 12.77000 ? 62  VAL A CA  1 
ATOM   78   C C   . VAL A 1 14 ? 8.61057   -5.43809  5.08810   1.000 17.12000 ? 62  VAL A C   1 
ATOM   79   O O   . VAL A 1 14 ? 9.43363   -6.30760  4.75453   1.000 15.16000 ? 62  VAL A O   1 
ATOM   80   C CB  . VAL A 1 14 ? 10.15651  -3.44943  5.15650   1.000 15.34000 ? 62  VAL A CB  1 
ATOM   81   C CG1 . VAL A 1 14 ? 9.68290   -3.05127  3.73612   1.000 16.19000 ? 62  VAL A CG1 1 
ATOM   82   C CG2 . VAL A 1 14 ? 10.57323  -2.20377  5.93601   1.000 12.07000 ? 62  VAL A CG2 1 
ATOM   83   N N   . THR A 1 15 ? 7.31570   -5.51133  4.78133   1.000 15.35000 ? 63  THR A N   1 
ATOM   84   C CA  . THR A 1 15 ? 6.75607   -6.67608  4.08471   1.000 14.15000 ? 63  THR A CA  1 
ATOM   85   C C   . THR A 1 15 ? 6.51463   -6.42578  2.59588   1.000 18.18000 ? 63  THR A C   1 
ATOM   86   O O   . THR A 1 15 ? 6.28719   -7.36831  1.84087   1.000 22.54000 ? 63  THR A O   1 
ATOM   87   C CB  . THR A 1 15 ? 5.45148   -7.14404  4.73032   1.000 17.46000 ? 63  THR A CB  1 
ATOM   88   O OG1 . THR A 1 15 ? 4.56434   -6.03049  4.89659   1.000 17.13000 ? 63  THR A OG1 1 
ATOM   89   C CG2 . THR A 1 15 ? 5.74100   -7.74630  6.10955   1.000 17.39000 ? 63  THR A CG2 1 
ATOM   90   N N   . SER A 1 16 ? 6.48940   -5.16183  2.18256   1.000 18.38000 ? 64  SER A N   1 
ATOM   91   C CA  . SER A 1 16 ? 6.52780   -4.83646  0.75467   1.000 20.10000 ? 64  SER A CA  1 
ATOM   92   C C   . SER A 1 16 ? 7.10014   -3.41985  0.53553   1.000 19.83000 ? 64  SER A C   1 
ATOM   93   O O   . SER A 1 16 ? 7.08775   -2.57038  1.43483   1.000 16.32000 ? 64  SER A O   1 
ATOM   94   C CB  . SER A 1 16 ? 5.15180   -5.00601  0.09105   1.000 23.13000 ? 64  SER A CB  1 
ATOM   95   O OG  . SER A 1 16 ? 4.24503   -4.05049  0.53214   1.000 21.91000 ? 64  SER A OG  1 
ATOM   96   N N   . LEU A 1 17 ? 7.62421   -3.19465  -0.66061  1.000 18.12000 ? 65  LEU A N   1 
ATOM   97   C CA  . LEU A 1 17 ? 8.32643   -1.96253  -1.02150  1.000 18.51000 ? 65  LEU A CA  1 
ATOM   98   C C   . LEU A 1 17 ? 7.96957   -1.62317  -2.44141  1.000 22.08000 ? 65  LEU A C   1 
ATOM   99   O O   . LEU A 1 17 ? 7.95910   -2.50019  -3.29393  1.000 22.45000 ? 65  LEU A O   1 
ATOM   100  C CB  . LEU A 1 17 ? 9.84092   -2.11987  -0.92006  1.000 19.79000 ? 65  LEU A CB  1 
ATOM   101  C CG  . LEU A 1 17 ? 10.55900  -1.76576  0.36614   1.000 25.54000 ? 65  LEU A CG  1 
ATOM   102  C CD1 . LEU A 1 17 ? 12.02847  -2.11422  0.19651   1.000 25.24000 ? 65  LEU A CD1 1 
ATOM   103  C CD2 . LEU A 1 17 ? 10.36555  -0.28323  0.68655   1.000 24.23000 ? 65  LEU A CD2 1 
ATOM   104  N N   . HIS A 1 18 ? 7.60082   -0.37233  -2.68517  1.000 19.34000 ? 66  HIS A N   1 
ATOM   105  C CA  . HIS A 1 18 ? 7.03356   -0.00031  -3.97749  1.000 22.00000 ? 66  HIS A CA  1 
ATOM   106  C C   . HIS A 1 18 ? 7.64683   1.34226   -4.37147  1.000 22.09000 ? 66  HIS A C   1 
ATOM   107  O O   . HIS A 1 18 ? 8.58178   1.79887   -3.72322  1.000 25.15000 ? 66  HIS A O   1 
ATOM   108  C CB  . HIS A 1 18 ? 5.51495   0.00447   -4.01249  1.000 20.51000 ? 66  HIS A CB  1 
ATOM   109  C CG  . HIS A 1 18 ? 4.93048   -1.27714  -3.50618  1.000 21.23000 ? 66  HIS A CG  1 
ATOM   110  N ND1 . HIS A 1 18 ? 4.82744   -2.40787  -4.28569  1.000 22.43000 ? 66  HIS A ND1 1 
ATOM   111  C CD2 . HIS A 1 18 ? 4.40672   -1.60137  -2.30088  1.000 21.44000 ? 66  HIS A CD2 1 
ATOM   112  C CE1 . HIS A 1 18 ? 4.29828   -3.38615  -3.57097  1.000 20.98000 ? 66  HIS A CE1 1 
ATOM   113  N NE2 . HIS A 1 18 ? 4.02502   -2.91939  -2.36259  1.000 24.81000 ? 66  HIS A NE2 1 
ATOM   114  N N   . ASP A 1 19 ? 7.14142   1.97069   -5.42927  1.000 26.23000 ? 67  ASP A N   1 
ATOM   115  C CA  . ASP A 1 19 ? 7.80304   3.16199   -5.95781  1.000 28.34000 ? 67  ASP A CA  1 
ATOM   116  C C   . ASP A 1 19 ? 7.94557   4.28584   -4.93093  1.000 28.26000 ? 67  ASP A C   1 
ATOM   117  O O   . ASP A 1 19 ? 9.03904   4.79958   -4.71804  1.000 23.51000 ? 67  ASP A O   1 
ATOM   118  C CB  . ASP A 1 19 ? 7.04191   3.69200   -7.17795  1.000 30.04000 ? 67  ASP A CB  1 
ATOM   119  C CG  . ASP A 1 19 ? 7.38979   2.94514   -8.45774  1.000 35.38000 ? 67  ASP A CG  1 
ATOM   120  O OD1 . ASP A 1 19 ? 8.27536   2.06245   -8.41733  1.000 36.74000 ? 67  ASP A OD1 1 
ATOM   121  O OD2 . ASP A 1 19 ? 6.77751   3.24750   -9.50664  1.000 41.96000 ? 67  ASP A OD2 1 
ATOM   122  N N   . TYR A 1 20 ? 6.84894   4.61886   -4.26276  1.000 21.28000 ? 68  TYR A N   1 
ATOM   123  C CA  . TYR A 1 20 ? 6.81233   5.76571   -3.36115  1.000 21.30000 ? 68  TYR A CA  1 
ATOM   124  C C   . TYR A 1 20 ? 6.20917   5.40978   -2.00597  1.000 18.31000 ? 68  TYR A C   1 
ATOM   125  O O   . TYR A 1 20 ? 5.86621   6.28836   -1.22096  1.000 17.68000 ? 68  TYR A O   1 
ATOM   126  C CB  . TYR A 1 20 ? 5.99810   6.90157   -3.97924  1.000 24.73000 ? 68  TYR A CB  1 
ATOM   127  C CG  . TYR A 1 20 ? 6.70704   7.54040   -5.15330  1.000 34.28000 ? 68  TYR A CG  1 
ATOM   128  C CD1 . TYR A 1 20 ? 7.63842   8.55300   -4.94953  1.000 35.84000 ? 68  TYR A CD1 1 
ATOM   129  C CD2 . TYR A 1 20 ? 6.46659   7.12588   -6.46072  1.000 37.60000 ? 68  TYR A CD2 1 
ATOM   130  C CE1 . TYR A 1 20 ? 8.30770   9.14431   -6.01197  1.000 33.45000 ? 68  TYR A CE1 1 
ATOM   131  C CE2 . TYR A 1 20 ? 7.13451   7.71772   -7.53511  1.000 37.11000 ? 68  TYR A CE2 1 
ATOM   132  C CZ  . TYR A 1 20 ? 8.05126   8.72446   -7.29674  1.000 34.90000 ? 68  TYR A CZ  1 
ATOM   133  O OH  . TYR A 1 20 ? 8.72181   9.31719   -8.33993  1.000 44.67000 ? 68  TYR A OH  1 
ATOM   134  N N   . PHE A 1 21 ? 6.07402   4.11981   -1.73444  1.000 19.74000 ? 69  PHE A N   1 
ATOM   135  C CA  . PHE A 1 21 ? 5.55503   3.70644   -0.44398  1.000 15.68000 ? 69  PHE A CA  1 
ATOM   136  C C   . PHE A 1 21 ? 5.93581   2.28260   -0.15268  1.000 17.94000 ? 69  PHE A C   1 
ATOM   137  O O   . PHE A 1 21 ? 6.40892   1.55840   -1.02408  1.000 17.99000 ? 69  PHE A O   1 
ATOM   138  C CB  . PHE A 1 21 ? 4.02713   3.86072   -0.38935  1.000 16.22000 ? 69  PHE A CB  1 
ATOM   139  C CG  . PHE A 1 21 ? 3.28137   2.87609   -1.24651  1.000 17.95000 ? 69  PHE A CG  1 
ATOM   140  C CD1 . PHE A 1 21 ? 3.03180   3.15293   -2.57838  1.000 21.39000 ? 69  PHE A CD1 1 
ATOM   141  C CD2 . PHE A 1 21 ? 2.82509   1.68081   -0.72166  1.000 19.35000 ? 69  PHE A CD2 1 
ATOM   142  C CE1 . PHE A 1 21 ? 2.32933   2.26563   -3.35971  1.000 25.56000 ? 69  PHE A CE1 1 
ATOM   143  C CE2 . PHE A 1 21 ? 2.12831   0.78070   -1.50429  1.000 20.83000 ? 69  PHE A CE2 1 
ATOM   144  C CZ  . PHE A 1 21 ? 1.88059   1.07222   -2.82266  1.000 21.33000 ? 69  PHE A CZ  1 
ATOM   145  N N   . GLY A 1 22 ? 5.75884   1.89227   1.09624   1.000 15.38000 ? 70  GLY A N   1 
ATOM   146  C CA  . GLY A 1 22 ? 5.98863   0.51807   1.49929   1.000 16.04000 ? 70  GLY A CA  1 
ATOM   147  C C   . GLY A 1 22 ? 4.93431   0.14077   2.52077   1.000 18.29000 ? 70  GLY A C   1 
ATOM   148  O O   . GLY A 1 22 ? 4.07490   0.96785   2.86493   1.000 14.77000 ? 70  GLY A O   1 
ATOM   149  N N   . VAL A 1 23 ? 5.01960   -1.09576  3.01200   1.000 12.93000 ? 71  VAL A N   1 
ATOM   150  C CA  . VAL A 1 23 ? 4.12495   -1.60637  4.04248   1.000 12.76000 ? 71  VAL A CA  1 
ATOM   151  C C   . VAL A 1 23 ? 4.97590   -2.33119  5.09743   1.000 15.90000 ? 71  VAL A C   1 
ATOM   152  O O   . VAL A 1 23 ? 5.97771   -2.98785  4.76393   1.000 15.39000 ? 71  VAL A O   1 
ATOM   153  C CB  . VAL A 1 23 ? 3.05931   -2.57851  3.44689   1.000 17.21000 ? 71  VAL A CB  1 
ATOM   154  C CG1 . VAL A 1 23 ? 2.13052   -3.11582  4.52271   1.000 14.99000 ? 71  VAL A CG1 1 
ATOM   155  C CG2 . VAL A 1 23 ? 2.24398   -1.88654  2.34670   1.000 16.15000 ? 71  VAL A CG2 1 
ATOM   156  N N   . VAL A 1 24 ? 4.59872   -2.17461  6.36177   1.000 14.47000 ? 72  VAL A N   1 
ATOM   157  C CA  . VAL A 1 24 ? 5.22978   -2.86110  7.49084   1.000 11.81000 ? 72  VAL A CA  1 
ATOM   158  C C   . VAL A 1 24 ? 4.23383   -3.83157  8.12691   1.000 16.44000 ? 72  VAL A C   1 
ATOM   159  O O   . VAL A 1 24 ? 3.06767   -3.47275  8.33520   1.000 16.00000 ? 72  VAL A O   1 
ATOM   160  C CB  . VAL A 1 24 ? 5.74027   -1.85674  8.55203   1.000 16.49000 ? 72  VAL A CB  1 
ATOM   161  C CG1 . VAL A 1 24 ? 6.08080   -2.55488  9.87184   1.000 13.82000 ? 72  VAL A CG1 1 
ATOM   162  C CG2 . VAL A 1 24 ? 6.95289   -1.10806  8.01738   1.000 15.09000 ? 72  VAL A CG2 1 
ATOM   163  N N   . ASP A 1 25 ? 4.68616   -5.05225  8.42437   1.000 14.50000 ? 73  ASP A N   1 
ATOM   164  C CA  . ASP A 1 25 ? 3.84394   -6.08797  9.02464   1.000 18.53000 ? 73  ASP A CA  1 
ATOM   165  C C   . ASP A 1 25 ? 2.53879   -6.32360  8.27625   1.000 19.13000 ? 73  ASP A C   1 
ATOM   166  O O   . ASP A 1 25 ? 1.53353   -6.68590  8.89279   1.000 15.28000 ? 73  ASP A O   1 
ATOM   167  C CB  . ASP A 1 25 ? 3.52753   -5.74212  10.48322  1.000 18.01000 ? 73  ASP A CB  1 
ATOM   168  C CG  . ASP A 1 25 ? 4.76746   -5.71707  11.35080  1.000 18.21000 ? 73  ASP A CG  1 
ATOM   169  O OD1 . ASP A 1 25 ? 5.76204   -6.36981  10.95705  1.000 19.66000 ? 73  ASP A OD1 1 
ATOM   170  O OD2 . ASP A 1 25 ? 4.74510   -5.05594  12.41523  1.000 23.60000 ? 73  ASP A OD2 1 
ATOM   171  N N   . GLU A 1 26 ? 2.56090   -6.11924  6.96091   1.000 17.36000 ? 74  GLU A N   1 
ATOM   172  C CA  . GLU A 1 26 ? 1.38235   -6.29900  6.10482   1.000 20.92000 ? 74  GLU A CA  1 
ATOM   173  C C   . GLU A 1 26 ? 0.19384   -5.38594  6.50706   1.000 20.04000 ? 74  GLU A C   1 
ATOM   174  O O   . GLU A 1 26 ? -0.92606  -5.59826  6.04301   1.000 27.56000 ? 74  GLU A O   1 
ATOM   175  C CB  . GLU A 1 26 ? 0.92182   -7.77014  6.15385   1.000 21.88000 ? 74  GLU A CB  1 
ATOM   176  C CG  . GLU A 1 26 ? 1.82373   -8.82543  5.46724   1.000 24.71000 ? 74  GLU A CG  1 
ATOM   177  C CD  . GLU A 1 26 ? 1.89041   -8.73009  3.94288   1.000 27.09000 ? 74  GLU A CD  1 
ATOM   178  O OE1 . GLU A 1 26 ? 1.22368   -7.86520  3.35061   1.000 36.12000 ? 74  GLU A OE1 1 
ATOM   179  O OE2 . GLU A 1 26 ? 2.60516   -9.55055  3.32777   1.000 35.47000 ? 74  GLU A OE2 1 
ATOM   180  N N   . GLU A 1 27 ? 0.40921   -4.37165  7.34402   1.000 19.32000 ? 75  GLU A N   1 
ATOM   181  C CA  . GLU A 1 27 ? -0.74635  -3.58186  7.79852   1.000 17.76000 ? 75  GLU A CA  1 
ATOM   182  C C   . GLU A 1 27 ? -0.48122  -2.08052  8.00477   1.000 24.10000 ? 75  GLU A C   1 
ATOM   183  O O   . GLU A 1 27 ? -1.42062  -1.30184  8.17905   1.000 25.43000 ? 75  GLU A O   1 
ATOM   184  C CB  . GLU A 1 27 ? -1.30496  -4.15659  9.10842   1.000 20.30000 ? 75  GLU A CB  1 
ATOM   185  C CG  . GLU A 1 27 ? -0.43231  -3.89523  10.32178  1.000 30.34000 ? 75  GLU A CG  1 
ATOM   186  C CD  . GLU A 1 27 ? -0.99268  -4.48597  11.61252  1.000 43.86000 ? 75  GLU A CD  1 
ATOM   187  O OE1 . GLU A 1 27 ? -2.20058  -4.81767  11.64986  1.000 41.53000 ? 75  GLU A OE1 1 
ATOM   188  O OE2 . GLU A 1 27 ? -0.22220  -4.58683  12.59739  1.000 43.62000 ? 75  GLU A OE2 1 
ATOM   189  N N   . VAL A 1 28 ? 0.78457   -1.68612  8.05587   1.000 17.54000 ? 76  VAL A N   1 
ATOM   190  C CA  . VAL A 1 28 ? 1.13901   -0.29515  8.30138   1.000 16.98000 ? 76  VAL A CA  1 
ATOM   191  C C   . VAL A 1 28 ? 1.74946   0.30683   7.04973   1.000 18.78000 ? 76  VAL A C   1 
ATOM   192  O O   . VAL A 1 28 ? 2.84611   -0.06937  6.65018   1.000 15.65000 ? 76  VAL A O   1 
ATOM   193  C CB  . VAL A 1 28 ? 2.13678   -0.15530  9.46260   1.000 17.83000 ? 76  VAL A CB  1 
ATOM   194  C CG1 . VAL A 1 28 ? 2.42360   1.32690   9.74226   1.000 15.81000 ? 76  VAL A CG1 1 
ATOM   195  C CG2 . VAL A 1 28 ? 1.61146   -0.85519  10.70417  1.000 20.07000 ? 76  VAL A CG2 1 
ATOM   196  N N   . PHE A 1 29 ? 1.01290   1.21773   6.42802   1.000 16.82000 ? 77  PHE A N   1 
ATOM   197  C CA  . PHE A 1 29 ? 1.42022   1.87711   5.19591   1.000 16.93000 ? 77  PHE A CA  1 
ATOM   198  C C   . PHE A 1 29 ? 2.44908   2.96966   5.47981   1.000 17.35000 ? 77  PHE A C   1 
ATOM   199  O O   . PHE A 1 29 ? 2.28924   3.72390   6.42735   1.000 15.91000 ? 77  PHE A O   1 
ATOM   200  C CB  . PHE A 1 29 ? 0.16467   2.43401   4.52945   1.000 19.11000 ? 77  PHE A CB  1 
ATOM   201  C CG  . PHE A 1 29 ? 0.38478   3.10444   3.19907   1.000 19.99000 ? 77  PHE A CG  1 
ATOM   202  C CD1 . PHE A 1 29 ? 0.74645   4.44555   3.12270   1.000 18.57000 ? 77  PHE A CD1 1 
ATOM   203  C CD2 . PHE A 1 29 ? 0.15476   2.40776   2.02225   1.000 21.15000 ? 77  PHE A CD2 1 
ATOM   204  C CE1 . PHE A 1 29 ? 0.91466   5.07432   1.88509   1.000 21.87000 ? 77  PHE A CE1 1 
ATOM   205  C CE2 . PHE A 1 29 ? 0.32108   3.02918   0.78192   1.000 19.77000 ? 77  PHE A CE2 1 
ATOM   206  C CZ  . PHE A 1 29 ? 0.70364   4.35257   0.71219   1.000 19.33000 ? 77  PHE A CZ  1 
ATOM   207  N N   . PHE A 1 30 ? 3.48301   3.09779   4.65078   1.000 13.34000 ? 78  PHE A N   1 
ATOM   208  C CA  . PHE A 1 30 ? 4.35288   4.25501   4.81477   1.000 15.19000 ? 78  PHE A CA  1 
ATOM   209  C C   . PHE A 1 30 ? 4.81462   4.83532   3.49257   1.000 13.23000 ? 78  PHE A C   1 
ATOM   210  O O   . PHE A 1 30 ? 5.28883   4.12150   2.62210   1.000 13.66000 ? 78  PHE A O   1 
ATOM   211  C CB  . PHE A 1 30 ? 5.56412   3.91722   5.70527   1.000 12.09000 ? 78  PHE A CB  1 
ATOM   212  C CG  . PHE A 1 30 ? 6.55662   2.93741   5.10430   1.000 15.67000 ? 78  PHE A CG  1 
ATOM   213  C CD1 . PHE A 1 30 ? 6.35435   1.56171   5.21529   1.000 13.20000 ? 78  PHE A CD1 1 
ATOM   214  C CD2 . PHE A 1 30 ? 7.72211   3.39667   4.48392   1.000 15.22000 ? 78  PHE A CD2 1 
ATOM   215  C CE1 . PHE A 1 30 ? 7.29049   0.64317   4.68284   1.000 15.65000 ? 78  PHE A CE1 1 
ATOM   216  C CE2 . PHE A 1 30 ? 8.67252   2.48743   3.95763   1.000 13.47000 ? 78  PHE A CE2 1 
ATOM   217  C CZ  . PHE A 1 30 ? 8.44354   1.10971   4.05172   1.000 15.62000 ? 78  PHE A CZ  1 
ATOM   218  N N   . GLN A 1 31 ? 4.63755   6.14546   3.35267   1.000 16.18000 ? 79  GLN A N   1 
ATOM   219  C CA  . GLN A 1 31 ? 5.19994   6.88299   2.21935   1.000 15.01000 ? 79  GLN A CA  1 
ATOM   220  C C   . GLN A 1 31 ? 6.71693   6.97313   2.37616   1.000 15.23000 ? 79  GLN A C   1 
ATOM   221  O O   . GLN A 1 31 ? 7.22953   7.11667   3.48899   1.000 14.18000 ? 79  GLN A O   1 
ATOM   222  C CB  . GLN A 1 31 ? 4.63010   8.30665   2.14179   1.000 17.69000 ? 79  GLN A CB  1 
ATOM   223  C CG  . GLN A 1 31 ? 3.10544   8.33138   2.03909   1.000 22.08000 ? 79  GLN A CG  1 
ATOM   224  C CD  . GLN A 1 31 ? 2.54755   9.66883   1.55893   1.000 34.51000 ? 79  GLN A CD  1 
ATOM   225  O OE1 . GLN A 1 31 ? 3.29176   10.53897  1.11219   1.000 41.13000 ? 79  GLN A OE1 1 
ATOM   226  N NE2 . GLN A 1 31 ? 1.22958   9.83399   1.65052   1.000 32.81000 ? 79  GLN A NE2 1 
ATOM   227  N N   . LEU A 1 32 ? 7.45093   6.84872   1.28511   1.000 13.04000 ? 80  LEU A N   1 
ATOM   228  C CA  . LEU A 1 32 ? 8.90032   6.86970   1.40064   1.000 16.78000 ? 80  LEU A CA  1 
ATOM   229  C C   . LEU A 1 32 ? 9.35456   8.19493   2.02025   1.000 15.57000 ? 80  LEU A C   1 
ATOM   230  O O   . LEU A 1 32 ? 10.40570  8.26742   2.65976   1.000 14.88000 ? 80  LEU A O   1 
ATOM   231  C CB  . LEU A 1 32 ? 9.55045   6.62103   0.03536   1.000 16.91000 ? 80  LEU A CB  1 
ATOM   232  C CG  . LEU A 1 32 ? 9.32739   5.19182   -0.47837  1.000 22.46000 ? 80  LEU A CG  1 
ATOM   233  C CD1 . LEU A 1 32 ? 10.28048  4.84997   -1.62878  1.000 25.67000 ? 80  LEU A CD1 1 
ATOM   234  C CD2 . LEU A 1 32 ? 9.41845   4.16443   0.64816   1.000 19.65000 ? 80  LEU A CD2 1 
ATOM   235  N N   . SER A 1 33 ? 8.51972   9.22489   1.90011   1.000 15.90000 ? 81  SER A N   1 
ATOM   236  C CA  . SER A 1 33 ? 8.84271   10.53194  2.48107   1.000 16.46000 ? 81  SER A CA  1 
ATOM   237  C C   . SER A 1 33 ? 8.92586   10.53957  4.02536   1.000 15.16000 ? 81  SER A C   1 
ATOM   238  O O   . SER A 1 33 ? 9.47816   11.46779  4.59931   1.000 16.05000 ? 81  SER A O   1 
ATOM   239  C CB  . SER A 1 33 ? 7.82547   11.57126  2.01876   1.000 16.01000 ? 81  SER A CB  1 
ATOM   240  O OG  . SER A 1 33 ? 6.51171   11.19254  2.38672   1.000 20.01000 ? 81  SER A OG  1 
ATOM   241  N N   . VAL A 1 34 ? 8.40403   9.51858   4.70514   1.000 14.30000 ? 82  VAL A N   1 
ATOM   242  C CA  . VAL A 1 34 ? 8.54872   9.48318   6.17320   1.000 13.10000 ? 82  VAL A CA  1 
ATOM   243  C C   . VAL A 1 34 ? 9.72517   8.60261   6.63068   1.000 15.47000 ? 82  VAL A C   1 
ATOM   244  O O   . VAL A 1 34 ? 9.97090   8.44405   7.82898   1.000 13.76000 ? 82  VAL A O   1 
ATOM   245  C CB  . VAL A 1 34 ? 7.25439   8.98307   6.87570   1.000 12.84000 ? 82  VAL A CB  1 
ATOM   246  C CG1 . VAL A 1 34 ? 6.04411   9.83104   6.46459   1.000 13.40000 ? 82  VAL A CG1 1 
ATOM   247  C CG2 . VAL A 1 34 ? 6.99914   7.50709   6.60446   1.000 12.30000 ? 82  VAL A CG2 1 
ATOM   248  N N   . VAL A 1 35 ? 10.45024  8.02019   5.68021   1.000 15.89000 ? 83  VAL A N   1 
ATOM   249  C CA  . VAL A 1 35 ? 11.69425  7.33190   6.00822   1.000 11.83000 ? 83  VAL A CA  1 
ATOM   250  C C   . VAL A 1 35 ? 12.78652  8.34360   6.36047   1.000 16.08000 ? 83  VAL A C   1 
ATOM   251  O O   . VAL A 1 35 ? 12.98430  9.33830   5.65212   1.000 15.58000 ? 83  VAL A O   1 
ATOM   252  C CB  . VAL A 1 35 ? 12.16922  6.41014   4.83247   1.000 15.12000 ? 83  VAL A CB  1 
ATOM   253  C CG1 . VAL A 1 35 ? 13.58328  5.86509   5.08355   1.000 13.87000 ? 83  VAL A CG1 1 
ATOM   254  C CG2 . VAL A 1 35 ? 11.18961  5.27902   4.63229   1.000 14.88000 ? 83  VAL A CG2 1 
ATOM   255  N N   . LYS A 1 36 ? 13.47407  8.10554   7.47659   1.000 14.31000 ? 84  LYS A N   1 
ATOM   256  C CA  . LYS A 1 36 ? 14.62645  8.91743   7.85777   1.000 18.51000 ? 84  LYS A CA  1 
ATOM   257  C C   . LYS A 1 36 ? 15.90170  8.09513   7.72533   1.000 18.99000 ? 84  LYS A C   1 
ATOM   258  O O   . LYS A 1 36 ? 16.05834  7.07978   8.40209   1.000 17.44000 ? 84  LYS A O   1 
ATOM   259  C CB  . LYS A 1 36 ? 14.49741  9.43800   9.28588   1.000 17.50000 ? 84  LYS A CB  1 
ATOM   260  C CG  . LYS A 1 36 ? 15.61191  10.39027  9.67696   1.000 26.07000 ? 84  LYS A CG  1 
ATOM   261  C CD  . LYS A 1 36 ? 15.39254  10.97843  11.06193  1.000 32.93000 ? 84  LYS A CD  1 
ATOM   262  C CE  . LYS A 1 36 ? 16.71141  11.38137  11.69971  1.000 38.17000 ? 84  LYS A CE  1 
ATOM   263  N NZ  . LYS A 1 36 ? 16.51563  11.92852  13.07181  1.000 46.54000 ? 84  LYS A NZ  1 
ATOM   264  N N   . GLY A 1 37 ? 16.79745  8.52533   6.84414   1.000 15.68000 ? 85  GLY A N   1 
ATOM   265  C CA  . GLY A 1 37 ? 18.05190  7.82423   6.64218   1.000 19.08000 ? 85  GLY A CA  1 
ATOM   266  C C   . GLY A 1 37 ? 17.97642  6.70364   5.62325   1.000 17.20000 ? 85  GLY A C   1 
ATOM   267  O O   . GLY A 1 37 ? 17.24257  6.79702   4.62913   1.000 15.00000 ? 85  GLY A O   1 
ATOM   268  N N   . ARG A 1 38 ? 18.70668  5.62188   5.89261   1.000 14.88000 ? 86  ARG A N   1 
ATOM   269  C CA  . ARG A 1 38 ? 18.86412  4.55171   4.92235   1.000 14.22000 ? 86  ARG A CA  1 
ATOM   270  C C   . ARG A 1 38 ? 17.49582  3.93718   4.59527   1.000 16.33000 ? 86  ARG A C   1 
ATOM   271  O O   . ARG A 1 38 ? 16.67740  3.68777   5.47512   1.000 15.25000 ? 86  ARG A O   1 
ATOM   272  C CB  . ARG A 1 38 ? 19.82408  3.47096   5.44769   1.000 15.82000 ? 86  ARG A CB  1 
ATOM   273  C CG  . ARG A 1 38 ? 20.08370  2.37783   4.42024   1.000 21.65000 ? 86  ARG A CG  1 
ATOM   274  C CD  . ARG A 1 38 ? 21.17490  1.41401   4.84827   1.000 20.26000 ? 86  ARG A CD  1 
ATOM   275  N NE  . ARG A 1 38 ? 20.86476  0.74824   6.10908   1.000 22.68000 ? 86  ARG A NE  1 
ATOM   276  C CZ  . ARG A 1 38 ? 19.99236  -0.24776  6.24740   1.000 23.55000 ? 86  ARG A CZ  1 
ATOM   277  N NH1 . ARG A 1 38 ? 19.31046  -0.70706  5.19584   1.000 25.90000 ? 86  ARG A NH1 1 
ATOM   278  N NH2 . ARG A 1 38 ? 19.79962  -0.78618  7.44540   1.000 23.47000 ? 86  ARG A NH2 1 
ATOM   279  N N   . LEU A 1 39 ? 17.25856  3.71106   3.30971   1.000 14.61000 ? 87  LEU A N   1 
ATOM   280  C CA  . LEU A 1 39 ? 16.03733  3.08201   2.86167   1.000 15.58000 ? 87  LEU A CA  1 
ATOM   281  C C   . LEU A 1 39 ? 16.04191  1.62437   3.31292   1.000 20.10000 ? 87  LEU A C   1 
ATOM   282  O O   . LEU A 1 39 ? 17.02559  0.91980   3.11511   1.000 15.12000 ? 87  LEU A O   1 
ATOM   283  C CB  . LEU A 1 39 ? 15.91872  3.18884   1.34098   1.000 14.05000 ? 87  LEU A CB  1 
ATOM   284  C CG  . LEU A 1 39 ? 14.58858  2.80258   0.70121   1.000 21.83000 ? 87  LEU A CG  1 
ATOM   285  C CD1 . LEU A 1 39 ? 13.53745  3.87804   0.96808   1.000 18.43000 ? 87  LEU A CD1 1 
ATOM   286  C CD2 . LEU A 1 39 ? 14.78249  2.58187   -0.79890  1.000 22.76000 ? 87  LEU A CD2 1 
ATOM   287  N N   . PRO A 1 40 ? 14.94488  1.17538   3.92677   1.000 16.30000 ? 88  PRO A N   1 
ATOM   288  C CA  . PRO A 1 40 ? 14.87005  -0.22476  4.36281   1.000 16.33000 ? 88  PRO A CA  1 
ATOM   289  C C   . PRO A 1 40 ? 14.86955  -1.16259  3.16972   1.000 16.50000 ? 88  PRO A C   1 
ATOM   290  O O   . PRO A 1 40 ? 14.37315  -0.81141  2.09951   1.000 17.68000 ? 88  PRO A O   1 
ATOM   291  C CB  . PRO A 1 40 ? 13.52167  -0.31153  5.09802   1.000 15.92000 ? 88  PRO A CB  1 
ATOM   292  C CG  . PRO A 1 40 ? 13.03343  1.08857   5.23546   1.000 15.38000 ? 88  PRO A CG  1 
ATOM   293  C CD  . PRO A 1 40 ? 13.70850  1.92143   4.20341   1.000 15.42000 ? 88  PRO A CD  1 
ATOM   294  N N   . GLN A 1 41 ? 15.39842  -2.35731  3.37217   1.000 17.30000 ? 89  GLN A N   1 
ATOM   295  C CA  . GLN A 1 41 ? 15.31267  -3.42825  2.38616   1.000 19.68000 ? 89  GLN A CA  1 
ATOM   296  C C   . GLN A 1 41 ? 14.10250  -4.30479  2.68484   1.000 20.03000 ? 89  GLN A C   1 
ATOM   297  O O   . GLN A 1 41 ? 13.58411  -4.28401  3.80566   1.000 15.51000 ? 89  GLN A O   1 
ATOM   298  C CB  . GLN A 1 41 ? 16.59533  -4.24119  2.42397   1.000 19.21000 ? 89  GLN A CB  1 
ATOM   299  C CG  . GLN A 1 41 ? 17.76898  -3.51239  1.86707   1.000 22.73000 ? 89  GLN A CG  1 
ATOM   300  C CD  . GLN A 1 41 ? 19.05144  -4.18361  2.24194   1.000 29.67000 ? 89  GLN A CD  1 
ATOM   301  O OE1 . GLN A 1 41 ? 19.10722  -4.91557  3.23609   1.000 28.34000 ? 89  GLN A OE1 1 
ATOM   302  N NE2 . GLN A 1 41 ? 20.09035  -3.97468  1.44106   1.000 28.27000 ? 89  GLN A NE2 1 
ATOM   303  N N   . LEU A 1 42 ? 13.65458  -5.08499  1.69978   1.000 15.00000 ? 90  LEU A N   1 
ATOM   304  C CA  . LEU A 1 42 ? 12.54671  -5.99629  1.93965   1.000 16.13000 ? 90  LEU A CA  1 
ATOM   305  C C   . LEU A 1 42 ? 12.85715  -6.94596  3.09886   1.000 20.38000 ? 90  LEU A C   1 
ATOM   306  O O   . LEU A 1 42 ? 13.94281  -7.52609  3.14963   1.000 14.94000 ? 90  LEU A O   1 
ATOM   307  C CB  . LEU A 1 42 ? 12.23584  -6.79301  0.68101   1.000 18.23000 ? 90  LEU A CB  1 
ATOM   308  C CG  . LEU A 1 42 ? 10.90961  -7.55028  0.70268   1.000 26.34000 ? 90  LEU A CG  1 
ATOM   309  C CD1 . LEU A 1 42 ? 9.72377   -6.57306  0.68518   1.000 21.49000 ? 90  LEU A CD1 1 
ATOM   310  C CD2 . LEU A 1 42 ? 10.86699  -8.48221  -0.49040  1.000 32.50000 ? 90  LEU A CD2 1 
ATOM   311  N N   . GLY A 1 43 ? 11.92439  -7.06552  4.04423   1.000 19.20000 ? 91  GLY A N   1 
ATOM   312  C CA  . GLY A 1 43 ? 12.09792  -7.98067  5.16552   1.000 19.60000 ? 91  GLY A CA  1 
ATOM   313  C C   . GLY A 1 43 ? 12.96351  -7.45130  6.29394   1.000 21.23000 ? 91  GLY A C   1 
ATOM   314  O O   . GLY A 1 43 ? 13.24132  -8.16018  7.26759   1.000 20.37000 ? 91  GLY A O   1 
ATOM   315  N N   . GLU A 1 44 ? 13.43178  -6.21644  6.14797   1.000 15.34000 ? 92  GLU A N   1 
ATOM   316  C CA  . GLU A 1 44 ? 14.29469  -5.61451  7.15430   1.000 17.29000 ? 92  GLU A CA  1 
ATOM   317  C C   . GLU A 1 44 ? 13.47109  -5.11459  8.33761   1.000 18.14000 ? 92  GLU A C   1 
ATOM   318  O O   . GLU A 1 44 ? 12.33763  -4.68726  8.16687   1.000 12.40000 ? 92  GLU A O   1 
ATOM   319  C CB  . GLU A 1 44 ? 15.10669  -4.46102  6.56020   1.000 18.08000 ? 92  GLU A CB  1 
ATOM   320  C CG  . GLU A 1 44 ? 15.98588  -3.76110  7.56563   1.000 21.91000 ? 92  GLU A CG  1 
ATOM   321  C CD  . GLU A 1 44 ? 17.09042  -2.93578  6.93872   1.000 23.94000 ? 92  GLU A CD  1 
ATOM   322  O OE1 . GLU A 1 44 ? 17.07157  -2.71891  5.70872   1.000 22.94000 ? 92  GLU A OE1 1 
ATOM   323  O OE2 . GLU A 1 44 ? 17.97142  -2.48877  7.70266   1.000 24.56000 ? 92  GLU A OE2 1 
ATOM   324  N N   . LYS A 1 45 ? 14.04516  -5.17611  9.53771   1.000 14.86000 ? 93  LYS A N   1 
ATOM   325  C CA  . LYS A 1 45 ? 13.35027  -4.68779  10.72418  1.000 17.75000 ? 93  LYS A CA  1 
ATOM   326  C C   . LYS A 1 45 ? 13.55190  -3.18409  10.89180  1.000 16.21000 ? 93  LYS A C   1 
ATOM   327  O O   . LYS A 1 45 ? 14.66106  -2.66988  10.74471  1.000 18.87000 ? 93  LYS A O   1 
ATOM   328  C CB  . LYS A 1 45 ? 13.83558  -5.45346  11.94602  1.000 19.23000 ? 93  LYS A CB  1 
ATOM   329  C CG  . LYS A 1 45 ? 13.16921  -5.13050  13.25304  1.000 19.69000 ? 93  LYS A CG  1 
ATOM   330  C CD  . LYS A 1 45 ? 13.67429  -6.16780  14.22559  1.000 23.49000 ? 93  LYS A CD  1 
ATOM   331  C CE  . LYS A 1 45 ? 12.69370  -6.48301  15.28483  1.000 21.44000 ? 93  LYS A CE  1 
ATOM   332  N NZ  . LYS A 1 45 ? 13.32554  -7.45434  16.22624  1.000 22.75000 ? 93  LYS A NZ  1 
ATOM   333  N N   . VAL A 1 46 ? 12.46178  -2.47381  11.15412  1.000 14.32000 ? 94  VAL A N   1 
ATOM   334  C CA  . VAL A 1 46 ? 12.48181  -1.02217  11.25213  1.000 11.38000 ? 94  VAL A CA  1 
ATOM   335  C C   . VAL A 1 46 ? 11.73839  -0.54948  12.49342  1.000 14.99000 ? 94  VAL A C   1 
ATOM   336  O O   . VAL A 1 46 ? 10.85494  -1.25554  12.99580  1.000 15.77000 ? 94  VAL A O   1 
ATOM   337  C CB  . VAL A 1 46 ? 11.82936  -0.37319  9.99355   1.000 14.35000 ? 94  VAL A CB  1 
ATOM   338  C CG1 . VAL A 1 46 ? 12.64661  -0.68695  8.74331   1.000 11.77000 ? 94  VAL A CG1 1 
ATOM   339  C CG2 . VAL A 1 46 ? 10.36501  -0.84755  9.83117   1.000 11.72000 ? 94  VAL A CG2 1 
ATOM   340  N N   . LEU A 1 47 ? 12.08474  0.64502   12.96906  1.000 13.57000 ? 95  LEU A N   1 
ATOM   341  C CA  . LEU A 1 47 ? 11.35668  1.30041   14.04611  1.000 13.53000 ? 95  LEU A CA  1 
ATOM   342  C C   . LEU A 1 47 ? 10.32179  2.21967   13.41931  1.000 18.64000 ? 95  LEU A C   1 
ATOM   343  O O   . LEU A 1 47 ? 10.65488  3.06413   12.56955  1.000 14.50000 ? 95  LEU A O   1 
ATOM   344  C CB  . LEU A 1 47 ? 12.29008  2.10323   14.93631  1.000 15.62000 ? 95  LEU A CB  1 
ATOM   345  C CG  . LEU A 1 47 ? 11.62643  2.89793   16.06718  1.000 21.66000 ? 95  LEU A CG  1 
ATOM   346  C CD1 . LEU A 1 47 ? 10.93007  1.98640   17.06115  1.000 21.80000 ? 95  LEU A CD1 1 
ATOM   347  C CD2 . LEU A 1 47 ? 12.66877  3.76303   16.76629  1.000 35.84000 ? 95  LEU A CD2 1 
ATOM   348  N N   . VAL A 1 48 ? 9.07846   2.07245   13.86235  1.000 16.11000 ? 96  VAL A N   1 
ATOM   349  C CA  . VAL A 1 48 ? 7.96537   2.80263   13.27477  1.000 13.86000 ? 96  VAL A CA  1 
ATOM   350  C C   . VAL A 1 48 ? 7.17280   3.62196   14.28789  1.000 16.48000 ? 96  VAL A C   1 
ATOM   351  O O   . VAL A 1 48 ? 6.85612   3.14015   15.36935  1.000 16.22000 ? 96  VAL A O   1 
ATOM   352  C CB  . VAL A 1 48 ? 6.99281   1.81392   12.57628  1.000 17.57000 ? 96  VAL A CB  1 
ATOM   353  C CG1 . VAL A 1 48 ? 5.90831   2.55935   11.82033  1.000 13.45000 ? 96  VAL A CG1 1 
ATOM   354  C CG2 . VAL A 1 48 ? 7.75053   0.92053   11.63423  1.000 12.72000 ? 96  VAL A CG2 1 
ATOM   355  N N   . LYS A 1 49 ? 6.85247   4.86121   13.93298  1.000 14.50000 ? 97  LYS A N   1 
ATOM   356  C CA  . LYS A 1 49 ? 5.82526   5.60724   14.65066  1.000 14.14000 ? 97  LYS A CA  1 
ATOM   357  C C   . LYS A 1 49 ? 4.64955   5.76775   13.68965  1.000 17.08000 ? 97  LYS A C   1 
ATOM   358  O O   . LYS A 1 49 ? 4.81208   6.24594   12.56291  1.000 14.35000 ? 97  LYS A O   1 
ATOM   359  C CB  . LYS A 1 49 ? 6.32394   6.95955   15.17392  1.000 11.21000 ? 97  LYS A CB  1 
ATOM   360  C CG  . LYS A 1 49 ? 5.21632   7.71719   15.93560  1.000 15.44000 ? 97  LYS A CG  1 
ATOM   361  C CD  . LYS A 1 49 ? 5.70455   8.98695   16.62644  1.000 15.14000 ? 97  LYS A CD  1 
ATOM   362  C CE  . LYS A 1 49 ? 4.49932   9.71628   17.21251  1.000 25.08000 ? 97  LYS A CE  1 
ATOM   363  N NZ  . LYS A 1 49 ? 4.88189   10.79466  18.14367  1.000 27.43000 ? 97  LYS A NZ  1 
ATOM   364  N N   . ALA A 1 50 ? 3.46031   5.36558   14.11986  1.000 12.17000 ? 98  ALA A N   1 
ATOM   365  C CA  . ALA A 1 50 ? 2.32711   5.35617   13.19932  1.000 14.12000 ? 98  ALA A CA  1 
ATOM   366  C C   . ALA A 1 50 ? 1.08036   5.86364   13.88333  1.000 16.75000 ? 98  ALA A C   1 
ATOM   367  O O   . ALA A 1 50 ? 0.96046   5.80288   15.11200  1.000 14.90000 ? 98  ALA A O   1 
ATOM   368  C CB  . ALA A 1 50 ? 2.09398   3.93905   12.64945  1.000 13.58000 ? 98  ALA A CB  1 
ATOM   369  N N   . ALA A 1 51 ? 0.17049   6.40885   13.08101  1.000 15.10000 ? 99  ALA A N   1 
ATOM   370  C CA  . ALA A 1 51 ? -1.11825  6.86717   13.58328  1.000 18.82000 ? 99  ALA A CA  1 
ATOM   371  C C   . ALA A 1 51 ? -2.22869  5.96860   13.06865  1.000 25.98000 ? 99  ALA A C   1 
ATOM   372  O O   . ALA A 1 51 ? -2.19470  5.49074   11.92895  1.000 21.04000 ? 99  ALA A O   1 
ATOM   373  C CB  . ALA A 1 51 ? -1.36821  8.30427   13.17779  1.000 21.66000 ? 99  ALA A CB  1 
ATOM   374  N N   . TYR A 1 52 ? -3.24933  5.80255   13.88620  1.000 30.27000 ? 100 TYR A N   1 
ATOM   375  C CA  . TYR A 1 52 ? -4.32652  4.87796   13.62950  1.000 36.79000 ? 100 TYR A CA  1 
ATOM   376  C C   . TYR A 1 52 ? -5.63232  5.48169   13.27291  1.000 46.98000 ? 100 TYR A C   1 
ATOM   377  O O   . TYR A 1 52 ? -6.25795  6.07769   14.10507  1.000 46.82000 ? 100 TYR A O   1 
ATOM   378  C CB  . TYR A 1 52 ? -4.54295  3.96461   14.82655  1.000 42.16000 ? 100 TYR A CB  1 
ATOM   379  C CG  . TYR A 1 52 ? -5.60458  2.88291   14.69108  1.000 47.22000 ? 100 TYR A CG  1 
ATOM   380  C CD1 . TYR A 1 52 ? -5.44161  1.83054   13.83953  1.000 49.28000 ? 100 TYR A CD1 1 
ATOM   381  C CD2 . TYR A 1 52 ? -6.71501  2.88076   15.49449  1.000 55.78000 ? 100 TYR A CD2 1 
ATOM   382  C CE1 . TYR A 1 52 ? -6.37532  0.84231   13.72479  1.000 52.49000 ? 100 TYR A CE1 1 
ATOM   383  C CE2 . TYR A 1 52 ? -7.68306  1.90013   15.38707  1.000 61.85000 ? 100 TYR A CE2 1 
ATOM   384  C CZ  . TYR A 1 52 ? -7.50541  0.87483   14.50387  1.000 61.79000 ? 100 TYR A CZ  1 
ATOM   385  O OH  . TYR A 1 52 ? -8.44326  -0.12312  14.39293  1.000 62.06000 ? 100 TYR A OH  1 
ATOM   386  N N   . ASN A 1 53 ? -6.01481  5.26977   12.01556  1.000 49.37000 ? 101 ASN A N   1 
ATOM   387  C CA  . ASN A 1 53 ? -7.26447  5.74539   11.45163  1.000 59.04000 ? 101 ASN A CA  1 
ATOM   388  C C   . ASN A 1 53 ? -8.16799  4.55528   11.13605  1.000 61.07000 ? 101 ASN A C   1 
ATOM   389  O O   . ASN A 1 53 ? -8.14841  4.01977   10.02744  1.000 61.70000 ? 101 ASN A O   1 
ATOM   390  C CB  . ASN A 1 53 ? -7.00500  6.56348   10.18572  1.000 56.81000 ? 101 ASN A CB  1 
ATOM   391  C CG  . ASN A 1 53 ? -8.13706  7.52110   9.86945   1.000 62.16000 ? 101 ASN A CG  1 
ATOM   392  O OD1 . ASN A 1 53 ? -9.08095  7.66352   10.64684  1.000 61.20000 ? 101 ASN A OD1 1 
ATOM   393  N ND2 . ASN A 1 53 ? -8.04707  8.18517   8.72300   1.000 49.91000 ? 101 ASN A ND2 1 
ATOM   394  N N   . PRO A 1 54 ? -8.94756  4.12284   12.13885  1.000 63.59000 ? 102 PRO A N   1 
ATOM   395  C CA  . PRO A 1 54 ? -9.87654  2.99819   12.00250  1.000 68.85000 ? 102 PRO A CA  1 
ATOM   396  C C   . PRO A 1 54 ? -10.96435 3.34539   11.00124  1.000 74.29000 ? 102 PRO A C   1 
ATOM   397  O O   . PRO A 1 54 ? -11.45352 2.47255   10.28392  1.000 72.49000 ? 102 PRO A O   1 
ATOM   398  C CB  . PRO A 1 54 ? -10.47126 2.86092   13.40741  1.000 69.19000 ? 102 PRO A CB  1 
ATOM   399  C CG  . PRO A 1 54 ? -10.29736 4.20492   14.02948  1.000 68.54000 ? 102 PRO A CG  1 
ATOM   400  C CD  . PRO A 1 54 ? -9.00472  4.72968   13.47902  1.000 63.44000 ? 102 PRO A CD  1 
ATOM   401  N N   . GLY A 1 55 ? -11.34580 4.61748   10.95120  1.000 69.09000 ? 103 GLY A N   1 
ATOM   402  C CA  . GLY A 1 55 ? -12.33816 5.07345   9.99419   1.000 66.82000 ? 103 GLY A CA  1 
ATOM   403  C C   . GLY A 1 55 ? -11.55313 5.41065   8.74341   1.000 71.22000 ? 103 GLY A C   1 
ATOM   404  O O   . GLY A 1 55 ? -11.42489 6.57472   8.36339   1.000 74.57000 ? 103 GLY A O   1 
ATOM   405  N N   . GLN A 1 56 ? -11.02602 4.37189   8.10381   1.000 68.40000 ? 104 GLN A N   1 
ATOM   406  C CA  . GLN A 1 56 ? -10.19887 4.52301   6.94803   1.000 66.19000 ? 104 GLN A CA  1 
ATOM   407  C C   . GLN A 1 56 ? -9.93872  3.08493   6.37886   1.000 56.46000 ? 104 GLN A C   1 
ATOM   408  O O   . GLN A 1 56 ? -10.04412 2.11256   7.12652   1.000 53.74000 ? 104 GLN A O   1 
ATOM   409  C CB  . GLN A 1 56 ? -8.86118  5.16558   7.28192   1.000 64.32000 ? 104 GLN A CB  1 
ATOM   410  C CG  . GLN A 1 56 ? -7.96959  5.47016   6.08906   1.000 70.17000 ? 104 GLN A CG  1 
ATOM   411  C CD  . GLN A 1 56 ? -8.57722  6.49832   5.15515   1.000 75.45000 ? 104 GLN A CD  1 
ATOM   412  O OE1 . GLN A 1 56 ? -8.84988  7.63089   5.55220   1.000 74.67000 ? 104 GLN A OE1 1 
ATOM   413  N NE2 . GLN A 1 56 ? -8.79363  6.10783   3.90380   1.000 77.34000 ? 104 GLN A NE2 1 
ATOM   414  N N   . ALA A 1 57 ? -9.61171  2.96280   5.09431   1.000 58.03000 ? 105 ALA A N   1 
ATOM   415  C CA  . ALA A 1 57 ? -9.38193  1.64859   4.51597   1.000 53.04000 ? 105 ALA A CA  1 
ATOM   416  C C   . ALA A 1 57 ? -8.09282  1.00778   5.02881   1.000 52.58000 ? 105 ALA A C   1 
ATOM   417  O O   . ALA A 1 57 ? -8.08377  -0.14737  5.40272   1.000 51.13000 ? 105 ALA A O   1 
ATOM   418  C CB  . ALA A 1 57 ? -9.40753  1.75991   3.00619   1.000 58.16000 ? 105 ALA A CB  1 
ATOM   419  N N   . VAL A 1 58 ? -7.01670  1.79313   5.03788   1.000 51.80000 ? 106 VAL A N   1 
ATOM   420  C CA  . VAL A 1 58 ? -5.73588  1.38636   5.57734   1.000 43.90000 ? 106 VAL A CA  1 
ATOM   421  C C   . VAL A 1 58 ? -5.62629  2.12752   6.92949   1.000 39.83000 ? 106 VAL A C   1 
ATOM   422  O O   . VAL A 1 58 ? -5.28099  3.26913   6.99539   1.000 38.38000 ? 106 VAL A O   1 
ATOM   423  C CB  . VAL A 1 58 ? -4.55805  1.69748   4.66249   1.000 37.40000 ? 106 VAL A CB  1 
ATOM   424  C CG1 . VAL A 1 58 ? -3.30736  1.11922   5.26111   1.000 33.51000 ? 106 VAL A CG1 1 
ATOM   425  C CG2 . VAL A 1 58 ? -4.79529  1.11328   3.30671   1.000 36.50000 ? 106 VAL A CG2 1 
ATOM   426  N N   . PRO A 1 59 ? -5.91803  1.41854   8.02792   1.000 39.44000 ? 107 PRO A N   1 
ATOM   427  C CA  . PRO A 1 59 ? -5.92746  1.96746   9.39432   1.000 43.30000 ? 107 PRO A CA  1 
ATOM   428  C C   . PRO A 1 59 ? -4.63832  2.61228   9.93459   1.000 38.31000 ? 107 PRO A C   1 
ATOM   429  O O   . PRO A 1 59 ? -4.71165  3.70112   10.50246  1.000 38.03000 ? 107 PRO A O   1 
ATOM   430  C CB  . PRO A 1 59 ? -6.29952  0.75181   10.25733  1.000 45.33000 ? 107 PRO A CB  1 
ATOM   431  C CG  . PRO A 1 59 ? -5.94699  -0.43609  9.42587   1.000 44.54000 ? 107 PRO A CG  1 
ATOM   432  C CD  . PRO A 1 59 ? -6.22363  -0.02138  8.01128   1.000 44.94000 ? 107 PRO A CD  1 
ATOM   433  N N   . TRP A 1 60 ? -3.49212  1.96047   9.76607   1.000 26.57000 ? 108 TRP A N   1 
ATOM   434  C CA  . TRP A 1 60 ? -2.22998  2.46344   10.30574  1.000 25.02000 ? 108 TRP A CA  1 
ATOM   435  C C   . TRP A 1 60 ? -1.40324  3.15187   9.22580   1.000 19.07000 ? 108 TRP A C   1 
ATOM   436  O O   . TRP A 1 60 ? -1.18220  2.59017   8.15989   1.000 20.38000 ? 108 TRP A O   1 
ATOM   437  C CB  . TRP A 1 60 ? -1.42409  1.32497   10.92307  1.000 28.56000 ? 108 TRP A CB  1 
ATOM   438  C CG  . TRP A 1 60 ? -1.97065  0.81955   12.22835  1.000 31.07000 ? 108 TRP A CG  1 
ATOM   439  C CD1 . TRP A 1 60 ? -2.65701  -0.34678  12.42500  1.000 37.38000 ? 108 TRP A CD1 1 
ATOM   440  C CD2 . TRP A 1 60 ? -1.87496  1.44943   13.51285  1.000 32.84000 ? 108 TRP A CD2 1 
ATOM   441  N NE1 . TRP A 1 60 ? -2.99560  -0.47925  13.74926  1.000 41.31000 ? 108 TRP A NE1 1 
ATOM   442  C CE2 . TRP A 1 60 ? -2.52468  0.60701   14.44062  1.000 41.18000 ? 108 TRP A CE2 1 
ATOM   443  C CE3 . TRP A 1 60 ? -1.30657  2.64420   13.97123  1.000 26.92000 ? 108 TRP A CE3 1 
ATOM   444  C CZ2 . TRP A 1 60 ? -2.62135  0.91966   15.79462  1.000 39.08000 ? 108 TRP A CZ2 1 
ATOM   445  C CZ3 . TRP A 1 60 ? -1.40006  2.94850   15.31914  1.000 32.92000 ? 108 TRP A CZ3 1 
ATOM   446  C CH2 . TRP A 1 60 ? -2.05539  2.09155   16.21236  1.000 35.89000 ? 108 TRP A CH2 1 
ATOM   447  N N   . ASN A 1 61 ? -1.02386  4.39549   9.46424   1.000 15.61000 ? 109 ASN A N   1 
ATOM   448  C CA  . ASN A 1 61 ? -0.11305  5.09488   8.56551   1.000 15.67000 ? 109 ASN A CA  1 
ATOM   449  C C   . ASN A 1 61 ? 1.08049   5.64963   9.33905   1.000 16.76000 ? 109 ASN A C   1 
ATOM   450  O O   . ASN A 1 61 ? 0.91431   6.31988   10.35625  1.000 14.86000 ? 109 ASN A O   1 
ATOM   451  C CB  . ASN A 1 61 ? -0.84900  6.19854   7.81607   1.000 19.58000 ? 109 ASN A CB  1 
ATOM   452  C CG  . ASN A 1 61 ? -1.84492  5.63693   6.82092   1.000 30.65000 ? 109 ASN A CG  1 
ATOM   453  O OD1 . ASN A 1 61 ? -1.49824  5.36774   5.66727   1.000 30.92000 ? 109 ASN A OD1 1 
ATOM   454  N ND2 . ASN A 1 61 ? -3.08740  5.44195   7.26198   1.000 30.43000 ? 109 ASN A ND2 1 
ATOM   455  N N   . ALA A 1 62 ? 2.28308   5.31144   8.88285   1.000 13.99000 ? 110 ALA A N   1 
ATOM   456  C CA  . ALA A 1 62 ? 3.50371   5.70949   9.57244   1.000 13.11000 ? 110 ALA A CA  1 
ATOM   457  C C   . ALA A 1 62 ? 3.75620   7.19766   9.44223   1.000 12.97000 ? 110 ALA A C   1 
ATOM   458  O O   . ALA A 1 62 ? 3.53828   7.78058   8.37428   1.000 14.99000 ? 110 ALA A O   1 
ATOM   459  C CB  . ALA A 1 62 ? 4.70945   4.92789   9.01275   1.000 13.88000 ? 110 ALA A CB  1 
ATOM   460  N N   . VAL A 1 63 ? 4.19817   7.82176   10.52606  1.000 11.57000 ? 111 VAL A N   1 
ATOM   461  C CA  . VAL A 1 63 ? 4.66017   9.19118   10.43399  1.000 11.43000 ? 111 VAL A CA  1 
ATOM   462  C C   . VAL A 1 63 ? 6.17967   9.24315   10.44458  1.000 16.30000 ? 111 VAL A C   1 
ATOM   463  O O   . VAL A 1 63 ? 6.76486   10.26564  10.14488  1.000 13.73000 ? 111 VAL A O   1 
ATOM   464  C CB  . VAL A 1 63 ? 4.08000   10.07847  11.55545  1.000 15.44000 ? 111 VAL A CB  1 
ATOM   465  C CG1 . VAL A 1 63 ? 2.55925   10.07220  11.46221  1.000 16.48000 ? 111 VAL A CG1 1 
ATOM   466  C CG2 . VAL A 1 63 ? 4.54462   9.61664   12.94606  1.000 16.05000 ? 111 VAL A CG2 1 
ATOM   467  N N   . LYS A 1 64 ? 6.81532   8.12346   10.76178  1.000 12.94000 ? 112 LYS A N   1 
ATOM   468  C CA  . LYS A 1 64 ? 8.27458   8.03730   10.74901  1.000 13.29000 ? 112 LYS A CA  1 
ATOM   469  C C   . LYS A 1 64 ? 8.70148   6.58978   10.63982  1.000 14.08000 ? 112 LYS A C   1 
ATOM   470  O O   . LYS A 1 64 ? 8.14193   5.72458   11.31301  1.000 14.02000 ? 112 LYS A O   1 
ATOM   471  C CB  . LYS A 1 64 ? 8.87357   8.66139   12.01257  1.000 15.24000 ? 112 LYS A CB  1 
ATOM   472  C CG  . LYS A 1 64 ? 10.40550  8.63577   12.03878  1.000 23.81000 ? 112 LYS A CG  1 
ATOM   473  C CD  . LYS A 1 64 ? 10.99676  9.39493   13.22485  1.000 26.14000 ? 112 LYS A CD  1 
ATOM   474  C CE  . LYS A 1 64 ? 12.34817  9.99713   12.86546  1.000 31.71000 ? 112 LYS A CE  1 
ATOM   475  N NZ  . LYS A 1 64 ? 12.93892  10.79045  13.98201  1.000 38.68000 ? 112 LYS A NZ  1 
ATOM   476  N N   . VAL A 1 65 ? 9.71133   6.32391   9.81908   1.000 13.00000 ? 113 VAL A N   1 
ATOM   477  C CA  . VAL A 1 65 ? 10.23752  4.96588   9.69162   1.000 11.10000 ? 113 VAL A CA  1 
ATOM   478  C C   . VAL A 1 65 ? 11.75939  5.00334   9.67870   1.000 14.84000 ? 113 VAL A C   1 
ATOM   479  O O   . VAL A 1 65 ? 12.35652  5.80592   8.95813   1.000 13.99000 ? 113 VAL A O   1 
ATOM   480  C CB  . VAL A 1 65 ? 9.74143   4.25693   8.38859   1.000 13.29000 ? 113 VAL A CB  1 
ATOM   481  C CG1 . VAL A 1 65 ? 10.51396  2.93304   8.15562   1.000 9.89000  ? 113 VAL A CG1 1 
ATOM   482  C CG2 . VAL A 1 65 ? 8.23245   4.01359   8.43142   1.000 11.91000 ? 113 VAL A CG2 1 
ATOM   483  N N   . GLN A 1 66 ? 12.38866  4.13299   10.46102  1.000 11.87000 ? 114 GLN A N   1 
ATOM   484  C CA  . GLN A 1 66 ? 13.84149  4.14002   10.53672  1.000 14.15000 ? 114 GLN A CA  1 
ATOM   485  C C   . GLN A 1 66 ? 14.40163  2.74474   10.64551  1.000 17.02000 ? 114 GLN A C   1 
ATOM   486  O O   . GLN A 1 66 ? 13.93257  1.95261   11.47151  1.000 14.73000 ? 114 GLN A O   1 
ATOM   487  C CB  . GLN A 1 66 ? 14.31661  4.92878   11.75650  1.000 18.01000 ? 114 GLN A CB  1 
ATOM   488  C CG  . GLN A 1 66 ? 14.03938  6.40575   11.73762  1.000 25.55000 ? 114 GLN A CG  1 
ATOM   489  C CD  . GLN A 1 66 ? 14.42150  7.03076   13.05632  1.000 28.62000 ? 114 GLN A CD  1 
ATOM   490  O OE1 . GLN A 1 66 ? 13.65429  6.98199   14.02275  1.000 29.34000 ? 114 GLN A OE1 1 
ATOM   491  N NE2 . GLN A 1 66 ? 15.62416  7.57846   13.12125  1.000 26.37000 ? 114 GLN A NE2 1 
ATOM   492  N N   . THR A 1 67 ? 15.46832  2.48489   9.89181   1.000 13.45000 ? 115 THR A N   1 
ATOM   493  C CA  . THR A 1 67 ? 16.20370  1.23057   10.01116  1.000 17.75000 ? 115 THR A CA  1 
ATOM   494  C C   . THR A 1 67 ? 16.90905  1.19935   11.35914  1.000 19.49000 ? 115 THR A C   1 
ATOM   495  O O   . THR A 1 67 ? 17.14449  2.24755   11.96118  1.000 17.07000 ? 115 THR A O   1 
ATOM   496  C CB  . THR A 1 67 ? 17.23814  1.06665   8.89203   1.000 15.57000 ? 115 THR A CB  1 
ATOM   497  O OG1 . THR A 1 67 ? 18.21189  2.11651   8.99245   1.000 19.35000 ? 115 THR A OG1 1 
ATOM   498  C CG2 . THR A 1 67 ? 16.55816  1.11529   7.53335   1.000 16.77000 ? 115 THR A CG2 1 
ATOM   499  N N   . LEU A 1 68 ? 17.23835  0.00201   11.83579  1.000 21.67000 ? 116 LEU A N   1 
ATOM   500  C CA  . LEU A 1 68 ? 17.76805  -0.16197  13.19295  1.000 21.63000 ? 116 LEU A CA  1 
ATOM   501  C C   . LEU A 1 68 ? 19.21290  -0.68814  13.24947  1.000 28.63000 ? 116 LEU A C   1 
ATOM   502  O O   . LEU A 1 68 ? 19.77476  -0.84367  14.33315  1.000 33.41000 ? 116 LEU A O   1 
ATOM   503  C CB  . LEU A 1 68 ? 16.84950  -1.09730  13.98981  1.000 20.74000 ? 116 LEU A CB  1 
ATOM   504  C CG  . LEU A 1 68 ? 15.50541  -0.46350  14.36974  1.000 20.64000 ? 116 LEU A CG  1 
ATOM   505  C CD1 . LEU A 1 68 ? 14.54757  -1.49061  14.91899  1.000 24.69000 ? 116 LEU A CD1 1 
ATOM   506  C CD2 . LEU A 1 68 ? 15.74479  0.60379   15.41190  1.000 22.81000 ? 116 LEU A CD2 1 
ATOM   507  N N   . SER A 1 69 ? 19.81885  -0.94050  12.09592  1.000 30.72000 ? 117 SER A N   1 
ATOM   508  C CA  . SER A 1 69 ? 21.20337  -1.39477  12.05349  1.000 37.99000 ? 117 SER A CA  1 
ATOM   509  C C   . SER A 1 69 ? 21.83868  -1.15657  10.68405  1.000 42.09000 ? 117 SER A C   1 
ATOM   510  O O   . SER A 1 69 ? 23.06496  -1.12051  10.55403  1.000 52.82000 ? 117 SER A O   1 
ATOM   511  C CB  . SER A 1 69 ? 21.28251  -2.87427  12.43132  1.000 46.17000 ? 117 SER A CB  1 
ATOM   512  O OG  . SER A 1 69 ? 20.35387  -3.64546  11.69040  1.000 50.68000 ? 117 SER A OG  1 
ATOM   513  N N   . LYS B 1 6  ? -9.72324  14.11867  -10.16223 1.000 40.74000 ? 54  LYS B N   1 
ATOM   514  C CA  . LYS B 1 6  ? -10.98779 13.48310  -10.48225 1.000 28.04000 ? 54  LYS B CA  1 
ATOM   515  C C   . LYS B 1 6  ? -10.77578 11.96522  -10.53169 1.000 27.22000 ? 54  LYS B C   1 
ATOM   516  O O   . LYS B 1 6  ? -9.68349  11.50539  -10.83326 1.000 23.40000 ? 54  LYS B O   1 
ATOM   517  C CB  . LYS B 1 6  ? -11.52242 14.01901  -11.81411 1.000 28.48000 ? 54  LYS B CB  1 
ATOM   518  C CG  . LYS B 1 6  ? -12.88988 13.48181  -12.23546 1.000 37.84000 ? 54  LYS B CG  1 
ATOM   519  C CD  . LYS B 1 6  ? -13.41410 14.17019  -13.49760 1.000 37.83000 ? 54  LYS B CD  1 
ATOM   520  C CE  . LYS B 1 6  ? -14.78273 13.60935  -13.91043 1.000 45.03000 ? 54  LYS B CE  1 
ATOM   521  N NZ  . LYS B 1 6  ? -15.39317 14.32164  -15.07816 1.000 44.87000 ? 54  LYS B NZ  1 
ATOM   522  N N   . GLN B 1 7  ? -11.80995 11.19083  -10.21984 1.000 19.52000 ? 55  GLN B N   1 
ATOM   523  C CA  . GLN B 1 7  ? -11.71221 9.74248   -10.31539 1.000 21.61000 ? 55  GLN B CA  1 
ATOM   524  C C   . GLN B 1 7  ? -11.38239 9.36118   -11.75608 1.000 20.51000 ? 55  GLN B C   1 
ATOM   525  O O   . GLN B 1 7  ? -11.93412 9.93430   -12.68679 1.000 22.37000 ? 55  GLN B O   1 
ATOM   526  C CB  . GLN B 1 7  ? -13.01419 9.07911   -9.88335  1.000 19.48000 ? 55  GLN B CB  1 
ATOM   527  C CG  . GLN B 1 7  ? -12.91670 7.58678   -9.72049  1.000 19.20000 ? 55  GLN B CG  1 
ATOM   528  C CD  . GLN B 1 7  ? -14.22278 7.00999   -9.25935  1.000 21.63000 ? 55  GLN B CD  1 
ATOM   529  O OE1 . GLN B 1 7  ? -14.33600 6.47252   -8.14920  1.000 22.34000 ? 55  GLN B OE1 1 
ATOM   530  N NE2 . GLN B 1 7  ? -15.22839 7.13932   -10.08875 1.000 22.54000 ? 55  GLN B NE2 1 
ATOM   531  N N   . ARG B 1 8  ? -10.51751 8.37141   -11.92291 1.000 20.31000 ? 56  ARG B N   1 
ATOM   532  C CA  . ARG B 1 8  ? -10.11550 7.92050   -13.25140 1.000 24.51000 ? 56  ARG B CA  1 
ATOM   533  C C   . ARG B 1 8  ? -10.30503 6.42215   -13.35188 1.000 21.42000 ? 56  ARG B C   1 
ATOM   534  O O   . ARG B 1 8  ? -10.24191 5.70896   -12.35145 1.000 15.21000 ? 56  ARG B O   1 
ATOM   535  C CB  . ARG B 1 8  ? -8.64906  8.26387   -13.54662 1.000 27.97000 ? 56  ARG B CB  1 
ATOM   536  C CG  . ARG B 1 8  ? -8.29519  9.74470   -13.49121 1.000 35.70000 ? 56  ARG B CG  1 
ATOM   537  C CD  . ARG B 1 8  ? -7.06576  10.05186  -14.35369 1.000 39.81000 ? 56  ARG B CD  1 
ATOM   538  N NE  . ARG B 1 8  ? -6.02569  9.02622   -14.23426 1.000 41.75000 ? 56  ARG B NE  1 
ATOM   539  C CZ  . ARG B 1 8  ? -5.59071  8.26914   -15.24235 1.000 41.73000 ? 56  ARG B CZ  1 
ATOM   540  N NH1 . ARG B 1 8  ? -6.09296  8.41926   -16.46135 1.000 41.13000 ? 56  ARG B NH1 1 
ATOM   541  N NH2 . ARG B 1 8  ? -4.64407  7.36546   -15.03353 1.000 41.29000 ? 56  ARG B NH2 1 
ATOM   542  N N   . VAL B 1 9  ? -10.60501 5.96228   -14.55822 1.000 15.90000 ? 57  VAL B N   1 
ATOM   543  C CA  . VAL B 1 9  ? -10.62848 4.54340   -14.85022 1.000 16.69000 ? 57  VAL B CA  1 
ATOM   544  C C   . VAL B 1 9  ? -9.52793  4.27823   -15.87520 1.000 19.08000 ? 57  VAL B C   1 
ATOM   545  O O   . VAL B 1 9  ? -9.38205  5.02313   -16.85662 1.000 17.95000 ? 57  VAL B O   1 
ATOM   546  C CB  . VAL B 1 9  ? -11.99218 4.08259   -15.38160 1.000 19.31000 ? 57  VAL B CB  1 
ATOM   547  C CG1 . VAL B 1 9  ? -11.95719 2.58942   -15.68388 1.000 22.02000 ? 57  VAL B CG1 1 
ATOM   548  C CG2 . VAL B 1 9  ? -13.09519 4.41204   -14.36226 1.000 18.62000 ? 57  VAL B CG2 1 
ATOM   549  N N   . PHE B 1 10 ? -8.71853  3.26522   -15.61465 1.000 15.08000 ? 58  PHE B N   1 
ATOM   550  C CA  . PHE B 1 10 ? -7.54726  3.00367   -16.44987 1.000 14.59000 ? 58  PHE B CA  1 
ATOM   551  C C   . PHE B 1 10 ? -7.12245  1.55039   -16.33520 1.000 16.99000 ? 58  PHE B C   1 
ATOM   552  O O   . PHE B 1 10 ? -7.53259  0.84565   -15.41175 1.000 12.64000 ? 58  PHE B O   1 
ATOM   553  C CB  . PHE B 1 10 ? -6.39138  3.92643   -16.06948 1.000 15.11000 ? 58  PHE B CB  1 
ATOM   554  C CG  . PHE B 1 10 ? -6.02079  3.86288   -14.60031 1.000 19.43000 ? 58  PHE B CG  1 
ATOM   555  C CD1 . PHE B 1 10 ? -6.72314  4.61108   -13.66215 1.000 17.94000 ? 58  PHE B CD1 1 
ATOM   556  C CD2 . PHE B 1 10 ? -5.00262  3.04883   -14.16008 1.000 18.93000 ? 58  PHE B CD2 1 
ATOM   557  C CE1 . PHE B 1 10 ? -6.39204  4.55164   -12.31548 1.000 22.70000 ? 58  PHE B CE1 1 
ATOM   558  C CE2 . PHE B 1 10 ? -4.67770  2.97938   -12.81258 1.000 18.08000 ? 58  PHE B CE2 1 
ATOM   559  C CZ  . PHE B 1 10 ? -5.36716  3.73109   -11.89881 1.000 20.30000 ? 58  PHE B CZ  1 
ATOM   560  N N   . THR B 1 11 ? -6.29766  1.11138   -17.28085 1.000 15.38000 ? 59  THR B N   1 
ATOM   561  C CA  . THR B 1 11 ? -5.69708  -0.21178  -17.20963 1.000 14.39000 ? 59  THR B CA  1 
ATOM   562  C C   . THR B 1 11 ? -4.26523  -0.17802  -16.68723 1.000 15.56000 ? 59  THR B C   1 
ATOM   563  O O   . THR B 1 11 ? -3.55044  0.80232   -16.86119 1.000 18.18000 ? 59  THR B O   1 
ATOM   564  C CB  . THR B 1 11 ? -5.67363  -0.88020  -18.58137 1.000 16.22000 ? 59  THR B CB  1 
ATOM   565  O OG1 . THR B 1 11 ? -4.81732  -0.12359  -19.44284 1.000 15.92000 ? 59  THR B OG1 1 
ATOM   566  C CG2 . THR B 1 11 ? -7.05167  -0.92070  -19.16981 1.000 15.48000 ? 59  THR B CG2 1 
ATOM   567  N N   . GLY B 1 12 ? -3.85371  -1.25361  -16.02512 1.000 15.30000 ? 60  GLY B N   1 
ATOM   568  C CA  . GLY B 1 12 ? -2.50921  -1.34610  -15.50626 1.000 14.09000 ? 60  GLY B CA  1 
ATOM   569  C C   . GLY B 1 12 ? -2.16798  -2.78942  -15.20207 1.000 14.55000 ? 60  GLY B C   1 
ATOM   570  O O   . GLY B 1 12 ? -3.00365  -3.66709  -15.32280 1.000 16.83000 ? 60  GLY B O   1 
ATOM   571  N N   . ILE B 1 13 ? -0.93167  -3.02762  -14.79476 1.000 13.68000 ? 61  ILE B N   1 
ATOM   572  C CA  . ILE B 1 13 ? -0.46419  -4.37960  -14.49685 1.000 14.97000 ? 61  ILE B CA  1 
ATOM   573  C C   . ILE B 1 13 ? -0.39725  -4.59486  -12.99315 1.000 14.17000 ? 61  ILE B C   1 
ATOM   574  O O   . ILE B 1 13 ? 0.11073   -3.74539  -12.27565 1.000 14.33000 ? 61  ILE B O   1 
ATOM   575  C CB  . ILE B 1 13 ? 0.92699   -4.61937  -15.11498 1.000 18.64000 ? 61  ILE B CB  1 
ATOM   576  C CG1 . ILE B 1 13 ? 0.86796   -4.35276  -16.62005 1.000 21.08000 ? 61  ILE B CG1 1 
ATOM   577  C CG2 . ILE B 1 13 ? 1.43759   -6.03270  -14.82043 1.000 15.00000 ? 61  ILE B CG2 1 
ATOM   578  C CD1 . ILE B 1 13 ? -0.10359  -5.25187  -17.36617 1.000 21.78000 ? 61  ILE B CD1 1 
ATOM   579  N N   . VAL B 1 14 ? -0.94615  -5.70334  -12.51140 1.000 13.79000 ? 62  VAL B N   1 
ATOM   580  C CA  . VAL B 1 14 ? -0.73684  -6.09992  -11.11984 1.000 13.31000 ? 62  VAL B CA  1 
ATOM   581  C C   . VAL B 1 14 ? 0.72267   -6.48924  -10.90651 1.000 15.20000 ? 62  VAL B C   1 
ATOM   582  O O   . VAL B 1 14 ? 1.21139   -7.47276  -11.47111 1.000 19.79000 ? 62  VAL B O   1 
ATOM   583  C CB  . VAL B 1 14 ? -1.64829  -7.27296  -10.71647 1.000 14.64000 ? 62  VAL B CB  1 
ATOM   584  C CG1 . VAL B 1 14 ? -1.35676  -7.73197  -9.27502  1.000 12.30000 ? 62  VAL B CG1 1 
ATOM   585  C CG2 . VAL B 1 14 ? -3.09800  -6.85498  -10.86237 1.000 12.27000 ? 62  VAL B CG2 1 
ATOM   586  N N   . THR B 1 15 ? 1.42015   -5.69505  -10.10586 1.000 14.42000 ? 63  THR B N   1 
ATOM   587  C CA  . THR B 1 15 ? 2.85095   -5.88518  -9.88255  1.000 18.61000 ? 63  THR B CA  1 
ATOM   588  C C   . THR B 1 15 ? 3.16647   -6.51794  -8.52462  1.000 18.93000 ? 63  THR B C   1 
ATOM   589  O O   . THR B 1 15 ? 4.24809   -7.04786  -8.32608  1.000 18.68000 ? 63  THR B O   1 
ATOM   590  C CB  . THR B 1 15 ? 3.59541   -4.53717  -9.99651  1.000 19.49000 ? 63  THR B CB  1 
ATOM   591  O OG1 . THR B 1 15 ? 2.95544   -3.55914  -9.15586  1.000 19.85000 ? 63  THR B OG1 1 
ATOM   592  C CG2 . THR B 1 15 ? 3.57427   -4.05923  -11.43694 1.000 19.27000 ? 63  THR B CG2 1 
ATOM   593  N N   . SER B 1 16 ? 2.21848   -6.46656  -7.59130  1.000 17.69000 ? 64  SER B N   1 
ATOM   594  C CA  . SER B 1 16 ? 2.38364   -7.16018  -6.31042  1.000 17.60000 ? 64  SER B CA  1 
ATOM   595  C C   . SER B 1 16 ? 1.05366   -7.64789  -5.79432  1.000 19.03000 ? 64  SER B C   1 
ATOM   596  O O   . SER B 1 16 ? 0.01036   -7.02486  -6.02800  1.000 14.32000 ? 64  SER B O   1 
ATOM   597  C CB  . SER B 1 16 ? 3.00569   -6.23696  -5.24130  1.000 19.38000 ? 64  SER B CB  1 
ATOM   598  O OG  . SER B 1 16 ? 4.17735   -5.59775  -5.70970  1.000 32.91000 ? 64  SER B OG  1 
ATOM   599  N N   . LEU B 1 17 ? 1.09015   -8.74733  -5.05845  1.000 14.29000 ? 65  LEU B N   1 
ATOM   600  C CA  . LEU B 1 17 ? -0.14276  -9.34279  -4.57723  1.000 18.32000 ? 65  LEU B CA  1 
ATOM   601  C C   . LEU B 1 17 ? 0.05641   -10.01238 -3.21438  1.000 20.84000 ? 65  LEU B C   1 
ATOM   602  O O   . LEU B 1 17 ? 0.77333   -11.01163 -3.09994  1.000 19.97000 ? 65  LEU B O   1 
ATOM   603  C CB  . LEU B 1 17 ? -0.64633  -10.35121 -5.60969  1.000 24.03000 ? 65  LEU B CB  1 
ATOM   604  C CG  . LEU B 1 17 ? -2.08126  -10.85648 -5.57349  1.000 26.91000 ? 65  LEU B CG  1 
ATOM   605  C CD1 . LEU B 1 17 ? -3.05033  -9.71076  -5.79639  1.000 23.94000 ? 65  LEU B CD1 1 
ATOM   606  C CD2 . LEU B 1 17 ? -2.23842  -11.92957 -6.64830  1.000 28.63000 ? 65  LEU B CD2 1 
ATOM   607  N N   . HIS B 1 18 ? -0.65617  -9.53005  -2.20864  1.000 16.92000 ? 66  HIS B N   1 
ATOM   608  C CA  . HIS B 1 18 ? -0.49328  -10.04633 -0.84771  1.000 23.29000 ? 66  HIS B CA  1 
ATOM   609  C C   . HIS B 1 18 ? -1.82852  -10.50659 -0.30502  1.000 21.50000 ? 66  HIS B C   1 
ATOM   610  O O   . HIS B 1 18 ? -2.82619  -10.46015 -1.01086  1.000 26.13000 ? 66  HIS B O   1 
ATOM   611  C CB  . HIS B 1 18 ? 0.04941   -8.94854  0.07615   1.000 19.26000 ? 66  HIS B CB  1 
ATOM   612  C CG  . HIS B 1 18 ? 1.44349   -8.50496  -0.25952  1.000 23.91000 ? 66  HIS B CG  1 
ATOM   613  N ND1 . HIS B 1 18 ? 2.55339   -9.00180  0.38771   1.000 27.99000 ? 66  HIS B ND1 1 
ATOM   614  C CD2 . HIS B 1 18 ? 1.91434   -7.70840  -1.24757  1.000 23.62000 ? 66  HIS B CD2 1 
ATOM   615  C CE1 . HIS B 1 18 ? 3.64352   -8.47421  -0.13760  1.000 26.87000 ? 66  HIS B CE1 1 
ATOM   616  N NE2 . HIS B 1 18 ? 3.28415   -7.69665  -1.14127  1.000 24.64000 ? 66  HIS B NE2 1 
ATOM   617  N N   . ASP B 1 19 ? -1.83674  -10.97107 0.94357   1.000 26.51000 ? 67  ASP B N   1 
ATOM   618  C CA  . ASP B 1 19 ? -3.01211  -11.61004 1.53571   1.000 22.94000 ? 67  ASP B CA  1 
ATOM   619  C C   . ASP B 1 19 ? -4.23600  -10.69481 1.48562   1.000 23.69000 ? 67  ASP B C   1 
ATOM   620  O O   . ASP B 1 19 ? -5.35102  -11.16763 1.22680   1.000 25.02000 ? 67  ASP B O   1 
ATOM   621  C CB  . ASP B 1 19 ? -2.73404  -12.07253 2.97494   1.000 30.66000 ? 67  ASP B CB  1 
ATOM   622  C CG  . ASP B 1 19 ? -2.08671  -13.45904 3.03611   1.000 35.48000 ? 67  ASP B CG  1 
ATOM   623  O OD1 . ASP B 1 19 ? -1.92678  -14.10159 1.97794   1.000 38.35000 ? 67  ASP B OD1 1 
ATOM   624  O OD2 . ASP B 1 19 ? -1.76512  -13.92289 4.15044   1.000 44.64000 ? 67  ASP B OD2 1 
ATOM   625  N N   . TYR B 1 20 ? -4.04621  -9.40240  1.75607   1.000 21.17000 ? 68  TYR B N   1 
ATOM   626  C CA  . TYR B 1 20 ? -5.19877  -8.50299  1.85062   1.000 21.13000 ? 68  TYR B CA  1 
ATOM   627  C C   . TYR B 1 20 ? -5.16563  -7.29408  0.90520   1.000 19.03000 ? 68  TYR B C   1 
ATOM   628  O O   . TYR B 1 20 ? -6.11313  -6.48949  0.88262   1.000 17.26000 ? 68  TYR B O   1 
ATOM   629  C CB  . TYR B 1 20 ? -5.32018  -7.99710  3.28742   1.000 23.27000 ? 68  TYR B CB  1 
ATOM   630  C CG  . TYR B 1 20 ? -5.65337  -9.09769  4.24546   1.000 26.81000 ? 68  TYR B CG  1 
ATOM   631  C CD1 . TYR B 1 20 ? -6.96715  -9.47526  4.47184   1.000 29.78000 ? 68  TYR B CD1 1 
ATOM   632  C CD2 . TYR B 1 20 ? -4.64672  -9.79462  4.89618   1.000 30.87000 ? 68  TYR B CD2 1 
ATOM   633  C CE1 . TYR B 1 20 ? -7.27138  -10.50471 5.34018   1.000 32.30000 ? 68  TYR B CE1 1 
ATOM   634  C CE2 . TYR B 1 20 ? -4.93843  -10.82569 5.76688   1.000 31.99000 ? 68  TYR B CE2 1 
ATOM   635  C CZ  . TYR B 1 20 ? -6.25069  -11.17667 5.98793   1.000 40.31000 ? 68  TYR B CZ  1 
ATOM   636  O OH  . TYR B 1 20 ? -6.54426  -12.20625 6.85807   1.000 42.30000 ? 68  TYR B OH  1 
ATOM   637  N N   . PHE B 1 21 ? -4.11721  -7.19164  0.09339   1.000 18.58000 ? 69  PHE B N   1 
ATOM   638  C CA  . PHE B 1 21 ? -4.00054  -6.07835  -0.85246  1.000 16.15000 ? 69  PHE B CA  1 
ATOM   639  C C   . PHE B 1 21 ? -3.05253  -6.43058  -1.98519  1.000 18.12000 ? 69  PHE B C   1 
ATOM   640  O O   . PHE B 1 21 ? -2.27273  -7.38561  -1.89840  1.000 16.10000 ? 69  PHE B O   1 
ATOM   641  C CB  . PHE B 1 21 ? -3.50147  -4.80345  -0.15877  1.000 13.85000 ? 69  PHE B CB  1 
ATOM   642  C CG  . PHE B 1 21 ? -2.05011  -4.87218  0.25695   1.000 19.65000 ? 69  PHE B CG  1 
ATOM   643  C CD1 . PHE B 1 21 ? -1.68845  -5.44066  1.46948   1.000 19.53000 ? 69  PHE B CD1 1 
ATOM   644  C CD2 . PHE B 1 21 ? -1.04951  -4.36325  -0.56291  1.000 22.09000 ? 69  PHE B CD2 1 
ATOM   645  C CE1 . PHE B 1 21 ? -0.35100  -5.51706  1.85283   1.000 24.09000 ? 69  PHE B CE1 1 
ATOM   646  C CE2 . PHE B 1 21 ? 0.28955   -4.43784  -0.18894  1.000 22.69000 ? 69  PHE B CE2 1 
ATOM   647  C CZ  . PHE B 1 21 ? 0.63731   -5.01553  1.02358   1.000 23.54000 ? 69  PHE B CZ  1 
ATOM   648  N N   . GLY B 1 22 ? -3.10528  -5.62551  -3.03857  1.000 13.40000 ? 70  GLY B N   1 
ATOM   649  C CA  . GLY B 1 22 ? -2.19510  -5.76894  -4.14824  1.000 16.56000 ? 70  GLY B CA  1 
ATOM   650  C C   . GLY B 1 22 ? -1.79468  -4.39740  -4.62735  1.000 13.47000 ? 70  GLY B C   1 
ATOM   651  O O   . GLY B 1 22 ? -2.25368  -3.39289  -4.08727  1.000 15.64000 ? 70  GLY B O   1 
ATOM   652  N N   . VAL B 1 23 ? -0.92779  -4.33766  -5.62692  1.000 14.17000 ? 71  VAL B N   1 
ATOM   653  C CA  . VAL B 1 23 ? -0.51529  -3.04356  -6.15670  1.000 12.45000 ? 71  VAL B CA  1 
ATOM   654  C C   . VAL B 1 23 ? -0.49413  -3.13531  -7.67700  1.000 14.31000 ? 71  VAL B C   1 
ATOM   655  O O   . VAL B 1 23 ? -0.14295  -4.17069  -8.24056  1.000 14.76000 ? 71  VAL B O   1 
ATOM   656  C CB  . VAL B 1 23 ? 0.87486   -2.58564  -5.61890  1.000 16.27000 ? 71  VAL B CB  1 
ATOM   657  C CG1 . VAL B 1 23 ? 1.22740   -1.19381  -6.15117  1.000 14.86000 ? 71  VAL B CG1 1 
ATOM   658  C CG2 . VAL B 1 23 ? 0.87746   -2.52865  -4.09532  1.000 14.87000 ? 71  VAL B CG2 1 
ATOM   659  N N   . VAL B 1 24 ? -0.89352  -2.05350  -8.33049  1.000 14.30000 ? 72  VAL B N   1 
ATOM   660  C CA  . VAL B 1 24 ? -0.88550  -1.97938  -9.79219  1.000 13.00000 ? 72  VAL B CA  1 
ATOM   661  C C   . VAL B 1 24 ? 0.16959   -1.00301  -10.25474 1.000 17.61000 ? 72  VAL B C   1 
ATOM   662  O O   . VAL B 1 24 ? 0.24124   0.12434   -9.74473  1.000 15.31000 ? 72  VAL B O   1 
ATOM   663  C CB  . VAL B 1 24 ? -2.26024  -1.53437  -10.33061 1.000 12.12000 ? 72  VAL B CB  1 
ATOM   664  C CG1 . VAL B 1 24 ? -2.16803  -1.05860  -11.80790 1.000 16.29000 ? 72  VAL B CG1 1 
ATOM   665  C CG2 . VAL B 1 24 ? -3.27430  -2.66352  -10.16289 1.000 15.49000 ? 72  VAL B CG2 1 
ATOM   666  N N   . ASP B 1 25 ? 0.97309   -1.43483  -11.23204 1.000 14.69000 ? 73  ASP B N   1 
ATOM   667  C CA  . ASP B 1 25 ? 2.06601   -0.63309  -11.78348 1.000 16.65000 ? 73  ASP B CA  1 
ATOM   668  C C   . ASP B 1 25 ? 2.98899   -0.09213  -10.68922 1.000 21.20000 ? 73  ASP B C   1 
ATOM   669  O O   . ASP B 1 25 ? 3.58696   0.98160   -10.84235 1.000 18.43000 ? 73  ASP B O   1 
ATOM   670  C CB  . ASP B 1 25 ? 1.50104   0.51785   -12.61425 1.000 17.55000 ? 73  ASP B CB  1 
ATOM   671  C CG  . ASP B 1 25 ? 0.74505   0.03332   -13.85213 1.000 22.80000 ? 73  ASP B CG  1 
ATOM   672  O OD1 . ASP B 1 25 ? 1.01868   -1.08759  -14.33912 1.000 21.10000 ? 73  ASP B OD1 1 
ATOM   673  O OD2 . ASP B 1 25 ? -0.13760  0.76550   -14.32651 1.000 26.31000 ? 73  ASP B OD2 1 
ATOM   674  N N   . GLU B 1 26 ? 3.08841   -0.84227  -9.58822  1.000 18.10000 ? 74  GLU B N   1 
ATOM   675  C CA  . GLU B 1 26 ? 3.89653   -0.46386  -8.43553  1.000 21.66000 ? 74  GLU B CA  1 
ATOM   676  C C   . GLU B 1 26 ? 3.52581   0.90523   -7.83794  1.000 22.75000 ? 74  GLU B C   1 
ATOM   677  O O   . GLU B 1 26 ? 4.32943   1.51582   -7.12837  1.000 20.73000 ? 74  GLU B O   1 
ATOM   678  C CB  . GLU B 1 26 ? 5.38487   -0.52731  -8.78421  1.000 28.73000 ? 74  GLU B CB  1 
ATOM   679  C CG  . GLU B 1 26 ? 5.89619   -1.96360  -8.86271  1.000 31.65000 ? 74  GLU B CG  1 
ATOM   680  C CD  . GLU B 1 26 ? 5.82508   -2.67277  -7.50466  1.000 34.63000 ? 74  GLU B CD  1 
ATOM   681  O OE1 . GLU B 1 26 ? 6.80399   -2.56559  -6.73110  1.000 35.07000 ? 74  GLU B OE1 1 
ATOM   682  O OE2 . GLU B 1 26 ? 4.79230   -3.32386  -7.20519  1.000 30.53000 ? 74  GLU B OE2 1 
ATOM   683  N N   . GLU B 1 27 ? 2.32367   1.40027   -8.12512  1.000 18.13000 ? 75  GLU B N   1 
ATOM   684  C CA  . GLU B 1 27 ? 1.98310   2.73169   -7.64080  1.000 20.10000 ? 75  GLU B CA  1 
ATOM   685  C C   . GLU B 1 27 ? 0.50369   2.96971   -7.31201  1.000 19.41000 ? 75  GLU B C   1 
ATOM   686  O O   . GLU B 1 27 ? 0.14014   4.05689   -6.87976  1.000 17.99000 ? 75  GLU B O   1 
ATOM   687  C CB  . GLU B 1 27 ? 2.32075   3.75710   -8.73262  1.000 22.35000 ? 75  GLU B CB  1 
ATOM   688  C CG  . GLU B 1 27 ? 1.44762   3.73430   -9.94037  1.000 30.51000 ? 75  GLU B CG  1 
ATOM   689  C CD  . GLU B 1 27 ? 1.90905   4.73575   -10.99574 1.000 43.33000 ? 75  GLU B CD  1 
ATOM   690  O OE1 . GLU B 1 27 ? 2.69589   5.65071   -10.65432 1.000 45.55000 ? 75  GLU B OE1 1 
ATOM   691  O OE2 . GLU B 1 27 ? 1.47202   4.61471   -12.16138 1.000 48.55000 ? 75  GLU B OE2 1 
ATOM   692  N N   . VAL B 1 28 ? -0.33813  1.94958   -7.44694  1.000 15.94000 ? 76  VAL B N   1 
ATOM   693  C CA  . VAL B 1 28 ? -1.75893  2.12461   -7.14518  1.000 15.55000 ? 76  VAL B CA  1 
ATOM   694  C C   . VAL B 1 28 ? -2.10323  0.97880   -6.19802  1.000 15.39000 ? 76  VAL B C   1 
ATOM   695  O O   . VAL B 1 28 ? -2.19638  -0.18483  -6.60157  1.000 13.26000 ? 76  VAL B O   1 
ATOM   696  C CB  . VAL B 1 28 ? -2.74356  2.12083   -8.33251  1.000 14.21000 ? 76  VAL B CB  1 
ATOM   697  C CG1 . VAL B 1 28 ? -4.17352  2.31740   -7.82294  1.000 16.50000 ? 76  VAL B CG1 1 
ATOM   698  C CG2 . VAL B 1 28 ? -2.38855  3.20689   -9.31425  1.000 14.96000 ? 76  VAL B CG2 1 
ATOM   699  N N   . PHE B 1 29 ? -2.29334  1.33026   -4.93419  1.000 15.43000 ? 77  PHE B N   1 
ATOM   700  C CA  . PHE B 1 29 ? -2.62345  0.38112   -3.88306  1.000 16.17000 ? 77  PHE B CA  1 
ATOM   701  C C   . PHE B 1 29 ? -4.07165  -0.06137  -4.03873  1.000 14.30000 ? 77  PHE B C   1 
ATOM   702  O O   . PHE B 1 29 ? -4.91837  0.74849   -4.38503  1.000 16.23000 ? 77  PHE B O   1 
ATOM   703  C CB  . PHE B 1 29 ? -2.39067  1.05086   -2.51944  1.000 20.47000 ? 77  PHE B CB  1 
ATOM   704  C CG  . PHE B 1 29 ? -2.68944  0.18326   -1.33612  1.000 20.60000 ? 77  PHE B CG  1 
ATOM   705  C CD1 . PHE B 1 29 ? -3.97950  0.07500   -0.84824  1.000 23.45000 ? 77  PHE B CD1 1 
ATOM   706  C CD2 . PHE B 1 29 ? -1.66675  -0.48109  -0.67463  1.000 25.71000 ? 77  PHE B CD2 1 
ATOM   707  C CE1 . PHE B 1 29 ? -4.25778  -0.71478  0.26271   1.000 25.29000 ? 77  PHE B CE1 1 
ATOM   708  C CE2 . PHE B 1 29 ? -1.93818  -1.25970  0.43998   1.000 25.98000 ? 77  PHE B CE2 1 
ATOM   709  C CZ  . PHE B 1 29 ? -3.23565  -1.38259  0.89893   1.000 24.89000 ? 77  PHE B CZ  1 
ATOM   710  N N   . PHE B 1 30 ? -4.35599  -1.35307  -3.84175  1.000 15.36000 ? 78  PHE B N   1 
ATOM   711  C CA  . PHE B 1 30 ? -5.74667  -1.77590  -3.75492  1.000 13.70000 ? 78  PHE B CA  1 
ATOM   712  C C   . PHE B 1 30 ? -5.98008  -2.88325  -2.74021  1.000 14.61000 ? 78  PHE B C   1 
ATOM   713  O O   . PHE B 1 30 ? -5.27832  -3.88117  -2.70598  1.000 14.65000 ? 78  PHE B O   1 
ATOM   714  C CB  . PHE B 1 30 ? -6.30256  -2.18516  -5.12796  1.000 13.15000 ? 78  PHE B CB  1 
ATOM   715  C CG  . PHE B 1 30 ? -5.72153  -3.45176  -5.70729  1.000 14.00000 ? 78  PHE B CG  1 
ATOM   716  C CD1 . PHE B 1 30 ? -4.53171  -3.42912  -6.42784  1.000 13.96000 ? 78  PHE B CD1 1 
ATOM   717  C CD2 . PHE B 1 30 ? -6.40939  -4.65808  -5.59484  1.000 15.45000 ? 78  PHE B CD2 1 
ATOM   718  C CE1 . PHE B 1 30 ? -4.00586  -4.60925  -6.97874  1.000 12.13000 ? 78  PHE B CE1 1 
ATOM   719  C CE2 . PHE B 1 30 ? -5.89936  -5.84081  -6.15385  1.000 14.22000 ? 78  PHE B CE2 1 
ATOM   720  C CZ  . PHE B 1 30 ? -4.69116  -5.81368  -6.84290  1.000 14.39000 ? 78  PHE B CZ  1 
ATOM   721  N N   . GLN B 1 31 ? -6.98504  -2.68068  -1.90311  1.000 15.88000 ? 79  GLN B N   1 
ATOM   722  C CA  . GLN B 1 31 ? -7.43738  -3.72924  -0.99861  1.000 19.01000 ? 79  GLN B CA  1 
ATOM   723  C C   . GLN B 1 31 ? -8.07480  -4.83793  -1.82690  1.000 13.77000 ? 79  GLN B C   1 
ATOM   724  O O   . GLN B 1 31 ? -8.77664  -4.56848  -2.80088  1.000 13.32000 ? 79  GLN B O   1 
ATOM   725  C CB  . GLN B 1 31 ? -8.44883  -3.17738  0.00316   1.000 19.36000 ? 79  GLN B CB  1 
ATOM   726  C CG  . GLN B 1 31 ? -7.93344  -2.01192  0.82872   1.000 25.61000 ? 79  GLN B CG  1 
ATOM   727  C CD  . GLN B 1 31 ? -7.11526  -2.44172  2.03492   1.000 32.78000 ? 79  GLN B CD  1 
ATOM   728  O OE1 . GLN B 1 31 ? -6.70801  -3.59996  2.15397   1.000 34.86000 ? 79  GLN B OE1 1 
ATOM   729  N NE2 . GLN B 1 31 ? -6.87606  -1.50210  2.94692   1.000 45.71000 ? 79  GLN B NE2 1 
ATOM   730  N N   . LEU B 1 32 ? -7.86858  -6.08245  -1.43288  1.000 11.68000 ? 80  LEU B N   1 
ATOM   731  C CA  . LEU B 1 32 ? -8.45709  -7.17058  -2.18606  1.000 15.51000 ? 80  LEU B CA  1 
ATOM   732  C C   . LEU B 1 32 ? -9.98514  -7.07069  -2.12464  1.000 16.79000 ? 80  LEU B C   1 
ATOM   733  O O   . LEU B 1 32 ? -10.67665 -7.53389  -3.02604  1.000 13.51000 ? 80  LEU B O   1 
ATOM   734  C CB  . LEU B 1 32 ? -7.96084  -8.51343  -1.66604  1.000 16.87000 ? 80  LEU B CB  1 
ATOM   735  C CG  . LEU B 1 32 ? -6.47478  -8.81706  -1.89402  1.000 20.08000 ? 80  LEU B CG  1 
ATOM   736  C CD1 . LEU B 1 32 ? -6.19555  -10.31127 -1.65804  1.000 17.10000 ? 80  LEU B CD1 1 
ATOM   737  C CD2 . LEU B 1 32 ? -5.98490  -8.36370  -3.27578  1.000 14.90000 ? 80  LEU B CD2 1 
ATOM   738  N N   . SER B 1 33 ? -10.50415 -6.39127  -1.10113  1.000 15.72000 ? 81  SER B N   1 
ATOM   739  C CA  . SER B 1 33 ? -11.94310 -6.22701  -0.96277  1.000 16.18000 ? 81  SER B CA  1 
ATOM   740  C C   . SER B 1 33 ? -12.59376 -5.43744  -2.10300  1.000 17.22000 ? 81  SER B C   1 
ATOM   741  O O   . SER B 1 33 ? -13.81113 -5.48352  -2.23847  1.000 16.18000 ? 81  SER B O   1 
ATOM   742  C CB  . SER B 1 33 ? -12.27778 -5.54364  0.36247   1.000 17.57000 ? 81  SER B CB  1 
ATOM   743  O OG  . SER B 1 33 ? -11.64501 -4.27993  0.43081   1.000 19.82000 ? 81  SER B OG  1 
ATOM   744  N N   . VAL B 1 34 ? -11.80605 -4.71506  -2.90720  1.000 16.37000 ? 82  VAL B N   1 
ATOM   745  C CA  . VAL B 1 34 ? -12.37621 -3.97768  -4.04667  1.000 16.41000 ? 82  VAL B CA  1 
ATOM   746  C C   . VAL B 1 34 ? -12.22171 -4.74942  -5.35755  1.000 15.76000 ? 82  VAL B C   1 
ATOM   747  O O   . VAL B 1 34 ? -12.60670 -4.25531  -6.42720  1.000 14.90000 ? 82  VAL B O   1 
ATOM   748  C CB  . VAL B 1 34 ? -11.75092 -2.55133  -4.21875  1.000 12.86000 ? 82  VAL B CB  1 
ATOM   749  C CG1 . VAL B 1 34 ? -11.83209 -1.76765  -2.90644  1.000 14.78000 ? 82  VAL B CG1 1 
ATOM   750  C CG2 . VAL B 1 34 ? -10.29059 -2.62274  -4.71387  1.000 15.15000 ? 82  VAL B CG2 1 
ATOM   751  N N   . VAL B 1 35 ? -11.66763 -5.95966  -5.28739  1.000 14.81000 ? 83  VAL B N   1 
ATOM   752  C CA  . VAL B 1 35 ? -11.66192 -6.82730  -6.46868  1.000 15.46000 ? 83  VAL B CA  1 
ATOM   753  C C   . VAL B 1 35 ? -13.06436 -7.34402  -6.74779  1.000 17.77000 ? 83  VAL B C   1 
ATOM   754  O O   . VAL B 1 35 ? -13.76697 -7.80432  -5.85324  1.000 16.84000 ? 83  VAL B O   1 
ATOM   755  C CB  . VAL B 1 35 ? -10.70578 -8.01175  -6.31548  1.000 14.39000 ? 83  VAL B CB  1 
ATOM   756  C CG1 . VAL B 1 35 ? -10.82617 -8.96801  -7.52125  1.000 16.86000 ? 83  VAL B CG1 1 
ATOM   757  C CG2 . VAL B 1 35 ? -9.26378  -7.51179  -6.18381  1.000 15.34000 ? 83  VAL B CG2 1 
ATOM   758  N N   . LYS B 1 36 ? -13.47227 -7.24480  -8.00132  1.000 15.39000 ? 84  LYS B N   1 
ATOM   759  C CA  . LYS B 1 36 ? -14.74462 -7.78934  -8.44682  1.000 20.05000 ? 84  LYS B CA  1 
ATOM   760  C C   . LYS B 1 36 ? -14.46808 -9.01379  -9.29742  1.000 17.63000 ? 84  LYS B C   1 
ATOM   761  O O   . LYS B 1 36 ? -13.79364 -8.91837  -10.31743 1.000 21.55000 ? 84  LYS B O   1 
ATOM   762  C CB  . LYS B 1 36 ? -15.53090 -6.75603  -9.25336  1.000 21.69000 ? 84  LYS B CB  1 
ATOM   763  C CG  . LYS B 1 36 ? -16.93937 -7.20881  -9.64873  1.000 29.92000 ? 84  LYS B CG  1 
ATOM   764  C CD  . LYS B 1 36 ? -17.68270 -6.06999  -10.33679 1.000 41.80000 ? 84  LYS B CD  1 
ATOM   765  C CE  . LYS B 1 36 ? -18.74656 -6.56963  -11.29638 1.000 48.39000 ? 84  LYS B CE  1 
ATOM   766  N NZ  . LYS B 1 36 ? -19.40132 -5.41430  -11.97131 1.000 54.82000 ? 84  LYS B NZ  1 
ATOM   767  N N   . GLY B 1 37 ? -14.93912 -10.16837 -8.84880  1.000 21.31000 ? 85  GLY B N   1 
ATOM   768  C CA  . GLY B 1 37 ? -14.73176 -11.38703 -9.59568  1.000 17.93000 ? 85  GLY B CA  1 
ATOM   769  C C   . GLY B 1 37 ? -13.41040 -12.04536 -9.26706  1.000 20.07000 ? 85  GLY B C   1 
ATOM   770  O O   . GLY B 1 37 ? -13.00118 -12.10303 -8.10325  1.000 14.27000 ? 85  GLY B O   1 
ATOM   771  N N   . ARG B 1 38 ? -12.75933 -12.56966 -10.30979 1.000 16.11000 ? 86  ARG B N   1 
ATOM   772  C CA  . ARG B 1 38 ? -11.54330 -13.36069 -10.16215 1.000 21.24000 ? 86  ARG B CA  1 
ATOM   773  C C   . ARG B 1 38 ? -10.40306 -12.51590 -9.60972  1.000 19.51000 ? 86  ARG B C   1 
ATOM   774  O O   . ARG B 1 38 ? -10.24141 -11.37563 -9.99450  1.000 17.16000 ? 86  ARG B O   1 
ATOM   775  C CB  . ARG B 1 38 ? -11.13737 -13.99660 -11.51265 1.000 20.84000 ? 86  ARG B CB  1 
ATOM   776  C CG  . ARG B 1 38 ? -9.91418  -14.90216 -11.40934 1.000 20.03000 ? 86  ARG B CG  1 
ATOM   777  C CD  . ARG B 1 38 ? -9.65673  -15.73274 -12.68121 1.000 24.48000 ? 86  ARG B CD  1 
ATOM   778  N NE  . ARG B 1 38 ? -9.46929  -14.90073 -13.86758 1.000 21.59000 ? 86  ARG B NE  1 
ATOM   779  C CZ  . ARG B 1 38 ? -8.36030  -14.22685 -14.15684 1.000 26.21000 ? 86  ARG B CZ  1 
ATOM   780  N NH1 . ARG B 1 38 ? -7.30254  -14.27471 -13.35204 1.000 24.68000 ? 86  ARG B NH1 1 
ATOM   781  N NH2 . ARG B 1 38 ? -8.30703  -13.49756 -15.26250 1.000 23.62000 ? 86  ARG B NH2 1 
ATOM   782  N N   . LEU B 1 39 ? -9.63205  -13.06322 -8.68134  1.000 15.55000 ? 87  LEU B N   1 
ATOM   783  C CA  . LEU B 1 39 ? -8.44586  -12.37320 -8.20946  1.000 16.41000 ? 87  LEU B CA  1 
ATOM   784  C C   . LEU B 1 39 ? -7.39997  -12.33848 -9.32996  1.000 20.37000 ? 87  LEU B C   1 
ATOM   785  O O   . LEU B 1 39 ? -7.12368  -13.36234 -9.93062  1.000 14.45000 ? 87  LEU B O   1 
ATOM   786  C CB  . LEU B 1 39 ? -7.88776  -13.08857 -6.98182  1.000 19.65000 ? 87  LEU B CB  1 
ATOM   787  C CG  . LEU B 1 39 ? -6.79494  -12.37528 -6.18804  1.000 25.91000 ? 87  LEU B CG  1 
ATOM   788  C CD1 . LEU B 1 39 ? -7.41050  -11.24996 -5.35938  1.000 22.40000 ? 87  LEU B CD1 1 
ATOM   789  C CD2 . LEU B 1 39 ? -6.00252  -13.35985 -5.31250  1.000 24.65000 ? 87  LEU B CD2 1 
ATOM   790  N N   . PRO B 1 40 ? -6.81728  -11.16297 -9.63183  1.000 18.52000 ? 88  PRO B N   1 
ATOM   791  C CA  . PRO B 1 40 ? -5.79631  -11.16746 -10.69421 1.000 18.55000 ? 88  PRO B CA  1 
ATOM   792  C C   . PRO B 1 40 ? -4.52138  -11.93718 -10.32206 1.000 23.41000 ? 88  PRO B C   1 
ATOM   793  O O   . PRO B 1 40 ? -4.20009  -12.11407 -9.14283  1.000 20.00000 ? 88  PRO B O   1 
ATOM   794  C CB  . PRO B 1 40 ? -5.49427  -9.67731  -10.90122 1.000 19.59000 ? 88  PRO B CB  1 
ATOM   795  C CG  . PRO B 1 40 ? -5.94950  -9.00979  -9.65465  1.000 20.01000 ? 88  PRO B CG  1 
ATOM   796  C CD  . PRO B 1 40 ? -7.11876  -9.80670  -9.16062  1.000 15.51000 ? 88  PRO B CD  1 
ATOM   797  N N   . GLN B 1 41 ? -3.80928  -12.42648 -11.32881 1.000 21.12000 ? 89  GLN B N   1 
ATOM   798  C CA  . GLN B 1 41 ? -2.49671  -12.98930 -11.07105 1.000 23.42000 ? 89  GLN B CA  1 
ATOM   799  C C   . GLN B 1 41 ? -1.42502  -11.92155 -11.25649 1.000 22.00000 ? 89  GLN B C   1 
ATOM   800  O O   . GLN B 1 41 ? -1.69523  -10.84520 -11.79903 1.000 17.69000 ? 89  GLN B O   1 
ATOM   801  C CB  . GLN B 1 41 ? -2.24001  -14.19767 -11.96293 1.000 29.69000 ? 89  GLN B CB  1 
ATOM   802  C CG  . GLN B 1 41 ? -3.09976  -15.39062 -11.55735 1.000 39.53000 ? 89  GLN B CG  1 
ATOM   803  C CD  . GLN B 1 41 ? -3.03571  -16.53918 -12.53845 1.000 51.11000 ? 89  GLN B CD  1 
ATOM   804  O OE1 . GLN B 1 41 ? -2.64958  -16.36776 -13.69627 1.000 55.43000 ? 89  GLN B OE1 1 
ATOM   805  N NE2 . GLN B 1 41 ? -3.42999  -17.72392 -12.08021 1.000 56.15000 ? 89  GLN B NE2 1 
ATOM   806  N N   . LEU B 1 42 ? -0.22821  -12.18616 -10.73705 1.000 17.96000 ? 90  LEU B N   1 
ATOM   807  C CA  . LEU B 1 42 ? 0.89397   -11.27445 -10.94999 1.000 21.26000 ? 90  LEU B CA  1 
ATOM   808  C C   . LEU B 1 42 ? 1.11843   -11.09609 -12.44308 1.000 19.04000 ? 90  LEU B C   1 
ATOM   809  O O   . LEU B 1 42 ? 1.12138   -12.07281 -13.19407 1.000 16.08000 ? 90  LEU B O   1 
ATOM   810  C CB  . LEU B 1 42 ? 2.16557   -11.78740 -10.28706 1.000 21.37000 ? 90  LEU B CB  1 
ATOM   811  C CG  . LEU B 1 42 ? 2.27257   -11.68630 -8.77542  1.000 22.57000 ? 90  LEU B CG  1 
ATOM   812  C CD1 . LEU B 1 42 ? 3.58068   -12.30980 -8.32394  1.000 28.34000 ? 90  LEU B CD1 1 
ATOM   813  C CD2 . LEU B 1 42 ? 2.19005   -10.24448 -8.31354  1.000 21.08000 ? 90  LEU B CD2 1 
ATOM   814  N N   . GLY B 1 43 ? 1.28596   -9.84872  -12.86808 1.000 13.61000 ? 91  GLY B N   1 
ATOM   815  C CA  . GLY B 1 43 ? 1.51661   -9.54813  -14.26362 1.000 16.69000 ? 91  GLY B CA  1 
ATOM   816  C C   . GLY B 1 43 ? 0.23647   -9.46992  -15.07351 1.000 19.52000 ? 91  GLY B C   1 
ATOM   817  O O   . GLY B 1 43 ? 0.27645   -9.17292  -16.26267 1.000 16.75000 ? 91  GLY B O   1 
ATOM   818  N N   . GLU B 1 44 ? -0.91438  -9.69867  -14.44766 1.000 17.62000 ? 92  GLU B N   1 
ATOM   819  C CA  . GLU B 1 44 ? -2.15360  -9.64109  -15.22152 1.000 16.35000 ? 92  GLU B CA  1 
ATOM   820  C C   . GLU B 1 44 ? -2.61017  -8.20222  -15.43923 1.000 17.01000 ? 92  GLU B C   1 
ATOM   821  O O   . GLU B 1 44 ? -2.45057  -7.35230  -14.56231 1.000 14.60000 ? 92  GLU B O   1 
ATOM   822  C CB  . GLU B 1 44 ? -3.25483  -10.45105 -14.54302 1.000 21.41000 ? 92  GLU B CB  1 
ATOM   823  C CG  . GLU B 1 44 ? -4.57233  -10.43835 -15.28636 1.000 24.82000 ? 92  GLU B CG  1 
ATOM   824  C CD  . GLU B 1 44 ? -5.45207  -11.61577 -14.92124 1.000 25.79000 ? 92  GLU B CD  1 
ATOM   825  O OE1 . GLU B 1 44 ? -5.12625  -12.31243 -13.93116 1.000 23.79000 ? 92  GLU B OE1 1 
ATOM   826  O OE2 . GLU B 1 44 ? -6.45355  -11.85014 -15.64046 1.000 28.41000 ? 92  GLU B OE2 1 
ATOM   827  N N   . LYS B 1 45 ? -3.18569  -7.92653  -16.60634 1.000 14.93000 ? 93  LYS B N   1 
ATOM   828  C CA  . LYS B 1 45 ? -3.67979  -6.57598  -16.89661 1.000 14.81000 ? 93  LYS B CA  1 
ATOM   829  C C   . LYS B 1 45 ? -5.09430  -6.41962  -16.33329 1.000 13.64000 ? 93  LYS B C   1 
ATOM   830  O O   . LYS B 1 45 ? -5.94799  -7.27164  -16.54545 1.000 15.41000 ? 93  LYS B O   1 
ATOM   831  C CB  . LYS B 1 45 ? -3.63531  -6.30303  -18.40458 1.000 16.77000 ? 93  LYS B CB  1 
ATOM   832  C CG  . LYS B 1 45 ? -4.16445  -4.93789  -18.83631 1.000 18.57000 ? 93  LYS B CG  1 
ATOM   833  C CD  . LYS B 1 45 ? -3.92279  -4.72327  -20.32687 1.000 19.26000 ? 93  LYS B CD  1 
ATOM   834  C CE  . LYS B 1 45 ? -3.86837  -3.25084  -20.69655 1.000 19.64000 ? 93  LYS B CE  1 
ATOM   835  N NZ  . LYS B 1 45 ? -3.72549  -3.11495  -22.18105 1.000 19.28000 ? 93  LYS B NZ  1 
ATOM   836  N N   . VAL B 1 46 ? -5.33407  -5.34127  -15.58817 1.000 12.71000 ? 94  VAL B N   1 
ATOM   837  C CA  . VAL B 1 46 ? -6.60556  -5.18367  -14.92034 1.000 12.33000 ? 94  VAL B CA  1 
ATOM   838  C C   . VAL B 1 46 ? -7.16893  -3.79183  -15.16705 1.000 15.13000 ? 94  VAL B C   1 
ATOM   839  O O   . VAL B 1 46 ? -6.44496  -2.87614  -15.55877 1.000 13.71000 ? 94  VAL B O   1 
ATOM   840  C CB  . VAL B 1 46 ? -6.50766  -5.41289  -13.37442 1.000 16.33000 ? 94  VAL B CB  1 
ATOM   841  C CG1 . VAL B 1 46 ? -6.11727  -6.86277  -13.04531 1.000 13.63000 ? 94  VAL B CG1 1 
ATOM   842  C CG2 . VAL B 1 46 ? -5.54159  -4.41248  -12.72496 1.000 14.75000 ? 94  VAL B CG2 1 
ATOM   843  N N   . LEU B 1 47 ? -8.45823  -3.64642  -14.95177 1.000 12.21000 ? 95  LEU B N   1 
ATOM   844  C CA  . LEU B 1 47 ? -9.10667  -2.36598  -15.03754 1.000 13.87000 ? 95  LEU B CA  1 
ATOM   845  C C   . LEU B 1 47 ? -9.18199  -1.79535  -13.61077 1.000 17.58000 ? 95  LEU B C   1 
ATOM   846  O O   . LEU B 1 47 ? -9.57938  -2.48986  -12.72544 1.000 12.37000 ? 95  LEU B O   1 
ATOM   847  C CB  . LEU B 1 47 ? -10.48975 -2.48757  -15.64226 1.000 15.39000 ? 95  LEU B CB  1 
ATOM   848  C CG  . LEU B 1 47 ? -11.19359 -1.19680  -15.97596 1.000 23.28000 ? 95  LEU B CG  1 
ATOM   849  C CD1 . LEU B 1 47 ? -10.45791 -0.41521  -17.02101 1.000 27.75000 ? 95  LEU B CD1 1 
ATOM   850  C CD2 . LEU B 1 47 ? -12.61696 -1.41267  -16.41879 1.000 32.33000 ? 95  LEU B CD2 1 
ATOM   851  N N   . VAL B 1 48 ? -8.80171  -0.54413  -13.43718 1.000 14.21000 ? 96  VAL B N   1 
ATOM   852  C CA  . VAL B 1 48 ? -8.77647  0.10592   -12.11703 1.000 13.88000 ? 96  VAL B CA  1 
ATOM   853  C C   . VAL B 1 48 ? -9.63066  1.36849   -12.11331 1.000 18.04000 ? 96  VAL B C   1 
ATOM   854  O O   . VAL B 1 48 ? -9.56014  2.16711   -13.04415 1.000 15.00000 ? 96  VAL B O   1 
ATOM   855  C CB  . VAL B 1 48 ? -7.34025  0.49228   -11.68762 1.000 14.37000 ? 96  VAL B CB  1 
ATOM   856  C CG1 . VAL B 1 48 ? -7.33123  1.08998   -10.30189 1.000 13.21000 ? 96  VAL B CG1 1 
ATOM   857  C CG2 . VAL B 1 48 ? -6.39526  -0.71029  -11.75323 1.000 17.15000 ? 96  VAL B CG2 1 
ATOM   858  N N   . LYS B 1 49 ? -10.35509 1.58975   -11.04679 1.000 13.45000 ? 97  LYS B N   1 
ATOM   859  C CA  . LYS B 1 49 ? -11.05355 2.81296   -10.80353 1.000 14.24000 ? 97  LYS B CA  1 
ATOM   860  C C   . LYS B 1 49 ? -10.42587 3.44254   -9.55786  1.000 14.49000 ? 97  LYS B C   1 
ATOM   861  O O   . LYS B 1 49 ? -10.45948 2.85372   -8.48997  1.000 13.61000 ? 97  LYS B O   1 
ATOM   862  C CB  . LYS B 1 49 ? -12.52769 2.60868   -10.65917 1.000 16.85000 ? 97  LYS B CB  1 
ATOM   863  C CG  . LYS B 1 49 ? -13.31219 3.86290   -10.41215 1.000 23.92000 ? 97  LYS B CG  1 
ATOM   864  C CD  . LYS B 1 49 ? -14.80950 3.59480   -10.26517 1.000 26.41000 ? 97  LYS B CD  1 
ATOM   865  C CE  . LYS B 1 49 ? -15.46852 3.27342   -11.57391 1.000 34.01000 ? 97  LYS B CE  1 
ATOM   866  N NZ  . LYS B 1 49 ? -16.93871 3.06183   -11.48185 1.000 34.42000 ? 97  LYS B NZ  1 
ATOM   867  N N   . ALA B 1 50 ? -9.84891  4.62816   -9.70821  1.000 14.57000 ? 98  ALA B N   1 
ATOM   868  C CA  . ALA B 1 50 ? -9.17764  5.28439   -8.58223  1.000 15.92000 ? 98  ALA B CA  1 
ATOM   869  C C   . ALA B 1 50 ? -9.09805  6.79264   -8.72151  1.000 18.83000 ? 98  ALA B C   1 
ATOM   870  O O   . ALA B 1 50 ? -9.00551  7.32332   -9.83129  1.000 16.09000 ? 98  ALA B O   1 
ATOM   871  C CB  . ALA B 1 50 ? -7.77901  4.72501   -8.40592  1.000 17.21000 ? 98  ALA B CB  1 
ATOM   872  N N   . ALA B 1 51 ? -9.10536  7.47560   -7.58954  1.000 15.00000 ? 99  ALA B N   1 
ATOM   873  C CA  . ALA B 1 51 ? -8.85913  8.90803   -7.55330  1.000 19.81000 ? 99  ALA B CA  1 
ATOM   874  C C   . ALA B 1 51 ? -7.55753  9.15953   -6.80606  1.000 23.20000 ? 99  ALA B C   1 
ATOM   875  O O   . ALA B 1 51 ? -7.24651  8.45388   -5.86063  1.000 24.30000 ? 99  ALA B O   1 
ATOM   876  C CB  . ALA B 1 51 ? -10.01143 9.64492   -6.89022  1.000 20.84000 ? 99  ALA B CB  1 
ATOM   877  N N   . TYR B 1 52 ? -6.80479  10.16366  -7.23163  1.000 21.06000 ? 100 TYR B N   1 
ATOM   878  C CA  . TYR B 1 52 ? -5.55342  10.51231  -6.57961  1.000 25.29000 ? 100 TYR B CA  1 
ATOM   879  C C   . TYR B 1 52 ? -5.86587  11.59439  -5.55663  1.000 22.14000 ? 100 TYR B C   1 
ATOM   880  O O   . TYR B 1 52 ? -6.42371  12.63604  -5.89399  1.000 20.81000 ? 100 TYR B O   1 
ATOM   881  C CB  . TYR B 1 52 ? -4.52284  11.00737  -7.59497  1.000 28.53000 ? 100 TYR B CB  1 
ATOM   882  C CG  . TYR B 1 52 ? -3.20801  11.43283  -6.97823  1.000 30.59000 ? 100 TYR B CG  1 
ATOM   883  C CD1 . TYR B 1 52 ? -2.31232  10.49434  -6.48988  1.000 29.56000 ? 100 TYR B CD1 1 
ATOM   884  C CD2 . TYR B 1 52 ? -2.86734  12.78079  -6.88619  1.000 35.18000 ? 100 TYR B CD2 1 
ATOM   885  C CE1 . TYR B 1 52 ? -1.11346  10.87857  -5.92410  1.000 33.78000 ? 100 TYR B CE1 1 
ATOM   886  C CE2 . TYR B 1 52 ? -1.66896  13.17736  -6.32331  1.000 34.21000 ? 100 TYR B CE2 1 
ATOM   887  C CZ  . TYR B 1 52 ? -0.79665  12.21890  -5.84124  1.000 37.04000 ? 100 TYR B CZ  1 
ATOM   888  O OH  . TYR B 1 52 ? 0.39730   12.60119  -5.27155  1.000 48.19000 ? 100 TYR B OH  1 
ATOM   889  N N   . ASN B 1 53 ? -5.60635  11.31813  -4.29379  1.000 25.18000 ? 101 ASN B N   1 
ATOM   890  C CA  . ASN B 1 53 ? -5.82716  12.34567  -3.28288  1.000 27.92000 ? 101 ASN B CA  1 
ATOM   891  C C   . ASN B 1 53 ? -4.63222  12.49284  -2.38960  1.000 23.37000 ? 101 ASN B C   1 
ATOM   892  O O   . ASN B 1 53 ? -4.45801  11.73393  -1.44755  1.000 25.42000 ? 101 ASN B O   1 
ATOM   893  C CB  . ASN B 1 53 ? -7.06406  12.05339  -2.44340  1.000 33.94000 ? 101 ASN B CB  1 
ATOM   894  C CG  . ASN B 1 53 ? -7.36580  13.16220  -1.44697  1.000 34.93000 ? 101 ASN B CG  1 
ATOM   895  O OD1 . ASN B 1 53 ? -7.78955  12.89875  -0.32313  1.000 42.79000 ? 101 ASN B OD1 1 
ATOM   896  N ND2 . ASN B 1 53 ? -7.12552  14.40923  -1.84968  1.000 34.80000 ? 101 ASN B ND2 1 
ATOM   897  N N   . PRO B 1 54 ? -3.81993  13.50640  -2.66222  1.000 21.07000 ? 102 PRO B N   1 
ATOM   898  C CA  . PRO B 1 54 ? -2.60834  13.70150  -1.86748  1.000 26.63000 ? 102 PRO B CA  1 
ATOM   899  C C   . PRO B 1 54 ? -2.94105  14.21323  -0.46665  1.000 26.86000 ? 102 PRO B C   1 
ATOM   900  O O   . PRO B 1 54 ? -2.04467  14.29601  0.37413   1.000 25.88000 ? 102 PRO B O   1 
ATOM   901  C CB  . PRO B 1 54 ? -1.80393  14.71992  -2.68352  1.000 29.62000 ? 102 PRO B CB  1 
ATOM   902  C CG  . PRO B 1 54 ? -2.77179  15.34974  -3.64607  1.000 30.42000 ? 102 PRO B CG  1 
ATOM   903  C CD  . PRO B 1 54 ? -4.07711  14.60389  -3.60241  1.000 28.00000 ? 102 PRO B CD  1 
ATOM   904  N N   . GLY B 1 55 ? -4.21654  14.49975  -0.21258  1.000 24.34000 ? 103 GLY B N   1 
ATOM   905  C CA  . GLY B 1 55 ? -4.62787  15.00568  1.08856   1.000 25.92000 ? 103 GLY B CA  1 
ATOM   906  C C   . GLY B 1 55 ? -4.85368  13.90681  2.12219   1.000 27.99000 ? 103 GLY B C   1 
ATOM   907  O O   . GLY B 1 55 ? -5.24505  14.17939  3.25084   1.000 24.34000 ? 103 GLY B O   1 
ATOM   908  N N   . GLN B 1 56 ? -4.57976  12.66574  1.73796   1.000 24.97000 ? 104 GLN B N   1 
ATOM   909  C CA  . GLN B 1 56 ? -4.73559  11.51713  2.62977   1.000 28.76000 ? 104 GLN B CA  1 
ATOM   910  C C   . GLN B 1 56 ? -3.44639  10.71018  2.67263   1.000 28.01000 ? 104 GLN B C   1 
ATOM   911  O O   . GLN B 1 56 ? -2.57632  10.87827  1.82738   1.000 23.27000 ? 104 GLN B O   1 
ATOM   912  C CB  . GLN B 1 56 ? -5.86318  10.60227  2.16062   1.000 34.78000 ? 104 GLN B CB  1 
ATOM   913  C CG  . GLN B 1 56 ? -7.26700  11.12909  2.28787   1.000 41.36000 ? 104 GLN B CG  1 
ATOM   914  C CD  . GLN B 1 56 ? -8.25304  10.20630  1.59253   1.000 47.59000 ? 104 GLN B CD  1 
ATOM   915  O OE1 . GLN B 1 56 ? -7.88891  9.49438   0.65437   1.000 50.08000 ? 104 GLN B OE1 1 
ATOM   916  N NE2 . GLN B 1 56 ? -9.49621  10.20155  2.05354   1.000 51.45000 ? 104 GLN B NE2 1 
ATOM   917  N N   . ALA B 1 57 ? -3.35663  9.79023   3.62642   1.000 29.44000 ? 105 ALA B N   1 
ATOM   918  C CA  . ALA B 1 57 ? -2.13411  9.02300   3.83412   1.000 29.31000 ? 105 ALA B CA  1 
ATOM   919  C C   . ALA B 1 57 ? -1.86985  8.01808   2.70569   1.000 27.40000 ? 105 ALA B C   1 
ATOM   920  O O   . ALA B 1 57 ? -0.71258  7.77662   2.33700   1.000 31.01000 ? 105 ALA B O   1 
ATOM   921  C CB  . ALA B 1 57 ? -2.19614  8.32893   5.15777   1.000 34.15000 ? 105 ALA B CB  1 
ATOM   922  N N   . VAL B 1 58 ? -2.92597  7.40457   2.17875   1.000 23.22000 ? 106 VAL B N   1 
ATOM   923  C CA  . VAL B 1 58 ? -2.76862  6.56492   0.98942   1.000 25.47000 ? 106 VAL B CA  1 
ATOM   924  C C   . VAL B 1 58 ? -3.33293  7.32892   -0.21611  1.000 25.15000 ? 106 VAL B C   1 
ATOM   925  O O   . VAL B 1 58 ? -4.54492  7.36206   -0.40763  1.000 25.23000 ? 106 VAL B O   1 
ATOM   926  C CB  . VAL B 1 58 ? -3.47982  5.19292   1.16119   1.000 25.31000 ? 106 VAL B CB  1 
ATOM   927  C CG1 . VAL B 1 58 ? -3.33967  4.33944   -0.09566  1.000 20.64000 ? 106 VAL B CG1 1 
ATOM   928  C CG2 . VAL B 1 58 ? -2.93104  4.45625   2.38417   1.000 25.00000 ? 106 VAL B CG2 1 
ATOM   929  N N   . PRO B 1 59 ? -2.45292  7.96786   -1.01007  1.000 22.99000 ? 107 PRO B N   1 
ATOM   930  C CA  . PRO B 1 59 ? -2.86972  8.88011   -2.09181  1.000 26.41000 ? 107 PRO B CA  1 
ATOM   931  C C   . PRO B 1 59 ? -3.62034  8.17396   -3.23296  1.000 24.87000 ? 107 PRO B C   1 
ATOM   932  O O   . PRO B 1 59 ? -4.64611  8.68522   -3.67742  1.000 25.95000 ? 107 PRO B O   1 
ATOM   933  C CB  . PRO B 1 59 ? -1.54537  9.47756   -2.57970  1.000 30.01000 ? 107 PRO B CB  1 
ATOM   934  C CG  . PRO B 1 59 ? -0.59442  9.28730   -1.43897  1.000 26.46000 ? 107 PRO B CG  1 
ATOM   935  C CD  . PRO B 1 59 ? -0.99612  7.99687   -0.80116  1.000 24.65000 ? 107 PRO B CD  1 
ATOM   936  N N   . TRP B 1 60 ? -3.08219  7.06272   -3.73324  1.000 20.67000 ? 108 TRP B N   1 
ATOM   937  C CA  . TRP B 1 60 ? -3.76605  6.26602   -4.74662  1.000 24.66000 ? 108 TRP B CA  1 
ATOM   938  C C   . TRP B 1 60 ? -4.36809  5.06003   -4.09046  1.000 29.88000 ? 108 TRP B C   1 
ATOM   939  O O   . TRP B 1 60 ? -3.66469  4.07234   -3.84665  1.000 28.20000 ? 108 TRP B O   1 
ATOM   940  C CB  . TRP B 1 60 ? -2.83180  5.74486   -5.83373  1.000 28.31000 ? 108 TRP B CB  1 
ATOM   941  C CG  . TRP B 1 60 ? -2.47154  6.66371   -6.89080  1.000 31.23000 ? 108 TRP B CG  1 
ATOM   942  C CD1 . TRP B 1 60 ? -1.27659  7.27282   -7.07916  1.000 34.88000 ? 108 TRP B CD1 1 
ATOM   943  C CD2 . TRP B 1 60 ? -3.31918  7.08482   -7.95468  1.000 34.99000 ? 108 TRP B CD2 1 
ATOM   944  N NE1 . TRP B 1 60 ? -1.32283  8.05435   -8.20460  1.000 39.83000 ? 108 TRP B NE1 1 
ATOM   945  C CE2 . TRP B 1 60 ? -2.57174  7.95893   -8.75892  1.000 39.93000 ? 108 TRP B CE2 1 
ATOM   946  C CE3 . TRP B 1 60 ? -4.64595  6.81451   -8.29885  1.000 28.51000 ? 108 TRP B CE3 1 
ATOM   947  C CZ2 . TRP B 1 60 ? -3.10354  8.56798   -9.89190  1.000 38.40000 ? 108 TRP B CZ2 1 
ATOM   948  C CZ3 . TRP B 1 60 ? -5.17179  7.41217   -9.42130  1.000 33.65000 ? 108 TRP B CZ3 1 
ATOM   949  C CH2 . TRP B 1 60 ? -4.40273  8.28046   -10.20742 1.000 42.31000 ? 108 TRP B CH2 1 
ATOM   950  N N   . ASN B 1 61 ? -5.67853  5.09216   -3.91164  1.000 29.94000 ? 109 ASN B N   1 
ATOM   951  C CA  . ASN B 1 61 ? -6.39359  3.94501   -3.39157  1.000 29.87000 ? 109 ASN B CA  1 
ATOM   952  C C   . ASN B 1 61 ? -7.55269  3.60738   -4.33974  1.000 27.21000 ? 109 ASN B C   1 
ATOM   953  O O   . ASN B 1 61 ? -8.44319  4.43095   -4.57390  1.000 26.68000 ? 109 ASN B O   1 
ATOM   954  C CB  . ASN B 1 61 ? -6.89006  4.25274   -1.97396  1.000 29.41000 ? 109 ASN B CB  1 
ATOM   955  C CG  . ASN B 1 61 ? -7.26471  3.01015   -1.19769  1.000 29.27000 ? 109 ASN B CG  1 
ATOM   956  O OD1 . ASN B 1 61 ? -6.70081  1.94074   -1.41047  1.000 30.77000 ? 109 ASN B OD1 1 
ATOM   957  N ND2 . ASN B 1 61 ? -8.22113  3.14831   -0.28297  1.000 31.57000 ? 109 ASN B ND2 1 
ATOM   958  N N   . ALA B 1 62 ? -7.53012  2.39057   -4.87806  1.000 23.76000 ? 110 ALA B N   1 
ATOM   959  C CA  . ALA B 1 62 ? -8.53980  1.94009   -5.82503  1.000 17.60000 ? 110 ALA B CA  1 
ATOM   960  C C   . ALA B 1 62 ? -9.86778  1.66606   -5.12969  1.000 14.92000 ? 110 ALA B C   1 
ATOM   961  O O   . ALA B 1 62 ? -9.87482  1.10661   -4.03196  1.000 16.38000 ? 110 ALA B O   1 
ATOM   962  C CB  . ALA B 1 62 ? -8.06162  0.69005   -6.53721  1.000 15.94000 ? 110 ALA B CB  1 
ATOM   963  N N   . VAL B 1 63 ? -10.98179 2.02169   -5.77307  1.000 13.92000 ? 111 VAL B N   1 
ATOM   964  C CA  . VAL B 1 63 ? -12.29539 1.60971   -5.27836  1.000 18.01000 ? 111 VAL B CA  1 
ATOM   965  C C   . VAL B 1 63 ? -12.81086 0.40503   -6.07639  1.000 15.94000 ? 111 VAL B C   1 
ATOM   966  O O   . VAL B 1 63 ? -13.79866 -0.19860  -5.71154  1.000 14.25000 ? 111 VAL B O   1 
ATOM   967  C CB  . VAL B 1 63 ? -13.35508 2.74324   -5.33343  1.000 17.53000 ? 111 VAL B CB  1 
ATOM   968  C CG1 . VAL B 1 63 ? -12.91850 3.91295   -4.48888  1.000 20.67000 ? 111 VAL B CG1 1 
ATOM   969  C CG2 . VAL B 1 63 ? -13.60992 3.17383   -6.77605  1.000 18.69000 ? 111 VAL B CG2 1 
ATOM   970  N N   . LYS B 1 64 ? -12.13677 0.05328   -7.16438  1.000 15.99000 ? 112 LYS B N   1 
ATOM   971  C CA  . LYS B 1 64 ? -12.53369 -1.12892  -7.91475  1.000 14.53000 ? 112 LYS B CA  1 
ATOM   972  C C   . LYS B 1 64 ? -11.38105 -1.64188  -8.75166  1.000 16.42000 ? 112 LYS B C   1 
ATOM   973  O O   . LYS B 1 64 ? -10.64252 -0.85314  -9.32597  1.000 15.72000 ? 112 LYS B O   1 
ATOM   974  C CB  . LYS B 1 64 ? -13.72332 -0.81884  -8.81705  1.000 20.49000 ? 112 LYS B CB  1 
ATOM   975  C CG  . LYS B 1 64 ? -14.30373 -2.00114  -9.56858  1.000 22.06000 ? 112 LYS B CG  1 
ATOM   976  C CD  . LYS B 1 64 ? -15.57657 -1.54066  -10.27311 1.000 35.21000 ? 112 LYS B CD  1 
ATOM   977  C CE  . LYS B 1 64 ? -16.63559 -2.61510  -10.33344 1.000 42.81000 ? 112 LYS B CE  1 
ATOM   978  N NZ  . LYS B 1 64 ? -17.88013 -2.07626  -10.96146 1.000 49.85000 ? 112 LYS B NZ  1 
ATOM   979  N N   . VAL B 1 65 ? -11.21240 -2.95790  -8.79076  1.000 12.76000 ? 113 VAL B N   1 
ATOM   980  C CA  . VAL B 1 65 ? -10.20418 -3.58297  -9.64536  1.000 14.32000 ? 113 VAL B CA  1 
ATOM   981  C C   . VAL B 1 65 ? -10.86011 -4.82418  -10.27368 1.000 15.70000 ? 113 VAL B C   1 
ATOM   982  O O   . VAL B 1 65 ? -11.53136 -5.57517  -9.57848  1.000 14.33000 ? 113 VAL B O   1 
ATOM   983  C CB  . VAL B 1 65 ? -8.92815  -3.96239  -8.84529  1.000 12.93000 ? 113 VAL B CB  1 
ATOM   984  C CG1 . VAL B 1 65 ? -7.93723  -4.77194  -9.71445  1.000 11.50000 ? 113 VAL B CG1 1 
ATOM   985  C CG2 . VAL B 1 65 ? -8.23959  -2.70368  -8.28906  1.000 16.19000 ? 113 VAL B CG2 1 
ATOM   986  N N   . GLN B 1 66 ? -10.69897 -5.01531  -11.58061 1.000 14.96000 ? 114 GLN B N   1 
ATOM   987  C CA  . GLN B 1 66 ? -11.29633 -6.16112  -12.28726 1.000 18.38000 ? 114 GLN B CA  1 
ATOM   988  C C   . GLN B 1 66 ? -10.37385 -6.73686  -13.34202 1.000 18.59000 ? 114 GLN B C   1 
ATOM   989  O O   . GLN B 1 66 ? -9.78804  -5.97685  -14.11039 1.000 16.44000 ? 114 GLN B O   1 
ATOM   990  C CB  . GLN B 1 66 ? -12.58522 -5.78613  -13.02977 1.000 19.13000 ? 114 GLN B CB  1 
ATOM   991  C CG  . GLN B 1 66 ? -13.80733 -5.42321  -12.24249 1.000 36.65000 ? 114 GLN B CG  1 
ATOM   992  C CD  . GLN B 1 66 ? -14.93638 -5.00345  -13.17728 1.000 40.59000 ? 114 GLN B CD  1 
ATOM   993  O OE1 . GLN B 1 66 ? -15.98262 -5.64818  -13.23791 1.000 50.62000 ? 114 GLN B OE1 1 
ATOM   994  N NE2 . GLN B 1 66 ? -14.70967 -3.93533  -13.93163 1.000 39.43000 ? 114 GLN B NE2 1 
ATOM   995  N N   . THR B 1 67 ? -10.29374 -8.06657  -13.42257 1.000 14.82000 ? 115 THR B N   1 
ATOM   996  C CA  . THR B 1 67 ? -9.57784  -8.71011  -14.51336 1.000 17.04000 ? 115 THR B CA  1 
ATOM   997  C C   . THR B 1 67 ? -10.35869 -8.47269  -15.79354 1.000 20.93000 ? 115 THR B C   1 
ATOM   998  O O   . THR B 1 67 ? -11.57502 -8.24080  -15.74428 1.000 17.29000 ? 115 THR B O   1 
ATOM   999  C CB  . THR B 1 67 ? -9.41358  -10.22017 -14.29235 1.000 17.75000 ? 115 THR B CB  1 
ATOM   1000 O OG1 . THR B 1 67 ? -10.71539 -10.81140 -14.18964 1.000 16.17000 ? 115 THR B OG1 1 
ATOM   1001 C CG2 . THR B 1 67 ? -8.63533  -10.48320 -13.02205 1.000 16.84000 ? 115 THR B CG2 1 
ATOM   1002 N N   . LEU B 1 68 ? -9.65132  -8.45724  -16.90804 1.000 19.91000 ? 116 LEU B N   1 
ATOM   1003 C CA  . LEU B 1 68 ? -10.20142 -8.16397  -18.21962 1.000 19.57000 ? 116 LEU B CA  1 
ATOM   1004 C C   . LEU B 1 68 ? -10.36392 -9.31910  -19.18716 1.000 27.57000 ? 116 LEU B C   1 
ATOM   1005 O O   . LEU B 1 68 ? -10.92350 -9.17541  -20.21181 1.000 22.17000 ? 116 LEU B O   1 
ATOM   1006 C CB  . LEU B 1 68 ? -9.44107  -7.03942  -18.86823 1.000 16.98000 ? 116 LEU B CB  1 
ATOM   1007 C CG  . LEU B 1 68 ? -9.59976  -5.71427  -18.15681 1.000 17.13000 ? 116 LEU B CG  1 
ATOM   1008 C CD1 . LEU B 1 68 ? -8.83271  -4.66121  -18.86886 1.000 19.58000 ? 116 LEU B CD1 1 
ATOM   1009 C CD2 . LEU B 1 68 ? -11.02519 -5.33244  -18.04572 1.000 16.55000 ? 116 LEU B CD2 1 
ATOM   1010 N N   . SER B 1 69 ? -9.83697  -10.45766 -18.84236 1.000 25.79000 ? 117 SER B N   1 
ATOM   1011 C CA  . SER B 1 69 ? -9.99104  -11.64653 -19.64219 1.000 37.44000 ? 117 SER B CA  1 
ATOM   1012 C C   . SER B 1 69 ? -10.08056 -12.84556 -18.73530 1.000 38.73000 ? 117 SER B C   1 
ATOM   1013 O O   . SER B 1 69 ? -9.86876  -12.77502 -17.54224 1.000 34.67000 ? 117 SER B O   1 
ATOM   1014 C CB  . SER B 1 69 ? -8.83427  -11.83083 -20.59254 1.000 39.67000 ? 117 SER B CB  1 
ATOM   1015 O OG  . SER B 1 69 ? -7.62041  -12.03772 -19.91793 1.000 45.58000 ? 117 SER B OG  1 
ATOM   1016 N N   . ASN B 1 70 ? -10.37462 -13.96036 -19.32833 1.000 44.40000 ? 118 ASN B N   1 
ATOM   1017 C CA  . ASN B 1 70 ? -10.49357 -15.12618 -18.52805 1.000 48.91000 ? 118 ASN B CA  1 
ATOM   1018 C C   . ASN B 1 70 ? -9.17796  -15.85901 -18.47450 1.000 50.26000 ? 118 ASN B C   1 
ATOM   1019 O O   . ASN B 1 70 ? -8.77225  -16.24846 -17.41146 1.000 61.34000 ? 118 ASN B O   1 
ATOM   1020 C CB  . ASN B 1 70 ? -11.68403 -15.94744 -18.95102 1.000 52.59000 ? 118 ASN B CB  1 
ATOM   1021 C CG  . ASN B 1 70 ? -13.00579 -15.19340 -18.78801 1.000 62.21000 ? 118 ASN B CG  1 
ATOM   1022 O OD1 . ASN B 1 70 ? -13.71967 -15.36227 -17.79986 1.000 65.58000 ? 118 ASN B OD1 1 
ATOM   1023 N ND2 . ASN B 1 70 ? -13.34080 -14.37271 -19.76775 1.000 59.80000 ? 118 ASN B ND2 1 
HETATM 1024 O O   . HOH C 2 .  ? 8.49349   0.00410   -7.24219  1.000 33.29000 ? 201 HOH A O   1 
HETATM 1025 O O   . HOH C 2 .  ? -9.21409  10.17405  22.44723  1.000 39.76000 ? 202 HOH A O   1 
HETATM 1026 O O   . HOH C 2 .  ? 1.39432   -2.10455  15.22015  1.000 34.24000 ? 203 HOH A O   1 
HETATM 1027 O O   . HOH C 2 .  ? 17.21545  -2.36488  10.35029  1.000 21.60000 ? 204 HOH A O   1 
HETATM 1028 O O   . HOH C 2 .  ? 19.07121  0.40366   1.58124   1.000 24.95000 ? 205 HOH A O   1 
HETATM 1029 O O   . HOH C 2 .  ? 5.58389   -5.63153  14.81960  1.000 25.42000 ? 206 HOH A O   1 
HETATM 1030 O O   . HOH C 2 .  ? 16.52855  4.36762   8.01178   1.000 16.48000 ? 207 HOH A O   1 
HETATM 1031 O O   . HOH C 2 .  ? 0.97377   -4.48921  21.51836  1.000 45.00000 ? 208 HOH A O   1 
HETATM 1032 O O   . HOH C 2 .  ? 2.76495   12.28965  19.45288  1.000 29.45000 ? 209 HOH A O   1 
HETATM 1033 O O   . HOH C 2 .  ? 15.89758  -8.20028  1.46547   1.000 21.04000 ? 210 HOH A O   1 
HETATM 1034 O O   . HOH C 2 .  ? 20.93552  2.53610   9.24774   1.000 33.62000 ? 211 HOH A O   1 
HETATM 1035 O O   . HOH C 2 .  ? 5.58512   12.97018  4.36296   1.000 28.59000 ? 212 HOH A O   1 
HETATM 1036 O O   . HOH C 2 .  ? 15.33713  -0.93559  -0.54893  1.000 26.26000 ? 213 HOH A O   1 
HETATM 1037 O O   . HOH C 2 .  ? 16.41733  -6.68706  9.86989   1.000 24.98000 ? 214 HOH A O   1 
HETATM 1038 O O   . HOH C 2 .  ? 14.85498  -5.04595  -0.87058  1.000 19.21000 ? 215 HOH A O   1 
HETATM 1039 O O   . HOH C 2 .  ? 3.17050   7.38214   5.56275   1.000 12.60000 ? 216 HOH A O   1 
HETATM 1040 O O   . HOH C 2 .  ? 3.68873   3.10994   21.59018  1.000 18.31000 ? 217 HOH A O   1 
HETATM 1041 O O   . HOH C 2 .  ? 10.86368  5.78120   13.61262  1.000 22.41000 ? 218 HOH A O   1 
HETATM 1042 O O   . HOH C 2 .  ? 6.97397   9.29646   -0.61474  1.000 22.11000 ? 219 HOH A O   1 
HETATM 1043 O O   . HOH C 2 .  ? 23.65282  -0.19846  4.82429   1.000 43.36000 ? 220 HOH A O   1 
HETATM 1044 O O   . HOH C 2 .  ? -1.68040  7.59681   21.58432  1.000 30.92000 ? 221 HOH A O   1 
HETATM 1045 O O   . HOH C 2 .  ? -3.79317  7.64007   22.54523  1.000 36.91000 ? 222 HOH A O   1 
HETATM 1046 O O   . HOH C 2 .  ? 24.00667  2.31147   6.83169   1.000 43.17000 ? 223 HOH A O   1 
HETATM 1047 O O   . HOH C 2 .  ? 2.28783   7.02586   -2.97181  1.000 29.81000 ? 224 HOH A O   1 
HETATM 1048 O O   . HOH C 2 .  ? 23.36388  -2.49534  5.00187   1.000 46.71000 ? 225 HOH A O   1 
HETATM 1049 O O   . HOH C 2 .  ? 16.33604  -3.48086  -1.66348  1.000 29.88000 ? 226 HOH A O   1 
HETATM 1050 O O   . HOH D 2 .  ? -11.26719 8.91310   1.26005   1.000 38.35000 ? 201 HOH B O   1 
HETATM 1051 O O   . HOH D 2 .  ? -7.05300  7.12298   -3.68442  1.000 29.95000 ? 202 HOH B O   1 
HETATM 1052 O O   . HOH D 2 .  ? -11.05711 12.07739  1.62827   1.000 28.96000 ? 203 HOH B O   1 
HETATM 1053 O O   . HOH D 2 .  ? -7.24994  -9.50524  -16.95811 1.000 22.85000 ? 204 HOH B O   1 
HETATM 1054 O O   . HOH D 2 .  ? -2.25066  0.39557   -19.58713 1.000 26.39000 ? 205 HOH B O   1 
HETATM 1055 O O   . HOH D 2 .  ? 4.47884   3.56412   -5.44430  1.000 30.66000 ? 206 HOH B O   1 
HETATM 1056 O O   . HOH D 2 .  ? -11.69717 -9.81871  -11.68107 1.000 17.40000 ? 207 HOH B O   1 
HETATM 1057 O O   . HOH D 2 .  ? -8.48018  -0.10675  -2.10243  1.000 14.22000 ? 208 HOH B O   1 
HETATM 1058 O O   . HOH D 2 .  ? 5.48975   -7.25069  -2.59118  1.000 28.83000 ? 209 HOH B O   1 
HETATM 1059 O O   . HOH D 2 .  ? -11.55058 -7.10678  -21.83855 1.000 20.83000 ? 210 HOH B O   1 
HETATM 1060 O O   . HOH D 2 .  ? -1.91346  -8.57936  3.23696   1.000 30.42000 ? 211 HOH B O   1 
HETATM 1061 O O   . HOH D 2 .  ? -4.03135  -14.57336 -7.88155  1.000 32.81000 ? 212 HOH B O   1 
HETATM 1062 O O   . HOH D 2 .  ? 0.02539   -14.61895 -9.41818  1.000 30.82000 ? 213 HOH B O   1 
HETATM 1063 O O   . HOH D 2 .  ? 2.19534   -14.66780 -13.26265 1.000 22.82000 ? 214 HOH B O   1 
HETATM 1064 O O   . HOH D 2 .  ? -3.25998  -9.68823  -18.81791 1.000 19.67000 ? 215 HOH B O   1 
HETATM 1065 O O   . HOH D 2 .  ? -1.08538  -1.84426  -21.69053 1.000 31.79000 ? 216 HOH B O   1 
HETATM 1066 O O   . HOH D 2 .  ? -1.00054  5.09526   -2.90160  1.000 31.88000 ? 217 HOH B O   1 
HETATM 1067 O O   . HOH D 2 .  ? -13.95519 -12.37884 -13.04582 1.000 23.22000 ? 218 HOH B O   1 
HETATM 1068 O O   . HOH D 2 .  ? 0.53769   5.79179   -4.32692  1.000 33.12000 ? 219 HOH B O   1 
HETATM 1069 O O   . HOH D 2 .  ? 2.60432   5.43375   -5.39472  1.000 31.48000 ? 220 HOH B O   1 
# 
